data_1HHN
#
_entry.id   1HHN
#
_cell.length_a   1.000
_cell.length_b   1.000
_cell.length_c   1.000
_cell.angle_alpha   90.00
_cell.angle_beta   90.00
_cell.angle_gamma   90.00
#
_symmetry.space_group_name_H-M   'P 1'
#
_entity_poly.entity_id   1
_entity_poly.type   'polypeptide(L)'
_entity_poly.pdbx_seq_one_letter_code
;SKKIKDPDAAKPEDWDERAKIDDPTDSKPEDWDKPEHIPDPDAKKPEDWDEEMDGEWEPPVIQNPEYKGEWKPRQIDNPD
YKGTWIHPEIDNPEYSPDANI
;
_entity_poly.pdbx_strand_id   A
#
# COMPACT_ATOMS: atom_id res chain seq x y z
N SER A 1 -6.92 -1.21 0.29
CA SER A 1 -6.48 -0.04 -0.47
C SER A 1 -7.32 0.17 -1.73
N LYS A 2 -7.09 1.29 -2.42
CA LYS A 2 -7.68 1.55 -3.73
C LYS A 2 -7.09 0.58 -4.75
N LYS A 3 -7.91 0.26 -5.74
CA LYS A 3 -7.67 -0.60 -6.91
C LYS A 3 -7.19 -2.00 -6.52
N ILE A 4 -8.06 -3.00 -6.62
CA ILE A 4 -7.77 -4.36 -6.21
C ILE A 4 -8.28 -5.34 -7.29
N LYS A 5 -7.84 -6.60 -7.24
CA LYS A 5 -8.35 -7.71 -8.04
C LYS A 5 -9.84 -7.88 -7.76
N ASP A 6 -10.68 -8.12 -8.76
CA ASP A 6 -12.14 -8.18 -8.54
C ASP A 6 -12.86 -9.00 -9.63
N PRO A 7 -14.18 -9.24 -9.58
CA PRO A 7 -14.89 -10.13 -10.49
C PRO A 7 -15.35 -9.40 -11.75
N ASP A 8 -15.66 -8.11 -11.66
CA ASP A 8 -15.97 -7.27 -12.81
C ASP A 8 -14.88 -7.41 -13.84
N ALA A 9 -13.65 -7.51 -13.33
CA ALA A 9 -12.45 -7.47 -14.08
C ALA A 9 -12.30 -8.66 -15.05
N ALA A 10 -13.23 -9.61 -15.06
CA ALA A 10 -13.34 -10.71 -16.01
C ALA A 10 -12.12 -11.63 -15.98
N LYS A 11 -11.74 -12.14 -14.80
CA LYS A 11 -10.65 -13.11 -14.72
C LYS A 11 -11.17 -14.51 -15.06
N PRO A 12 -10.38 -15.33 -15.76
CA PRO A 12 -10.60 -16.77 -15.79
C PRO A 12 -10.52 -17.38 -14.38
N GLU A 13 -11.05 -18.59 -14.26
CA GLU A 13 -11.07 -19.43 -13.06
C GLU A 13 -9.68 -20.01 -12.76
N ASP A 14 -8.72 -19.14 -12.52
CA ASP A 14 -7.57 -19.45 -11.65
C ASP A 14 -6.39 -19.94 -12.50
N TRP A 15 -6.22 -19.36 -13.70
CA TRP A 15 -5.40 -19.89 -14.78
C TRP A 15 -3.89 -19.65 -14.54
N ASP A 16 -3.38 -20.20 -13.45
CA ASP A 16 -2.05 -20.04 -12.90
C ASP A 16 -1.62 -18.57 -12.88
N GLU A 17 -2.54 -17.65 -12.56
CA GLU A 17 -2.24 -16.24 -12.35
C GLU A 17 -1.47 -16.12 -11.04
N ARG A 18 -0.15 -15.92 -11.13
CA ARG A 18 0.70 -15.57 -10.01
C ARG A 18 2.08 -15.15 -10.50
N ALA A 19 2.72 -15.98 -11.32
CA ALA A 19 4.12 -15.93 -11.76
C ALA A 19 5.04 -16.31 -10.62
N LYS A 20 4.86 -15.67 -9.46
CA LYS A 20 5.73 -15.80 -8.33
C LYS A 20 4.85 -16.07 -7.12
N ILE A 21 5.08 -17.23 -6.51
CA ILE A 21 4.37 -17.65 -5.32
C ILE A 21 4.98 -16.96 -4.11
N ASP A 22 4.34 -17.12 -2.98
CA ASP A 22 4.66 -16.46 -1.70
C ASP A 22 5.35 -17.50 -0.82
N ASP A 23 5.13 -17.45 0.48
CA ASP A 23 5.64 -18.43 1.44
C ASP A 23 5.06 -19.81 1.11
N PRO A 24 5.86 -20.81 0.71
CA PRO A 24 5.34 -22.14 0.42
C PRO A 24 4.96 -22.83 1.72
N THR A 25 5.95 -23.08 2.59
CA THR A 25 5.80 -23.84 3.84
C THR A 25 6.16 -22.97 5.05
N ASP A 26 6.50 -21.70 4.85
CA ASP A 26 6.93 -20.81 5.92
C ASP A 26 5.67 -20.21 6.57
N SER A 27 5.24 -19.01 6.16
CA SER A 27 4.09 -18.28 6.67
C SER A 27 4.23 -17.83 8.13
N LYS A 28 3.64 -16.67 8.41
CA LYS A 28 3.52 -16.04 9.73
C LYS A 28 2.18 -15.28 9.71
N PRO A 29 1.79 -14.56 10.78
CA PRO A 29 0.56 -13.78 10.80
C PRO A 29 0.56 -12.63 9.79
N GLU A 30 -0.35 -11.66 9.91
CA GLU A 30 -0.26 -10.42 9.15
C GLU A 30 0.64 -9.39 9.80
N ASP A 31 0.96 -9.55 11.09
CA ASP A 31 1.65 -8.63 12.03
C ASP A 31 3.00 -8.01 11.57
N TRP A 32 3.44 -8.27 10.35
CA TRP A 32 4.45 -7.47 9.66
C TRP A 32 3.88 -6.11 9.24
N ASP A 33 2.63 -6.16 8.80
CA ASP A 33 1.85 -5.18 8.03
C ASP A 33 1.55 -3.90 8.83
N LYS A 34 2.59 -3.19 9.25
CA LYS A 34 2.50 -1.97 10.06
C LYS A 34 2.14 -0.82 9.12
N PRO A 35 1.44 0.22 9.59
CA PRO A 35 0.91 1.27 8.73
C PRO A 35 2.01 2.14 8.17
N GLU A 36 1.97 2.45 6.88
CA GLU A 36 2.91 3.36 6.22
C GLU A 36 2.88 4.74 6.89
N HIS A 37 1.67 5.27 7.17
CA HIS A 37 1.48 6.59 7.71
C HIS A 37 0.72 6.46 9.02
N ILE A 38 1.23 7.09 10.06
CA ILE A 38 0.64 7.23 11.39
C ILE A 38 0.46 8.72 11.65
N PRO A 39 -0.61 9.17 12.33
CA PRO A 39 -0.77 10.58 12.58
C PRO A 39 0.30 11.03 13.58
N ASP A 40 0.63 12.33 13.61
CA ASP A 40 1.59 12.81 14.61
C ASP A 40 0.95 12.61 15.99
N PRO A 41 1.65 12.01 16.96
CA PRO A 41 1.08 11.74 18.27
C PRO A 41 0.66 13.04 18.96
N ASP A 42 1.38 14.11 18.68
CA ASP A 42 1.24 15.42 19.30
C ASP A 42 0.67 16.41 18.28
N ALA A 43 -0.09 15.90 17.30
CA ALA A 43 -0.81 16.66 16.28
C ALA A 43 -1.90 17.51 16.94
N LYS A 44 -1.51 18.67 17.46
CA LYS A 44 -2.41 19.74 17.84
C LYS A 44 -2.82 20.49 16.59
N LYS A 45 -4.01 21.10 16.60
CA LYS A 45 -4.48 21.94 15.50
C LYS A 45 -4.48 23.40 15.92
N PRO A 46 -4.49 24.34 14.97
CA PRO A 46 -4.73 25.72 15.34
C PRO A 46 -6.15 25.86 15.87
N GLU A 47 -6.25 26.69 16.90
CA GLU A 47 -7.47 27.31 17.41
C GLU A 47 -7.94 28.44 16.48
N ASP A 48 -7.14 28.76 15.45
CA ASP A 48 -7.39 29.70 14.36
C ASP A 48 -8.07 28.94 13.19
N TRP A 49 -8.52 27.70 13.43
CA TRP A 49 -9.20 26.86 12.45
C TRP A 49 -10.72 26.76 12.69
N ASP A 50 -11.53 26.71 11.62
CA ASP A 50 -12.98 26.49 11.64
C ASP A 50 -13.28 25.26 10.78
N GLU A 51 -13.46 24.10 11.41
CA GLU A 51 -13.77 22.84 10.75
C GLU A 51 -15.23 22.84 10.25
N GLU A 52 -16.02 23.80 10.69
CA GLU A 52 -17.37 24.06 10.22
C GLU A 52 -17.32 24.56 8.78
N MET A 53 -16.26 25.29 8.44
CA MET A 53 -16.16 26.00 7.17
C MET A 53 -15.17 25.34 6.23
N ASP A 54 -14.08 24.76 6.74
CA ASP A 54 -13.30 23.83 5.94
C ASP A 54 -14.11 22.57 5.71
N GLY A 55 -14.72 22.06 6.79
CA GLY A 55 -15.32 20.73 6.81
C GLY A 55 -14.67 19.79 7.83
N GLU A 56 -13.38 19.92 8.10
CA GLU A 56 -12.62 19.16 9.09
C GLU A 56 -11.33 19.95 9.33
N TRP A 57 -10.41 19.49 10.17
CA TRP A 57 -9.11 20.15 10.27
C TRP A 57 -8.21 19.68 9.11
N GLU A 58 -7.25 18.78 9.39
CA GLU A 58 -6.11 18.38 8.53
C GLU A 58 -4.97 17.83 9.39
N PRO A 59 -5.19 16.71 10.10
CA PRO A 59 -4.23 16.13 11.01
C PRO A 59 -3.05 15.54 10.21
N PRO A 60 -1.82 16.00 10.46
CA PRO A 60 -0.65 15.53 9.74
C PRO A 60 -0.35 14.08 10.11
N VAL A 61 0.22 13.38 9.14
CA VAL A 61 0.81 12.07 9.31
C VAL A 61 2.33 12.20 9.21
N ILE A 62 3.04 11.27 9.84
CA ILE A 62 4.44 11.00 9.61
C ILE A 62 4.54 9.58 9.08
N GLN A 63 5.66 9.28 8.42
CA GLN A 63 5.99 7.89 8.10
C GLN A 63 6.31 7.17 9.41
N ASN A 64 5.79 5.96 9.54
CA ASN A 64 6.07 5.08 10.67
C ASN A 64 7.52 4.59 10.59
N PRO A 65 8.30 4.52 11.69
CA PRO A 65 9.63 3.94 11.66
C PRO A 65 9.61 2.50 11.12
N GLU A 66 8.63 1.68 11.50
CA GLU A 66 8.57 0.26 11.12
C GLU A 66 8.16 0.04 9.66
N TYR A 67 8.01 1.10 8.86
CA TYR A 67 7.49 1.07 7.49
C TYR A 67 8.13 -0.03 6.65
N LYS A 68 7.36 -1.07 6.35
CA LYS A 68 7.63 -1.95 5.24
C LYS A 68 6.64 -1.57 4.15
N GLY A 69 7.11 -1.47 2.92
CA GLY A 69 6.27 -1.60 1.75
C GLY A 69 5.80 -3.04 1.75
N GLU A 70 4.59 -3.24 2.26
CA GLU A 70 3.72 -4.40 2.13
C GLU A 70 4.30 -5.74 2.62
N TRP A 71 3.42 -6.70 2.89
CA TRP A 71 3.76 -8.01 3.41
C TRP A 71 4.16 -8.96 2.29
N LYS A 72 5.22 -8.62 1.55
CA LYS A 72 5.78 -9.48 0.51
C LYS A 72 6.83 -10.38 1.16
N PRO A 73 6.56 -11.67 1.37
CA PRO A 73 7.46 -12.52 2.14
C PRO A 73 8.78 -12.76 1.42
N ARG A 74 8.69 -13.54 0.35
CA ARG A 74 9.76 -14.01 -0.50
C ARG A 74 9.07 -14.45 -1.78
N GLN A 75 8.79 -13.53 -2.70
CA GLN A 75 7.96 -13.85 -3.86
C GLN A 75 8.83 -14.57 -4.89
N ILE A 76 8.94 -15.90 -4.78
CA ILE A 76 9.83 -16.69 -5.64
C ILE A 76 9.10 -17.12 -6.91
N ASP A 77 9.81 -17.17 -8.03
CA ASP A 77 9.27 -17.60 -9.33
C ASP A 77 8.80 -19.04 -9.19
N ASN A 78 7.57 -19.29 -9.61
CA ASN A 78 6.83 -20.52 -9.38
C ASN A 78 7.42 -21.74 -10.15
N PRO A 79 6.91 -22.96 -9.91
CA PRO A 79 7.22 -24.13 -10.72
C PRO A 79 6.36 -24.15 -12.01
N ASP A 80 6.62 -23.20 -12.90
CA ASP A 80 6.07 -23.01 -14.26
C ASP A 80 4.61 -22.55 -14.27
N TYR A 81 4.30 -21.43 -14.96
CA TYR A 81 2.99 -20.80 -14.97
C TYR A 81 2.54 -20.40 -16.37
N LYS A 82 1.38 -19.75 -16.44
CA LYS A 82 0.74 -19.30 -17.66
C LYS A 82 1.23 -17.91 -18.07
N GLY A 83 0.67 -16.83 -17.56
CA GLY A 83 0.98 -15.50 -18.04
C GLY A 83 -0.18 -14.56 -17.83
N THR A 84 -0.22 -13.91 -16.66
CA THR A 84 -1.21 -12.91 -16.26
C THR A 84 -1.41 -11.91 -17.41
N TRP A 85 -2.55 -11.98 -18.10
CA TRP A 85 -2.87 -11.25 -19.32
C TRP A 85 -2.62 -9.77 -19.16
N ILE A 86 -3.41 -9.18 -18.27
CA ILE A 86 -3.39 -7.88 -17.65
C ILE A 86 -4.80 -7.67 -17.18
N HIS A 87 -5.05 -8.15 -15.96
CA HIS A 87 -6.38 -7.91 -15.43
C HIS A 87 -6.47 -6.41 -15.11
N PRO A 88 -7.58 -5.77 -15.48
CA PRO A 88 -7.88 -4.46 -14.96
C PRO A 88 -8.34 -4.64 -13.52
N GLU A 89 -7.59 -4.15 -12.55
CA GLU A 89 -8.07 -4.08 -11.17
C GLU A 89 -9.32 -3.18 -11.19
N ILE A 90 -10.16 -3.19 -10.14
CA ILE A 90 -11.20 -2.17 -9.98
C ILE A 90 -11.14 -1.51 -8.61
N ASP A 91 -11.75 -0.33 -8.54
CA ASP A 91 -11.91 0.57 -7.42
C ASP A 91 -12.56 -0.08 -6.21
N ASN A 92 -11.72 -0.78 -5.44
CA ASN A 92 -12.08 -1.67 -4.35
C ASN A 92 -13.30 -1.15 -3.57
N PRO A 93 -14.49 -1.75 -3.73
CA PRO A 93 -15.67 -1.30 -3.03
C PRO A 93 -15.44 -1.29 -1.52
N GLU A 94 -14.71 -2.26 -0.97
CA GLU A 94 -14.50 -2.43 0.47
C GLU A 94 -13.38 -1.51 0.98
N TYR A 95 -12.83 -0.63 0.14
CA TYR A 95 -11.76 0.25 0.52
C TYR A 95 -12.25 1.21 1.61
N SER A 96 -13.24 2.03 1.24
CA SER A 96 -13.81 3.13 2.01
C SER A 96 -12.77 4.18 2.40
N PRO A 97 -12.83 5.40 1.83
CA PRO A 97 -11.84 6.43 2.13
C PRO A 97 -11.92 6.86 3.59
N ASP A 98 -13.13 7.17 4.07
CA ASP A 98 -13.39 7.63 5.43
C ASP A 98 -14.79 7.27 5.94
N ALA A 99 -15.65 6.76 5.06
CA ALA A 99 -17.03 6.41 5.32
C ALA A 99 -17.29 5.14 4.55
N ASN A 100 -17.85 4.12 5.23
CA ASN A 100 -18.02 2.80 4.63
C ASN A 100 -18.82 2.87 3.33
N ILE A 101 -18.42 2.04 2.39
CA ILE A 101 -19.08 1.76 1.13
C ILE A 101 -19.40 0.29 1.28
N SER A 1 -7.41 -0.71 3.58
CA SER A 1 -7.62 0.59 4.23
C SER A 1 -8.03 1.62 3.22
N LYS A 2 -8.92 2.53 3.65
CA LYS A 2 -9.59 3.54 2.82
C LYS A 2 -9.72 3.04 1.39
N LYS A 3 -9.34 3.81 0.37
CA LYS A 3 -9.39 3.39 -1.03
C LYS A 3 -8.74 2.02 -1.19
N ILE A 4 -9.56 1.02 -1.51
CA ILE A 4 -9.13 -0.36 -1.60
C ILE A 4 -9.77 -0.98 -2.85
N LYS A 5 -9.31 -2.18 -3.18
CA LYS A 5 -9.85 -2.99 -4.25
C LYS A 5 -11.22 -3.47 -3.77
N ASP A 6 -12.26 -3.17 -4.53
CA ASP A 6 -13.66 -3.42 -4.17
C ASP A 6 -14.42 -3.82 -5.46
N PRO A 7 -15.61 -4.43 -5.39
CA PRO A 7 -16.35 -4.86 -6.56
C PRO A 7 -16.98 -3.69 -7.32
N ASP A 8 -17.38 -2.61 -6.64
CA ASP A 8 -17.86 -1.37 -7.26
C ASP A 8 -16.82 -0.72 -8.15
N ALA A 9 -15.56 -1.13 -8.03
CA ALA A 9 -14.52 -0.80 -8.97
C ALA A 9 -14.71 -1.51 -10.33
N ALA A 10 -15.86 -2.16 -10.57
CA ALA A 10 -16.27 -2.83 -11.80
C ALA A 10 -15.18 -3.76 -12.33
N LYS A 11 -14.53 -4.50 -11.44
CA LYS A 11 -13.28 -5.18 -11.72
C LYS A 11 -13.50 -6.69 -11.85
N PRO A 12 -12.91 -7.36 -12.86
CA PRO A 12 -12.64 -8.79 -12.78
C PRO A 12 -11.56 -9.04 -11.74
N GLU A 13 -11.91 -9.72 -10.65
CA GLU A 13 -10.96 -10.27 -9.66
C GLU A 13 -10.21 -11.49 -10.20
N ASP A 14 -10.67 -12.02 -11.32
CA ASP A 14 -10.24 -13.28 -11.89
C ASP A 14 -9.99 -13.03 -13.38
N TRP A 15 -9.00 -12.18 -13.62
CA TRP A 15 -8.36 -12.11 -14.92
C TRP A 15 -6.84 -11.90 -14.69
N ASP A 16 -6.17 -12.81 -13.99
CA ASP A 16 -4.74 -12.74 -13.60
C ASP A 16 -4.45 -11.61 -12.60
N GLU A 17 -4.53 -10.35 -13.06
CA GLU A 17 -4.54 -9.11 -12.28
C GLU A 17 -3.33 -8.96 -11.33
N ARG A 18 -2.19 -9.62 -11.59
CA ARG A 18 -1.00 -9.52 -10.73
C ARG A 18 0.09 -8.65 -11.35
N ALA A 19 0.67 -9.09 -12.47
CA ALA A 19 1.96 -8.69 -13.01
C ALA A 19 3.07 -9.26 -12.15
N LYS A 20 3.09 -8.91 -10.87
CA LYS A 20 4.21 -9.21 -10.01
C LYS A 20 3.67 -9.93 -8.79
N ILE A 21 3.79 -11.26 -8.85
CA ILE A 21 3.34 -12.26 -7.90
C ILE A 21 4.29 -12.33 -6.72
N ASP A 22 3.79 -12.08 -5.52
CA ASP A 22 4.53 -12.29 -4.30
C ASP A 22 4.71 -13.79 -4.04
N ASP A 23 5.73 -14.09 -3.25
CA ASP A 23 6.25 -15.42 -2.94
C ASP A 23 5.13 -16.34 -2.44
N PRO A 24 4.68 -17.33 -3.22
CA PRO A 24 3.59 -18.22 -2.84
C PRO A 24 3.96 -19.25 -1.75
N THR A 25 5.21 -19.25 -1.28
CA THR A 25 5.73 -20.27 -0.38
C THR A 25 6.20 -19.70 0.96
N ASP A 26 6.93 -18.58 0.95
CA ASP A 26 7.30 -17.89 2.19
C ASP A 26 6.02 -17.42 2.87
N SER A 27 5.70 -17.92 4.06
CA SER A 27 4.50 -17.47 4.74
C SER A 27 4.70 -16.04 5.21
N LYS A 28 3.70 -15.22 4.96
CA LYS A 28 3.63 -13.91 5.55
C LYS A 28 3.55 -14.08 7.07
N PRO A 29 4.26 -13.26 7.85
CA PRO A 29 3.96 -13.05 9.25
C PRO A 29 2.83 -12.01 9.36
N GLU A 30 2.08 -11.98 10.45
CA GLU A 30 1.21 -10.84 10.74
C GLU A 30 2.05 -9.61 11.11
N ASP A 31 3.27 -9.82 11.63
CA ASP A 31 4.03 -8.74 12.27
C ASP A 31 4.67 -7.76 11.28
N TRP A 32 4.80 -8.13 10.00
CA TRP A 32 5.41 -7.24 9.01
C TRP A 32 4.41 -6.17 8.54
N ASP A 33 3.10 -6.50 8.54
CA ASP A 33 1.95 -5.69 8.20
C ASP A 33 1.80 -4.47 9.13
N LYS A 34 2.78 -3.58 9.17
CA LYS A 34 2.71 -2.26 9.80
C LYS A 34 2.09 -1.27 8.82
N PRO A 35 1.37 -0.24 9.29
CA PRO A 35 0.86 0.84 8.44
C PRO A 35 1.96 1.71 7.85
N GLU A 36 1.63 2.35 6.73
CA GLU A 36 2.43 3.32 6.00
C GLU A 36 2.47 4.67 6.73
N HIS A 37 1.31 5.15 7.15
CA HIS A 37 1.09 6.49 7.68
C HIS A 37 0.32 6.32 8.99
N ILE A 38 0.83 6.94 10.04
CA ILE A 38 0.29 6.87 11.39
C ILE A 38 0.15 8.32 11.87
N PRO A 39 -0.99 8.70 12.48
CA PRO A 39 -1.23 10.08 12.81
C PRO A 39 -0.34 10.45 13.99
N ASP A 40 0.15 11.69 14.01
CA ASP A 40 1.07 12.09 15.08
C ASP A 40 0.28 12.24 16.37
N PRO A 41 0.64 11.56 17.47
CA PRO A 41 -0.06 11.68 18.74
C PRO A 41 -0.04 13.12 19.27
N ASP A 42 0.97 13.90 18.88
CA ASP A 42 1.20 15.24 19.36
C ASP A 42 0.89 16.29 18.30
N ALA A 43 0.29 15.89 17.16
CA ALA A 43 -0.29 16.80 16.19
C ALA A 43 -1.47 17.52 16.83
N LYS A 44 -1.28 18.77 17.20
CA LYS A 44 -2.37 19.68 17.53
C LYS A 44 -2.71 20.52 16.31
N LYS A 45 -3.86 21.19 16.33
CA LYS A 45 -4.34 21.97 15.21
C LYS A 45 -4.16 23.46 15.47
N PRO A 46 -4.20 24.32 14.45
CA PRO A 46 -4.21 25.76 14.67
C PRO A 46 -5.53 26.18 15.31
N GLU A 47 -5.48 27.16 16.18
CA GLU A 47 -6.67 27.88 16.64
C GLU A 47 -7.21 28.86 15.57
N ASP A 48 -6.42 29.06 14.51
CA ASP A 48 -6.63 29.94 13.37
C ASP A 48 -7.34 29.15 12.26
N TRP A 49 -7.90 27.99 12.62
CA TRP A 49 -8.70 27.13 11.74
C TRP A 49 -10.20 27.31 12.00
N ASP A 50 -11.07 27.01 11.02
CA ASP A 50 -12.52 27.10 11.15
C ASP A 50 -13.11 25.78 10.61
N GLU A 51 -13.26 24.77 11.47
CA GLU A 51 -13.78 23.46 11.03
C GLU A 51 -15.25 23.54 10.63
N GLU A 52 -15.93 24.64 10.99
CA GLU A 52 -17.29 24.89 10.55
C GLU A 52 -17.36 25.44 9.12
N MET A 53 -16.23 25.76 8.49
CA MET A 53 -16.21 26.24 7.11
C MET A 53 -15.30 25.41 6.24
N ASP A 54 -14.21 24.86 6.79
CA ASP A 54 -13.52 23.79 6.11
C ASP A 54 -14.41 22.56 6.09
N GLY A 55 -14.92 22.20 7.27
CA GLY A 55 -15.67 20.97 7.50
C GLY A 55 -15.08 20.07 8.58
N GLU A 56 -13.77 20.14 8.84
CA GLU A 56 -13.03 19.48 9.90
C GLU A 56 -11.62 20.08 9.89
N TRP A 57 -10.68 19.64 10.72
CA TRP A 57 -9.28 20.01 10.54
C TRP A 57 -8.60 19.07 9.53
N GLU A 58 -7.78 18.12 9.99
CA GLU A 58 -6.70 17.46 9.21
C GLU A 58 -5.58 16.99 10.15
N PRO A 59 -5.76 15.86 10.85
CA PRO A 59 -4.73 15.28 11.68
C PRO A 59 -3.69 14.63 10.77
N PRO A 60 -2.48 15.20 10.69
CA PRO A 60 -1.49 14.74 9.75
C PRO A 60 -0.89 13.43 10.19
N VAL A 61 -0.18 12.82 9.25
CA VAL A 61 0.44 11.53 9.44
C VAL A 61 1.94 11.65 9.26
N ILE A 62 2.71 11.16 10.24
CA ILE A 62 4.11 10.87 10.00
C ILE A 62 4.17 9.51 9.30
N GLN A 63 5.22 9.33 8.51
CA GLN A 63 5.61 8.05 7.96
C GLN A 63 6.23 7.22 9.08
N ASN A 64 5.60 6.08 9.33
CA ASN A 64 5.89 5.10 10.37
C ASN A 64 7.34 4.60 10.26
N PRO A 65 8.15 4.64 11.33
CA PRO A 65 9.49 4.06 11.34
C PRO A 65 9.54 2.57 11.00
N GLU A 66 8.41 1.87 11.06
CA GLU A 66 8.31 0.43 10.86
C GLU A 66 7.44 0.05 9.67
N TYR A 67 7.11 1.04 8.82
CA TYR A 67 6.39 0.84 7.56
C TYR A 67 7.04 -0.29 6.76
N LYS A 68 8.37 -0.24 6.60
CA LYS A 68 9.19 -1.09 5.76
C LYS A 68 8.73 -0.96 4.30
N GLY A 69 7.66 -1.63 3.93
CA GLY A 69 6.91 -1.40 2.72
C GLY A 69 5.57 -2.09 2.89
N GLU A 70 5.40 -3.25 2.27
CA GLU A 70 4.12 -3.94 2.24
C GLU A 70 4.34 -5.43 1.97
N TRP A 71 5.05 -6.10 2.89
CA TRP A 71 5.50 -7.49 2.76
C TRP A 71 5.93 -7.82 1.33
N LYS A 72 6.96 -7.12 0.87
CA LYS A 72 7.58 -7.41 -0.40
C LYS A 72 8.72 -8.39 -0.18
N PRO A 73 8.54 -9.71 -0.43
CA PRO A 73 9.65 -10.64 -0.53
C PRO A 73 10.40 -10.36 -1.82
N ARG A 74 10.05 -11.06 -2.89
CA ARG A 74 10.76 -11.07 -4.16
C ARG A 74 9.74 -10.86 -5.26
N GLN A 75 9.46 -9.60 -5.63
CA GLN A 75 8.59 -9.38 -6.78
C GLN A 75 9.42 -9.55 -8.06
N ILE A 76 9.11 -10.61 -8.79
CA ILE A 76 9.54 -11.00 -10.12
C ILE A 76 8.52 -10.42 -11.13
N ASP A 77 8.94 -9.93 -12.29
CA ASP A 77 8.02 -9.39 -13.29
C ASP A 77 7.51 -10.53 -14.16
N ASN A 78 6.27 -10.98 -13.96
CA ASN A 78 5.73 -12.20 -14.59
C ASN A 78 5.52 -11.94 -16.08
N PRO A 79 6.24 -12.62 -16.98
CA PRO A 79 6.06 -12.48 -18.42
C PRO A 79 4.83 -13.24 -18.92
N ASP A 80 3.69 -13.13 -18.22
CA ASP A 80 2.35 -13.52 -18.69
C ASP A 80 1.36 -12.97 -17.67
N TYR A 81 0.82 -11.77 -17.90
CA TYR A 81 -0.25 -11.27 -17.08
C TYR A 81 -1.19 -10.40 -17.90
N LYS A 82 -2.28 -9.97 -17.27
CA LYS A 82 -3.30 -9.12 -17.86
C LYS A 82 -3.19 -7.75 -17.22
N GLY A 83 -2.87 -6.73 -18.02
CA GLY A 83 -2.66 -5.37 -17.55
C GLY A 83 -3.88 -4.85 -16.81
N THR A 84 -3.88 -4.89 -15.48
CA THR A 84 -4.91 -4.40 -14.57
C THR A 84 -5.31 -2.98 -15.01
N TRP A 85 -6.41 -2.87 -15.76
CA TRP A 85 -6.77 -1.75 -16.61
C TRP A 85 -6.56 -0.42 -15.90
N ILE A 86 -7.32 -0.17 -14.84
CA ILE A 86 -7.12 0.79 -13.77
C ILE A 86 -8.40 0.73 -12.95
N HIS A 87 -8.45 -0.22 -12.02
CA HIS A 87 -9.64 -0.37 -11.21
C HIS A 87 -9.73 0.86 -10.28
N PRO A 88 -10.86 1.60 -10.26
CA PRO A 88 -11.04 2.73 -9.38
C PRO A 88 -11.27 2.25 -7.96
N GLU A 89 -10.23 2.31 -7.13
CA GLU A 89 -10.28 1.95 -5.72
C GLU A 89 -11.41 2.74 -5.03
N ILE A 90 -12.06 2.16 -4.02
CA ILE A 90 -13.19 2.76 -3.31
C ILE A 90 -12.86 2.84 -1.83
N ASP A 91 -13.08 4.01 -1.21
CA ASP A 91 -12.89 4.32 0.20
C ASP A 91 -13.64 3.36 1.14
N ASN A 92 -12.90 2.35 1.59
CA ASN A 92 -13.33 1.15 2.30
C ASN A 92 -14.33 1.45 3.42
N PRO A 93 -15.60 1.05 3.28
CA PRO A 93 -16.63 1.24 4.29
C PRO A 93 -16.32 0.54 5.62
N GLU A 94 -15.42 -0.45 5.62
CA GLU A 94 -14.99 -1.21 6.78
C GLU A 94 -13.72 -0.61 7.42
N TYR A 95 -13.30 0.61 7.05
CA TYR A 95 -11.99 1.13 7.41
C TYR A 95 -11.94 1.69 8.83
N SER A 96 -12.86 2.60 9.18
CA SER A 96 -12.89 3.34 10.44
C SER A 96 -11.50 3.82 10.91
N PRO A 97 -10.93 4.92 10.36
CA PRO A 97 -9.56 5.35 10.66
C PRO A 97 -9.40 5.61 12.17
N ASP A 98 -10.12 6.59 12.69
CA ASP A 98 -10.39 6.70 14.12
C ASP A 98 -11.89 6.94 14.29
N ALA A 99 -12.67 6.12 13.58
CA ALA A 99 -14.12 5.94 13.70
C ALA A 99 -14.91 6.77 12.66
N ASN A 100 -14.21 7.51 11.78
CA ASN A 100 -14.73 8.56 10.90
C ASN A 100 -14.09 8.46 9.50
N ILE A 101 -14.71 7.66 8.61
CA ILE A 101 -14.23 7.34 7.27
C ILE A 101 -14.42 8.55 6.37
N SER A 1 -2.29 -4.86 15.49
CA SER A 1 -2.81 -3.53 15.13
C SER A 1 -4.07 -3.19 15.91
N LYS A 2 -4.33 -1.88 16.02
CA LYS A 2 -5.63 -1.37 16.44
C LYS A 2 -6.60 -1.45 15.25
N LYS A 3 -7.39 -0.39 15.00
CA LYS A 3 -8.35 -0.16 13.90
C LYS A 3 -8.32 -1.27 12.86
N ILE A 4 -9.29 -2.17 12.90
CA ILE A 4 -9.33 -3.34 12.04
C ILE A 4 -10.70 -3.40 11.36
N LYS A 5 -10.75 -4.20 10.30
CA LYS A 5 -11.96 -4.55 9.59
C LYS A 5 -12.77 -5.44 10.52
N ASP A 6 -14.04 -5.11 10.72
CA ASP A 6 -14.88 -5.69 11.77
C ASP A 6 -16.35 -5.70 11.29
N PRO A 7 -17.26 -6.42 11.95
CA PRO A 7 -18.60 -6.66 11.43
C PRO A 7 -19.59 -5.56 11.80
N ASP A 8 -19.43 -4.93 12.97
CA ASP A 8 -20.27 -3.80 13.41
C ASP A 8 -20.10 -2.61 12.47
N ALA A 9 -19.00 -2.58 11.71
CA ALA A 9 -18.74 -1.66 10.63
C ALA A 9 -19.69 -1.80 9.44
N ALA A 10 -20.67 -2.71 9.49
CA ALA A 10 -21.72 -2.90 8.50
C ALA A 10 -21.18 -3.32 7.13
N LYS A 11 -19.97 -3.88 7.08
CA LYS A 11 -19.35 -4.32 5.84
C LYS A 11 -20.20 -5.46 5.20
N PRO A 12 -20.50 -5.41 3.89
CA PRO A 12 -21.07 -6.55 3.12
C PRO A 12 -20.03 -7.66 2.93
N GLU A 13 -20.38 -8.86 2.42
CA GLU A 13 -19.49 -10.03 2.31
C GLU A 13 -18.33 -9.89 1.29
N ASP A 14 -17.83 -8.68 1.08
CA ASP A 14 -16.58 -8.39 0.41
C ASP A 14 -16.83 -8.34 -1.09
N TRP A 15 -17.88 -7.58 -1.41
CA TRP A 15 -18.37 -7.23 -2.70
C TRP A 15 -17.27 -6.63 -3.57
N ASP A 16 -16.46 -7.49 -4.18
CA ASP A 16 -15.27 -7.21 -4.99
C ASP A 16 -14.54 -5.95 -4.51
N GLU A 17 -14.37 -5.82 -3.19
CA GLU A 17 -13.76 -4.67 -2.53
C GLU A 17 -12.24 -4.81 -2.63
N ARG A 18 -11.53 -3.69 -2.42
CA ARG A 18 -10.14 -3.45 -2.75
C ARG A 18 -10.01 -3.31 -4.28
N ALA A 19 -9.11 -2.46 -4.77
CA ALA A 19 -8.89 -2.30 -6.21
C ALA A 19 -8.22 -3.54 -6.79
N LYS A 20 -7.29 -4.11 -6.03
CA LYS A 20 -6.47 -5.29 -6.35
C LYS A 20 -6.62 -6.28 -5.21
N ILE A 21 -5.92 -7.42 -5.19
CA ILE A 21 -6.00 -8.34 -4.04
C ILE A 21 -4.58 -8.66 -3.56
N ASP A 22 -4.42 -8.87 -2.25
CA ASP A 22 -3.14 -8.87 -1.55
C ASP A 22 -2.91 -10.24 -0.92
N ASP A 23 -3.06 -11.28 -1.76
CA ASP A 23 -3.40 -12.67 -1.41
C ASP A 23 -4.66 -12.77 -0.53
N PRO A 24 -5.50 -13.81 -0.70
CA PRO A 24 -6.58 -14.06 0.23
C PRO A 24 -6.01 -14.57 1.56
N THR A 25 -5.10 -15.54 1.51
CA THR A 25 -4.63 -16.28 2.66
C THR A 25 -3.37 -17.04 2.24
N ASP A 26 -2.24 -16.36 2.07
CA ASP A 26 -0.95 -17.03 1.92
C ASP A 26 0.12 -16.28 2.69
N SER A 27 0.52 -16.88 3.82
CA SER A 27 1.56 -16.44 4.73
C SER A 27 1.17 -15.16 5.51
N LYS A 28 1.68 -15.01 6.73
CA LYS A 28 1.33 -13.90 7.61
C LYS A 28 2.59 -13.52 8.42
N PRO A 29 3.49 -12.68 7.88
CA PRO A 29 4.66 -12.21 8.58
C PRO A 29 4.31 -11.52 9.90
N GLU A 30 3.19 -10.79 9.94
CA GLU A 30 2.59 -10.14 11.10
C GLU A 30 3.38 -8.89 11.42
N ASP A 31 4.65 -9.05 11.77
CA ASP A 31 5.54 -7.95 12.16
C ASP A 31 6.06 -7.15 10.96
N TRP A 32 5.62 -7.51 9.75
CA TRP A 32 5.75 -6.65 8.60
C TRP A 32 4.52 -5.72 8.45
N ASP A 33 3.36 -6.08 9.02
CA ASP A 33 2.04 -5.53 8.68
C ASP A 33 1.74 -4.14 9.28
N LYS A 34 2.77 -3.33 9.55
CA LYS A 34 2.59 -2.04 10.23
C LYS A 34 2.08 -1.00 9.22
N PRO A 35 1.36 0.03 9.72
CA PRO A 35 0.74 1.04 8.87
C PRO A 35 1.76 1.90 8.16
N GLU A 36 1.43 2.35 6.95
CA GLU A 36 2.20 3.27 6.14
C GLU A 36 2.37 4.62 6.85
N HIS A 37 1.25 5.29 7.12
CA HIS A 37 1.18 6.63 7.67
C HIS A 37 0.53 6.49 9.04
N ILE A 38 1.22 6.96 10.07
CA ILE A 38 0.75 7.08 11.44
C ILE A 38 0.62 8.57 11.77
N PRO A 39 -0.37 9.00 12.55
CA PRO A 39 -0.52 10.41 12.87
C PRO A 39 0.61 10.82 13.83
N ASP A 40 0.99 12.09 13.77
CA ASP A 40 1.99 12.64 14.69
C ASP A 40 1.33 12.71 16.08
N PRO A 41 1.96 12.17 17.15
CA PRO A 41 1.33 12.08 18.46
C PRO A 41 1.15 13.46 19.09
N ASP A 42 2.02 14.41 18.74
CA ASP A 42 2.01 15.77 19.27
C ASP A 42 1.16 16.68 18.37
N ALA A 43 0.39 16.11 17.45
CA ALA A 43 -0.43 16.80 16.48
C ALA A 43 -1.58 17.51 17.18
N LYS A 44 -1.28 18.73 17.61
CA LYS A 44 -2.27 19.73 17.95
C LYS A 44 -2.80 20.34 16.66
N LYS A 45 -3.99 20.92 16.69
CA LYS A 45 -4.50 21.79 15.64
C LYS A 45 -4.63 23.20 16.18
N PRO A 46 -4.72 24.22 15.31
CA PRO A 46 -4.99 25.57 15.76
C PRO A 46 -6.42 25.68 16.28
N GLU A 47 -6.65 26.60 17.21
CA GLU A 47 -7.96 26.88 17.76
C GLU A 47 -8.71 27.89 16.89
N ASP A 48 -7.98 28.58 16.01
CA ASP A 48 -8.38 29.61 15.06
C ASP A 48 -9.04 28.98 13.81
N TRP A 49 -8.97 27.65 13.70
CA TRP A 49 -9.46 26.92 12.55
C TRP A 49 -11.00 26.96 12.45
N ASP A 50 -11.57 26.65 11.28
CA ASP A 50 -13.02 26.54 11.08
C ASP A 50 -13.30 25.27 10.29
N GLU A 51 -13.38 24.12 10.94
CA GLU A 51 -13.79 22.90 10.24
C GLU A 51 -15.25 23.04 9.80
N GLU A 52 -16.00 24.02 10.32
CA GLU A 52 -17.34 24.31 9.86
C GLU A 52 -17.37 24.99 8.50
N MET A 53 -16.22 25.42 7.97
CA MET A 53 -16.11 25.89 6.59
C MET A 53 -15.21 24.93 5.83
N ASP A 54 -14.06 24.59 6.40
CA ASP A 54 -13.05 23.77 5.74
C ASP A 54 -13.42 22.29 5.68
N GLY A 55 -14.34 21.89 6.56
CA GLY A 55 -14.95 20.56 6.61
C GLY A 55 -14.29 19.69 7.67
N GLU A 56 -12.96 19.73 7.77
CA GLU A 56 -12.21 19.13 8.84
C GLU A 56 -11.06 20.08 9.11
N TRP A 57 -10.20 19.71 10.04
CA TRP A 57 -8.89 20.30 10.14
C TRP A 57 -8.01 19.75 9.02
N GLU A 58 -7.13 18.79 9.29
CA GLU A 58 -6.02 18.26 8.45
C GLU A 58 -4.90 17.76 9.36
N PRO A 59 -5.07 16.60 10.01
CA PRO A 59 -4.09 16.07 10.94
C PRO A 59 -2.83 15.62 10.18
N PRO A 60 -1.64 16.00 10.64
CA PRO A 60 -0.40 15.53 10.04
C PRO A 60 -0.22 14.04 10.30
N VAL A 61 0.39 13.39 9.33
CA VAL A 61 0.82 12.02 9.38
C VAL A 61 2.30 11.98 9.00
N ILE A 62 3.00 11.02 9.58
CA ILE A 62 4.39 10.73 9.31
C ILE A 62 4.47 9.26 8.90
N GLN A 63 5.43 8.91 8.04
CA GLN A 63 5.67 7.54 7.66
C GLN A 63 6.19 6.78 8.88
N ASN A 64 5.52 5.69 9.23
CA ASN A 64 5.94 4.78 10.29
C ASN A 64 7.37 4.26 10.00
N PRO A 65 8.25 4.09 11.00
CA PRO A 65 9.61 3.59 10.79
C PRO A 65 9.69 2.06 10.63
N GLU A 66 8.79 1.32 11.27
CA GLU A 66 8.68 -0.12 11.23
C GLU A 66 7.95 -0.59 9.95
N TYR A 67 7.29 0.32 9.23
CA TYR A 67 6.74 0.09 7.91
C TYR A 67 7.87 -0.19 6.93
N LYS A 68 7.60 -1.02 5.93
CA LYS A 68 8.60 -1.61 5.04
C LYS A 68 8.08 -1.46 3.62
N GLY A 69 6.97 -2.15 3.34
CA GLY A 69 6.21 -2.10 2.11
C GLY A 69 4.96 -2.93 2.33
N GLU A 70 4.01 -2.34 3.06
CA GLU A 70 2.66 -2.70 3.47
C GLU A 70 2.29 -4.16 3.80
N TRP A 71 3.21 -5.12 3.70
CA TRP A 71 2.97 -6.55 3.48
C TRP A 71 2.34 -6.80 2.12
N LYS A 72 3.04 -6.45 1.04
CA LYS A 72 2.59 -6.70 -0.32
C LYS A 72 3.17 -8.00 -0.89
N PRO A 73 2.43 -9.13 -0.83
CA PRO A 73 2.80 -10.39 -1.47
C PRO A 73 2.85 -10.21 -2.99
N ARG A 74 1.71 -10.35 -3.64
CA ARG A 74 1.43 -9.98 -5.02
C ARG A 74 0.31 -8.96 -4.98
N GLN A 75 0.07 -8.25 -6.08
CA GLN A 75 -1.10 -7.39 -6.18
C GLN A 75 -1.66 -7.49 -7.58
N ILE A 76 -2.65 -8.36 -7.74
CA ILE A 76 -3.20 -8.70 -9.03
C ILE A 76 -4.27 -7.65 -9.37
N ASP A 77 -4.29 -7.19 -10.61
CA ASP A 77 -5.20 -6.16 -11.11
C ASP A 77 -6.58 -6.83 -11.26
N ASN A 78 -7.45 -6.68 -10.25
CA ASN A 78 -8.62 -7.51 -10.05
C ASN A 78 -9.67 -7.23 -11.15
N PRO A 79 -10.37 -8.25 -11.70
CA PRO A 79 -11.13 -8.15 -12.94
C PRO A 79 -12.48 -7.44 -12.73
N ASP A 80 -12.42 -6.12 -12.65
CA ASP A 80 -13.49 -5.17 -12.33
C ASP A 80 -13.92 -5.33 -10.88
N TYR A 81 -13.65 -4.29 -10.08
CA TYR A 81 -13.87 -4.30 -8.65
C TYR A 81 -14.96 -3.27 -8.31
N LYS A 82 -15.56 -3.37 -7.12
CA LYS A 82 -16.58 -2.42 -6.67
C LYS A 82 -15.87 -1.32 -5.91
N GLY A 83 -16.02 -0.06 -6.33
CA GLY A 83 -15.61 1.11 -5.57
C GLY A 83 -16.11 0.97 -4.14
N THR A 84 -15.20 0.86 -3.17
CA THR A 84 -15.56 0.72 -1.77
C THR A 84 -16.45 1.91 -1.37
N TRP A 85 -17.46 1.66 -0.53
CA TRP A 85 -18.25 2.70 0.09
C TRP A 85 -17.33 3.50 1.00
N ILE A 86 -17.08 3.01 2.21
CA ILE A 86 -16.09 3.44 3.18
C ILE A 86 -16.45 2.58 4.37
N HIS A 87 -15.49 1.88 4.98
CA HIS A 87 -15.82 1.22 6.23
C HIS A 87 -15.21 1.96 7.41
N PRO A 88 -15.94 2.02 8.53
CA PRO A 88 -15.42 2.50 9.78
C PRO A 88 -14.62 1.36 10.41
N GLU A 89 -13.30 1.37 10.23
CA GLU A 89 -12.38 0.51 10.96
C GLU A 89 -12.59 0.76 12.45
N ILE A 90 -13.01 -0.28 13.19
CA ILE A 90 -13.32 -0.16 14.61
C ILE A 90 -12.01 -0.46 15.36
N ASP A 91 -11.76 0.24 16.45
CA ASP A 91 -10.54 0.11 17.24
C ASP A 91 -10.48 -1.28 17.87
N ASN A 92 -9.62 -2.14 17.31
CA ASN A 92 -9.54 -3.58 17.54
C ASN A 92 -9.65 -3.94 19.04
N PRO A 93 -10.71 -4.63 19.49
CA PRO A 93 -10.89 -5.04 20.86
C PRO A 93 -9.79 -6.00 21.35
N GLU A 94 -9.10 -6.69 20.42
CA GLU A 94 -8.03 -7.64 20.74
C GLU A 94 -6.68 -6.93 20.90
N TYR A 95 -6.63 -5.61 20.77
CA TYR A 95 -5.40 -4.84 20.57
C TYR A 95 -4.50 -4.78 21.81
N SER A 96 -5.08 -4.64 23.00
CA SER A 96 -4.39 -4.22 24.23
C SER A 96 -3.50 -2.98 24.04
N PRO A 97 -3.98 -1.77 24.38
CA PRO A 97 -3.18 -0.55 24.20
C PRO A 97 -1.93 -0.56 25.09
N ASP A 98 -2.01 -1.09 26.31
CA ASP A 98 -0.86 -1.31 27.19
C ASP A 98 -1.24 -2.47 28.11
N ALA A 99 -2.16 -2.19 29.04
CA ALA A 99 -2.76 -3.20 29.90
C ALA A 99 -3.58 -4.14 29.03
N ASN A 100 -3.46 -5.43 29.31
CA ASN A 100 -4.09 -6.51 28.56
C ASN A 100 -5.60 -6.38 28.63
N ILE A 101 -6.21 -6.05 27.50
CA ILE A 101 -7.60 -5.69 27.32
C ILE A 101 -8.52 -6.77 27.89
N SER A 1 2.54 -21.21 -13.01
CA SER A 1 3.36 -20.69 -14.13
C SER A 1 3.54 -21.76 -15.18
N LYS A 2 3.93 -21.32 -16.37
CA LYS A 2 3.91 -22.12 -17.59
C LYS A 2 5.00 -23.19 -17.67
N LYS A 3 6.23 -22.83 -17.29
CA LYS A 3 7.32 -23.76 -17.10
C LYS A 3 7.12 -24.34 -15.71
N ILE A 4 7.68 -23.76 -14.64
CA ILE A 4 7.57 -24.23 -13.25
C ILE A 4 8.51 -25.43 -13.01
N LYS A 5 8.79 -25.71 -11.74
CA LYS A 5 9.58 -26.85 -11.28
C LYS A 5 8.68 -28.07 -11.20
N ASP A 6 9.18 -29.23 -11.61
CA ASP A 6 8.40 -30.47 -11.71
C ASP A 6 9.35 -31.63 -11.37
N PRO A 7 8.89 -32.90 -11.26
CA PRO A 7 9.72 -34.00 -10.78
C PRO A 7 10.60 -34.57 -11.89
N ASP A 8 10.14 -34.52 -13.15
CA ASP A 8 10.89 -34.96 -14.33
C ASP A 8 12.16 -34.12 -14.49
N ALA A 9 12.18 -32.93 -13.88
CA ALA A 9 13.36 -32.10 -13.78
C ALA A 9 14.47 -32.71 -12.90
N ALA A 10 14.27 -33.92 -12.35
CA ALA A 10 15.24 -34.72 -11.59
C ALA A 10 15.89 -33.98 -10.41
N LYS A 11 15.24 -32.92 -9.95
CA LYS A 11 15.78 -31.99 -8.98
C LYS A 11 15.49 -32.54 -7.59
N PRO A 12 16.51 -32.73 -6.72
CA PRO A 12 16.24 -32.96 -5.31
C PRO A 12 15.50 -31.74 -4.76
N GLU A 13 14.42 -31.97 -4.03
CA GLU A 13 13.59 -30.92 -3.43
C GLU A 13 13.90 -30.72 -1.94
N ASP A 14 15.04 -31.25 -1.49
CA ASP A 14 15.40 -31.35 -0.08
C ASP A 14 16.92 -31.20 0.09
N TRP A 15 17.59 -30.48 -0.83
CA TRP A 15 19.04 -30.37 -0.89
C TRP A 15 19.47 -28.89 -0.89
N ASP A 16 19.19 -28.15 0.18
CA ASP A 16 19.57 -26.74 0.40
C ASP A 16 19.53 -25.87 -0.88
N GLU A 17 18.48 -25.99 -1.69
CA GLU A 17 18.38 -25.42 -3.04
C GLU A 17 18.26 -23.88 -2.99
N ARG A 18 18.04 -23.30 -1.80
CA ARG A 18 17.86 -21.87 -1.63
C ARG A 18 19.18 -21.20 -1.33
N ALA A 19 19.64 -20.45 -2.32
CA ALA A 19 20.62 -19.41 -2.11
C ALA A 19 20.17 -18.39 -1.06
N LYS A 20 18.86 -18.14 -0.87
CA LYS A 20 18.34 -17.17 0.09
C LYS A 20 17.11 -17.74 0.75
N ILE A 21 17.15 -17.97 2.06
CA ILE A 21 16.08 -18.59 2.82
C ILE A 21 15.24 -17.51 3.47
N ASP A 22 14.01 -17.85 3.77
CA ASP A 22 12.98 -17.05 4.41
C ASP A 22 12.69 -17.62 5.80
N ASP A 23 12.45 -16.71 6.75
CA ASP A 23 12.19 -17.02 8.16
C ASP A 23 13.10 -18.10 8.75
N PRO A 24 14.38 -17.78 9.05
CA PRO A 24 15.34 -18.73 9.60
C PRO A 24 14.93 -19.29 10.97
N THR A 25 14.08 -18.57 11.71
CA THR A 25 13.51 -18.95 13.00
C THR A 25 12.46 -17.89 13.36
N ASP A 26 11.66 -17.43 12.37
CA ASP A 26 10.63 -16.41 12.59
C ASP A 26 9.28 -17.12 12.48
N SER A 27 8.23 -16.54 13.07
CA SER A 27 6.84 -16.97 12.98
C SER A 27 5.98 -15.79 12.54
N LYS A 28 4.88 -16.09 11.85
CA LYS A 28 4.03 -15.13 11.14
C LYS A 28 3.53 -14.06 12.14
N PRO A 29 4.05 -12.81 12.07
CA PRO A 29 3.75 -11.77 13.04
C PRO A 29 2.27 -11.42 13.10
N GLU A 30 1.63 -11.39 11.94
CA GLU A 30 0.49 -10.57 11.58
C GLU A 30 0.90 -9.09 11.62
N ASP A 31 1.33 -8.60 12.78
CA ASP A 31 1.56 -7.18 13.10
C ASP A 31 2.37 -6.41 12.08
N TRP A 32 3.27 -7.09 11.36
CA TRP A 32 4.23 -6.52 10.43
C TRP A 32 3.54 -5.73 9.32
N ASP A 33 2.28 -6.06 8.99
CA ASP A 33 1.36 -5.25 8.17
C ASP A 33 1.02 -3.88 8.75
N LYS A 34 2.04 -3.03 8.95
CA LYS A 34 1.85 -1.67 9.42
C LYS A 34 1.44 -0.75 8.26
N PRO A 35 0.74 0.34 8.58
CA PRO A 35 0.22 1.27 7.60
C PRO A 35 1.34 2.15 7.07
N GLU A 36 1.14 2.74 5.89
CA GLU A 36 2.15 3.59 5.28
C GLU A 36 2.09 5.02 5.77
N HIS A 37 0.94 5.47 6.29
CA HIS A 37 0.74 6.79 6.85
C HIS A 37 0.01 6.66 8.18
N ILE A 38 0.64 7.04 9.30
CA ILE A 38 0.00 7.16 10.60
C ILE A 38 -0.23 8.64 10.90
N PRO A 39 -1.36 9.01 11.52
CA PRO A 39 -1.61 10.39 11.90
C PRO A 39 -0.72 10.75 13.09
N ASP A 40 -0.11 11.94 13.11
CA ASP A 40 0.93 12.19 14.13
C ASP A 40 0.33 12.06 15.53
N PRO A 41 1.05 11.48 16.50
CA PRO A 41 0.60 11.40 17.87
C PRO A 41 0.50 12.79 18.51
N ASP A 42 1.46 13.68 18.24
CA ASP A 42 1.49 15.02 18.82
C ASP A 42 0.94 16.04 17.80
N ALA A 43 -0.04 15.64 16.98
CA ALA A 43 -0.64 16.51 15.98
C ALA A 43 -1.62 17.53 16.61
N LYS A 44 -1.06 18.63 17.09
CA LYS A 44 -1.79 19.81 17.56
C LYS A 44 -2.27 20.66 16.37
N LYS A 45 -3.58 20.91 16.29
CA LYS A 45 -4.15 21.83 15.29
C LYS A 45 -4.05 23.29 15.74
N PRO A 46 -4.26 24.29 14.87
CA PRO A 46 -4.37 25.66 15.31
C PRO A 46 -5.69 25.87 16.06
N GLU A 47 -5.65 26.76 17.04
CA GLU A 47 -6.81 27.30 17.75
C GLU A 47 -7.51 28.41 16.96
N ASP A 48 -6.86 28.88 15.89
CA ASP A 48 -7.29 29.93 14.95
C ASP A 48 -8.01 29.29 13.75
N TRP A 49 -8.33 27.99 13.85
CA TRP A 49 -9.01 27.21 12.83
C TRP A 49 -10.51 27.04 13.12
N ASP A 50 -11.38 27.19 12.10
CA ASP A 50 -12.83 27.01 12.22
C ASP A 50 -13.28 25.83 11.35
N GLU A 51 -13.37 24.64 11.93
CA GLU A 51 -13.82 23.41 11.28
C GLU A 51 -15.31 23.52 10.92
N GLU A 52 -16.02 24.52 11.45
CA GLU A 52 -17.40 24.76 11.01
C GLU A 52 -17.46 25.45 9.63
N MET A 53 -16.34 26.02 9.15
CA MET A 53 -16.31 26.73 7.87
C MET A 53 -15.44 26.01 6.86
N ASP A 54 -14.33 25.42 7.30
CA ASP A 54 -13.58 24.49 6.45
C ASP A 54 -14.39 23.22 6.24
N GLY A 55 -14.96 22.74 7.35
CA GLY A 55 -15.65 21.44 7.43
C GLY A 55 -14.90 20.42 8.27
N GLU A 56 -13.58 20.53 8.46
CA GLU A 56 -12.79 19.73 9.38
C GLU A 56 -11.53 20.53 9.64
N TRP A 57 -10.59 20.01 10.42
CA TRP A 57 -9.24 20.54 10.37
C TRP A 57 -8.52 19.90 9.18
N GLU A 58 -7.66 18.91 9.42
CA GLU A 58 -6.67 18.37 8.48
C GLU A 58 -5.50 17.75 9.28
N PRO A 59 -5.77 16.66 10.02
CA PRO A 59 -4.74 16.03 10.80
C PRO A 59 -3.65 15.49 9.88
N PRO A 60 -2.39 15.88 10.10
CA PRO A 60 -1.29 15.42 9.28
C PRO A 60 -1.01 13.95 9.56
N VAL A 61 -0.21 13.39 8.66
CA VAL A 61 0.32 12.06 8.75
C VAL A 61 1.83 12.10 8.55
N ILE A 62 2.49 11.05 9.00
CA ILE A 62 3.88 10.73 8.72
C ILE A 62 3.94 9.25 8.36
N GLN A 63 4.92 8.82 7.56
CA GLN A 63 5.16 7.40 7.41
C GLN A 63 5.65 6.80 8.73
N ASN A 64 5.09 5.64 9.04
CA ASN A 64 5.28 4.97 10.32
C ASN A 64 6.75 4.58 10.47
N PRO A 65 7.39 4.76 11.65
CA PRO A 65 8.78 4.33 11.87
C PRO A 65 8.98 2.81 11.75
N GLU A 66 7.91 2.03 11.87
CA GLU A 66 7.89 0.60 11.66
C GLU A 66 7.38 0.30 10.25
N TYR A 67 7.80 1.06 9.23
CA TYR A 67 7.44 0.78 7.83
C TYR A 67 8.59 0.05 7.15
N LYS A 68 8.28 -0.99 6.38
CA LYS A 68 9.23 -1.89 5.75
C LYS A 68 8.73 -2.32 4.38
N GLY A 69 9.65 -2.82 3.55
CA GLY A 69 9.33 -3.37 2.26
C GLY A 69 8.86 -4.80 2.41
N GLU A 70 7.52 -4.96 2.43
CA GLU A 70 6.66 -6.14 2.60
C GLU A 70 7.06 -7.08 3.75
N TRP A 71 6.25 -8.10 4.05
CA TRP A 71 6.56 -9.18 4.99
C TRP A 71 7.63 -10.12 4.44
N LYS A 72 8.82 -9.57 4.23
CA LYS A 72 10.03 -10.37 4.14
C LYS A 72 10.47 -10.74 5.55
N PRO A 73 10.32 -11.99 5.97
CA PRO A 73 11.06 -12.51 7.12
C PRO A 73 12.52 -12.61 6.69
N ARG A 74 13.29 -11.57 6.99
CA ARG A 74 14.74 -11.44 6.86
C ARG A 74 15.32 -12.47 5.89
N GLN A 75 15.23 -12.19 4.59
CA GLN A 75 15.67 -13.14 3.58
C GLN A 75 17.17 -13.03 3.48
N ILE A 76 17.89 -13.86 4.23
CA ILE A 76 19.33 -13.76 4.36
C ILE A 76 19.95 -14.39 3.11
N ASP A 77 21.20 -14.07 2.80
CA ASP A 77 21.95 -14.65 1.69
C ASP A 77 22.70 -15.85 2.27
N ASN A 78 22.31 -17.06 1.87
CA ASN A 78 22.73 -18.36 2.41
C ASN A 78 24.22 -18.54 2.16
N PRO A 79 25.09 -18.46 3.18
CA PRO A 79 26.52 -18.53 2.95
C PRO A 79 27.01 -19.98 2.76
N ASP A 80 26.14 -20.99 2.92
CA ASP A 80 26.52 -22.39 2.70
C ASP A 80 25.30 -23.20 2.27
N TYR A 81 24.98 -23.14 0.98
CA TYR A 81 23.85 -23.84 0.37
C TYR A 81 24.35 -24.76 -0.74
N LYS A 82 23.45 -25.48 -1.41
CA LYS A 82 23.79 -26.31 -2.55
C LYS A 82 23.43 -25.52 -3.80
N GLY A 83 24.45 -24.97 -4.48
CA GLY A 83 24.36 -24.43 -5.83
C GLY A 83 23.38 -25.24 -6.68
N THR A 84 22.20 -24.67 -6.92
CA THR A 84 21.12 -25.25 -7.69
C THR A 84 21.67 -25.57 -9.09
N TRP A 85 21.88 -26.85 -9.42
CA TRP A 85 22.61 -27.29 -10.62
C TRP A 85 22.10 -26.62 -11.90
N ILE A 86 20.95 -27.04 -12.41
CA ILE A 86 20.09 -26.35 -13.35
C ILE A 86 18.95 -27.35 -13.58
N HIS A 87 17.86 -27.21 -12.84
CA HIS A 87 16.73 -28.08 -13.10
C HIS A 87 16.13 -27.66 -14.46
N PRO A 88 15.81 -28.60 -15.35
CA PRO A 88 15.02 -28.31 -16.53
C PRO A 88 13.56 -28.15 -16.11
N GLU A 89 13.10 -26.90 -15.99
CA GLU A 89 11.67 -26.59 -15.89
C GLU A 89 10.95 -27.22 -17.10
N ILE A 90 10.10 -28.21 -16.88
CA ILE A 90 9.17 -28.73 -17.89
C ILE A 90 8.03 -27.70 -18.00
N ASP A 91 7.29 -27.64 -19.12
CA ASP A 91 6.07 -26.86 -19.32
C ASP A 91 4.91 -27.50 -18.57
N ASN A 92 4.63 -26.98 -17.36
CA ASN A 92 3.56 -27.34 -16.43
C ASN A 92 2.30 -27.83 -17.18
N PRO A 93 1.94 -29.12 -17.10
CA PRO A 93 0.74 -29.65 -17.74
C PRO A 93 -0.55 -29.25 -16.99
N GLU A 94 -0.48 -29.01 -15.69
CA GLU A 94 -1.52 -28.49 -14.83
C GLU A 94 -1.78 -27.00 -15.10
N TYR A 95 -1.02 -26.37 -16.00
CA TYR A 95 -1.14 -24.96 -16.30
C TYR A 95 -2.46 -24.64 -16.97
N SER A 96 -3.04 -25.61 -17.71
CA SER A 96 -4.26 -25.58 -18.50
C SER A 96 -5.12 -24.35 -18.21
N PRO A 97 -5.01 -23.30 -19.04
CA PRO A 97 -5.67 -22.03 -18.79
C PRO A 97 -7.18 -22.15 -19.05
N ASP A 98 -7.54 -22.87 -20.11
CA ASP A 98 -8.90 -23.20 -20.50
C ASP A 98 -8.84 -24.54 -21.22
N ALA A 99 -8.32 -24.54 -22.45
CA ALA A 99 -8.06 -25.70 -23.29
C ALA A 99 -6.98 -25.26 -24.27
N ASN A 100 -5.75 -25.71 -24.00
CA ASN A 100 -4.56 -25.32 -24.77
C ASN A 100 -3.54 -26.45 -24.80
N ILE A 101 -3.17 -27.00 -23.64
CA ILE A 101 -2.11 -27.99 -23.46
C ILE A 101 -2.55 -28.99 -22.42
N SER A 1 3.76 9.05 -5.09
CA SER A 1 3.94 9.24 -6.54
C SER A 1 2.70 9.85 -7.14
N LYS A 2 2.84 10.35 -8.37
CA LYS A 2 1.73 10.76 -9.20
C LYS A 2 1.05 9.50 -9.74
N LYS A 3 0.71 9.49 -11.02
CA LYS A 3 0.04 8.42 -11.79
C LYS A 3 -0.09 7.08 -11.08
N ILE A 4 -1.31 6.71 -10.69
CA ILE A 4 -1.59 5.47 -9.95
C ILE A 4 -2.71 4.68 -10.63
N LYS A 5 -2.89 3.41 -10.25
CA LYS A 5 -3.96 2.56 -10.76
C LYS A 5 -5.27 3.03 -10.13
N ASP A 6 -6.31 3.23 -10.93
CA ASP A 6 -7.52 3.94 -10.51
C ASP A 6 -8.73 3.54 -11.36
N PRO A 7 -9.99 3.90 -11.02
CA PRO A 7 -11.18 3.47 -11.75
C PRO A 7 -11.35 4.23 -13.07
N ASP A 8 -10.82 5.46 -13.17
CA ASP A 8 -10.80 6.20 -14.42
C ASP A 8 -9.84 5.59 -15.43
N ALA A 9 -9.07 4.59 -15.02
CA ALA A 9 -8.25 3.81 -15.92
C ALA A 9 -9.07 2.80 -16.74
N ALA A 10 -10.41 2.77 -16.59
CA ALA A 10 -11.32 1.97 -17.38
C ALA A 10 -10.97 0.47 -17.39
N LYS A 11 -10.45 -0.04 -16.26
CA LYS A 11 -9.99 -1.41 -16.12
C LYS A 11 -11.03 -2.25 -15.35
N PRO A 12 -11.00 -3.57 -15.52
CA PRO A 12 -11.65 -4.54 -14.64
C PRO A 12 -10.76 -4.88 -13.42
N GLU A 13 -11.13 -4.43 -12.23
CA GLU A 13 -10.45 -4.67 -10.95
C GLU A 13 -10.49 -6.14 -10.48
N ASP A 14 -10.94 -7.07 -11.33
CA ASP A 14 -11.27 -8.45 -10.95
C ASP A 14 -11.16 -9.38 -12.16
N TRP A 15 -10.08 -9.19 -12.93
CA TRP A 15 -9.78 -10.01 -14.10
C TRP A 15 -8.46 -10.76 -13.91
N ASP A 16 -8.23 -11.27 -12.70
CA ASP A 16 -7.00 -11.91 -12.25
C ASP A 16 -5.74 -11.10 -12.59
N GLU A 17 -5.74 -9.80 -12.25
CA GLU A 17 -4.53 -8.99 -12.39
C GLU A 17 -3.63 -9.27 -11.19
N ARG A 18 -2.40 -9.76 -11.42
CA ARG A 18 -1.31 -9.66 -10.44
C ARG A 18 0.05 -9.96 -11.04
N ALA A 19 0.12 -10.92 -11.96
CA ALA A 19 1.32 -11.55 -12.52
C ALA A 19 2.07 -12.39 -11.51
N LYS A 20 2.38 -11.86 -10.33
CA LYS A 20 3.27 -12.49 -9.36
C LYS A 20 2.67 -12.43 -7.97
N ILE A 21 2.55 -13.58 -7.31
CA ILE A 21 1.81 -13.69 -6.06
C ILE A 21 2.75 -14.28 -5.01
N ASP A 22 2.56 -13.88 -3.75
CA ASP A 22 3.37 -14.34 -2.64
C ASP A 22 3.17 -15.82 -2.45
N ASP A 23 4.16 -16.47 -1.83
CA ASP A 23 4.17 -17.92 -1.63
C ASP A 23 2.85 -18.34 -0.96
N PRO A 24 2.06 -19.22 -1.60
CA PRO A 24 0.74 -19.61 -1.10
C PRO A 24 0.77 -20.21 0.31
N THR A 25 1.92 -20.72 0.74
CA THR A 25 2.08 -21.39 2.02
C THR A 25 3.54 -21.36 2.50
N ASP A 26 4.29 -20.30 2.21
CA ASP A 26 5.58 -20.00 2.85
C ASP A 26 5.47 -18.59 3.43
N SER A 27 6.25 -18.32 4.48
CA SER A 27 6.58 -17.02 5.05
C SER A 27 5.38 -16.25 5.63
N LYS A 28 5.40 -16.08 6.95
CA LYS A 28 4.42 -15.28 7.70
C LYS A 28 4.94 -14.96 9.11
N PRO A 29 5.64 -13.82 9.29
CA PRO A 29 5.92 -13.26 10.61
C PRO A 29 4.63 -12.98 11.41
N GLU A 30 3.55 -12.62 10.71
CA GLU A 30 2.26 -12.10 11.21
C GLU A 30 2.47 -10.65 11.64
N ASP A 31 3.41 -10.47 12.57
CA ASP A 31 4.11 -9.31 13.13
C ASP A 31 4.87 -8.46 12.09
N TRP A 32 4.56 -8.68 10.82
CA TRP A 32 4.94 -7.74 9.78
C TRP A 32 3.96 -6.57 9.82
N ASP A 33 2.83 -6.68 9.13
CA ASP A 33 1.63 -5.84 9.13
C ASP A 33 1.75 -4.29 9.13
N LYS A 34 2.89 -3.66 8.81
CA LYS A 34 3.08 -2.26 9.19
C LYS A 34 2.32 -1.26 8.30
N PRO A 35 1.83 -0.14 8.87
CA PRO A 35 1.02 0.87 8.20
C PRO A 35 1.86 1.75 7.25
N GLU A 36 1.21 2.55 6.39
CA GLU A 36 1.87 3.44 5.40
C GLU A 36 1.75 4.93 5.75
N HIS A 37 0.84 5.34 6.63
CA HIS A 37 0.85 6.63 7.30
C HIS A 37 0.24 6.46 8.68
N ILE A 38 0.90 6.97 9.73
CA ILE A 38 0.38 7.03 11.10
C ILE A 38 0.31 8.50 11.51
N PRO A 39 -0.69 8.95 12.28
CA PRO A 39 -0.79 10.37 12.61
C PRO A 39 0.23 10.72 13.68
N ASP A 40 0.65 11.99 13.72
CA ASP A 40 1.50 12.49 14.80
C ASP A 40 0.64 12.39 16.09
N PRO A 41 1.04 11.61 17.12
CA PRO A 41 0.23 11.44 18.34
C PRO A 41 0.26 12.70 19.22
N ASP A 42 1.05 13.70 18.83
CA ASP A 42 1.21 15.00 19.46
C ASP A 42 0.82 16.09 18.45
N ALA A 43 0.08 15.71 17.40
CA ALA A 43 -0.45 16.66 16.45
C ALA A 43 -1.48 17.51 17.17
N LYS A 44 -1.49 18.80 16.87
CA LYS A 44 -2.39 19.77 17.46
C LYS A 44 -2.86 20.74 16.41
N LYS A 45 -4.15 21.07 16.41
CA LYS A 45 -4.70 21.97 15.42
C LYS A 45 -4.70 23.41 15.92
N PRO A 46 -4.58 24.40 15.02
CA PRO A 46 -4.72 25.79 15.40
C PRO A 46 -6.14 26.05 15.90
N GLU A 47 -6.23 26.96 16.86
CA GLU A 47 -7.48 27.56 17.33
C GLU A 47 -7.94 28.69 16.40
N ASP A 48 -7.12 29.03 15.40
CA ASP A 48 -7.39 30.00 14.33
C ASP A 48 -7.87 29.25 13.07
N TRP A 49 -8.24 27.97 13.23
CA TRP A 49 -8.96 27.18 12.27
C TRP A 49 -10.47 27.39 12.41
N ASP A 50 -11.24 26.93 11.42
CA ASP A 50 -12.66 26.68 11.62
C ASP A 50 -13.13 25.49 10.77
N GLU A 51 -13.45 24.38 11.41
CA GLU A 51 -13.97 23.18 10.76
C GLU A 51 -15.45 23.36 10.41
N GLU A 52 -16.10 24.48 10.75
CA GLU A 52 -17.40 24.78 10.14
C GLU A 52 -17.23 25.18 8.69
N MET A 53 -16.14 25.89 8.39
CA MET A 53 -15.89 26.45 7.07
C MET A 53 -15.18 25.40 6.26
N ASP A 54 -14.07 24.88 6.78
CA ASP A 54 -13.27 23.89 6.08
C ASP A 54 -13.98 22.54 6.04
N GLY A 55 -14.71 22.25 7.13
CA GLY A 55 -15.48 21.02 7.32
C GLY A 55 -14.81 20.10 8.35
N GLU A 56 -13.48 20.06 8.39
CA GLU A 56 -12.69 19.30 9.32
C GLU A 56 -11.36 20.07 9.46
N TRP A 57 -10.48 19.64 10.37
CA TRP A 57 -9.11 20.13 10.33
C TRP A 57 -8.32 19.36 9.27
N GLU A 58 -7.46 18.42 9.66
CA GLU A 58 -6.31 17.94 8.85
C GLU A 58 -5.18 17.44 9.76
N PRO A 59 -5.33 16.25 10.34
CA PRO A 59 -4.32 15.63 11.17
C PRO A 59 -3.15 15.19 10.27
N PRO A 60 -1.93 15.70 10.51
CA PRO A 60 -0.78 15.30 9.74
C PRO A 60 -0.45 13.85 10.05
N VAL A 61 0.16 13.20 9.06
CA VAL A 61 0.70 11.87 9.21
C VAL A 61 2.19 11.89 8.96
N ILE A 62 2.88 10.96 9.59
CA ILE A 62 4.28 10.66 9.40
C ILE A 62 4.35 9.21 8.92
N GLN A 63 5.34 8.91 8.09
CA GLN A 63 5.65 7.54 7.72
C GLN A 63 6.24 6.83 8.94
N ASN A 64 5.55 5.79 9.41
CA ASN A 64 5.91 5.01 10.60
C ASN A 64 7.37 4.56 10.52
N PRO A 65 8.18 4.65 11.57
CA PRO A 65 9.59 4.24 11.53
C PRO A 65 9.79 2.81 11.02
N GLU A 66 8.87 1.90 11.34
CA GLU A 66 8.93 0.50 10.92
C GLU A 66 8.37 0.28 9.50
N TYR A 67 8.12 1.33 8.70
CA TYR A 67 7.49 1.24 7.40
C TYR A 67 8.36 0.52 6.36
N LYS A 68 8.30 -0.81 6.36
CA LYS A 68 9.00 -1.70 5.43
C LYS A 68 8.25 -1.83 4.10
N GLY A 69 7.29 -0.94 3.82
CA GLY A 69 6.31 -1.13 2.77
C GLY A 69 5.16 -1.96 3.30
N GLU A 70 5.14 -3.22 2.92
CA GLU A 70 3.99 -4.10 2.86
C GLU A 70 4.52 -5.54 3.02
N TRP A 71 3.69 -6.55 3.31
CA TRP A 71 4.18 -7.90 3.63
C TRP A 71 4.59 -8.69 2.39
N LYS A 72 5.59 -8.23 1.65
CA LYS A 72 6.06 -8.93 0.46
C LYS A 72 7.28 -9.78 0.86
N PRO A 73 7.15 -11.11 0.99
CA PRO A 73 8.30 -12.00 1.12
C PRO A 73 9.03 -12.00 -0.23
N ARG A 74 8.85 -13.08 -0.98
CA ARG A 74 9.13 -13.24 -2.39
C ARG A 74 7.77 -13.55 -2.99
N GLN A 75 7.33 -12.81 -4.00
CA GLN A 75 6.39 -13.36 -4.96
C GLN A 75 7.19 -13.97 -6.10
N ILE A 76 6.56 -14.89 -6.82
CA ILE A 76 7.08 -15.53 -8.01
C ILE A 76 6.01 -15.45 -9.09
N ASP A 77 6.39 -15.64 -10.34
CA ASP A 77 5.48 -15.59 -11.50
C ASP A 77 4.47 -16.71 -11.35
N ASN A 78 3.18 -16.37 -11.27
CA ASN A 78 2.14 -17.39 -11.16
C ASN A 78 1.46 -17.60 -12.51
N PRO A 79 1.68 -18.73 -13.21
CA PRO A 79 0.91 -19.08 -14.39
C PRO A 79 -0.53 -19.44 -13.99
N ASP A 80 -1.35 -18.42 -13.72
CA ASP A 80 -2.81 -18.52 -13.49
C ASP A 80 -3.53 -17.19 -13.78
N TYR A 81 -2.79 -16.09 -14.01
CA TYR A 81 -3.30 -14.73 -13.98
C TYR A 81 -3.57 -14.26 -15.41
N LYS A 82 -4.09 -13.03 -15.58
CA LYS A 82 -4.34 -12.49 -16.92
C LYS A 82 -3.48 -11.26 -17.16
N GLY A 83 -2.83 -11.24 -18.31
CA GLY A 83 -1.91 -10.18 -18.71
C GLY A 83 -2.58 -8.83 -18.63
N THR A 84 -2.06 -7.94 -17.77
CA THR A 84 -2.43 -6.52 -17.68
C THR A 84 -2.37 -5.96 -19.10
N TRP A 85 -3.45 -5.33 -19.58
CA TRP A 85 -3.52 -4.78 -20.93
C TRP A 85 -2.56 -3.60 -21.03
N ILE A 86 -2.98 -2.42 -20.60
CA ILE A 86 -2.15 -1.24 -20.35
C ILE A 86 -3.11 -0.19 -19.78
N HIS A 87 -3.45 -0.36 -18.51
CA HIS A 87 -4.37 0.56 -17.87
C HIS A 87 -3.72 1.95 -17.82
N PRO A 88 -4.39 3.02 -18.26
CA PRO A 88 -3.90 4.38 -18.13
C PRO A 88 -3.94 4.78 -16.65
N GLU A 89 -2.79 4.75 -16.00
CA GLU A 89 -2.61 5.23 -14.63
C GLU A 89 -2.98 6.71 -14.61
N ILE A 90 -3.95 7.09 -13.77
CA ILE A 90 -4.46 8.46 -13.72
C ILE A 90 -3.64 9.23 -12.71
N ASP A 91 -3.38 10.51 -12.97
CA ASP A 91 -2.58 11.38 -12.13
C ASP A 91 -3.15 11.44 -10.72
N ASN A 92 -2.53 10.68 -9.82
CA ASN A 92 -2.99 10.39 -8.46
C ASN A 92 -3.48 11.65 -7.75
N PRO A 93 -4.78 11.81 -7.48
CA PRO A 93 -5.29 13.02 -6.87
C PRO A 93 -4.76 13.22 -5.43
N GLU A 94 -4.22 12.21 -4.76
CA GLU A 94 -3.60 12.29 -3.43
C GLU A 94 -2.10 12.64 -3.53
N TYR A 95 -1.58 12.93 -4.74
CA TYR A 95 -0.15 13.12 -4.99
C TYR A 95 0.41 14.43 -4.46
N SER A 96 -0.38 15.51 -4.52
CA SER A 96 -0.01 16.83 -4.03
C SER A 96 1.42 17.27 -4.39
N PRO A 97 1.66 17.83 -5.60
CA PRO A 97 3.02 18.07 -6.06
C PRO A 97 3.78 19.05 -5.18
N ASP A 98 3.21 20.25 -5.04
CA ASP A 98 3.60 21.27 -4.08
C ASP A 98 2.40 22.14 -3.72
N ALA A 99 1.22 21.62 -4.03
CA ALA A 99 -0.06 22.29 -3.96
C ALA A 99 -1.07 21.15 -3.97
N ASN A 100 -1.83 20.97 -5.06
CA ASN A 100 -2.93 19.99 -5.13
C ASN A 100 -3.51 19.79 -6.55
N ILE A 101 -2.60 19.71 -7.53
CA ILE A 101 -2.83 19.50 -8.96
C ILE A 101 -3.53 20.73 -9.55
N SER A 1 9.76 6.71 -4.49
CA SER A 1 10.37 6.55 -5.82
C SER A 1 9.98 7.71 -6.74
N LYS A 2 10.71 7.84 -7.86
CA LYS A 2 10.45 8.74 -8.98
C LYS A 2 9.19 8.31 -9.74
N LYS A 3 9.29 7.62 -10.88
CA LYS A 3 8.15 7.24 -11.72
C LYS A 3 7.05 6.61 -10.87
N ILE A 4 5.89 7.25 -10.77
CA ILE A 4 4.77 6.79 -9.96
C ILE A 4 3.47 6.94 -10.77
N LYS A 5 2.42 6.28 -10.29
CA LYS A 5 1.08 6.28 -10.88
C LYS A 5 0.45 7.62 -10.54
N ASP A 6 0.01 8.39 -11.53
CA ASP A 6 -0.38 9.79 -11.35
C ASP A 6 -1.47 10.14 -12.36
N PRO A 7 -2.22 11.25 -12.20
CA PRO A 7 -3.34 11.58 -13.06
C PRO A 7 -2.89 12.08 -14.44
N ASP A 8 -1.67 12.61 -14.53
CA ASP A 8 -1.07 12.98 -15.82
C ASP A 8 -0.80 11.74 -16.67
N ALA A 9 -0.85 10.55 -16.06
CA ALA A 9 -0.74 9.27 -16.75
C ALA A 9 -2.07 8.75 -17.31
N ALA A 10 -3.14 9.56 -17.32
CA ALA A 10 -4.35 9.34 -18.13
C ALA A 10 -5.06 7.99 -17.92
N LYS A 11 -4.86 7.34 -16.78
CA LYS A 11 -5.33 5.98 -16.53
C LYS A 11 -6.81 5.97 -16.07
N PRO A 12 -7.47 4.80 -16.03
CA PRO A 12 -8.79 4.64 -15.42
C PRO A 12 -8.71 4.64 -13.88
N GLU A 13 -9.84 4.58 -13.18
CA GLU A 13 -9.92 4.83 -11.74
C GLU A 13 -9.17 3.87 -10.82
N ASP A 14 -8.68 2.73 -11.34
CA ASP A 14 -8.21 1.48 -10.72
C ASP A 14 -9.05 0.37 -11.35
N TRP A 15 -8.79 0.14 -12.64
CA TRP A 15 -9.29 -1.02 -13.37
C TRP A 15 -8.46 -2.26 -13.00
N ASP A 16 -8.41 -2.60 -11.72
CA ASP A 16 -7.78 -3.80 -11.17
C ASP A 16 -6.38 -4.02 -11.77
N GLU A 17 -5.58 -2.96 -11.71
CA GLU A 17 -4.27 -2.88 -12.35
C GLU A 17 -3.20 -3.60 -11.50
N ARG A 18 -3.56 -4.78 -10.98
CA ARG A 18 -2.72 -5.56 -10.07
C ARG A 18 -1.47 -6.05 -10.78
N ALA A 19 -1.64 -6.87 -11.83
CA ALA A 19 -0.64 -7.64 -12.57
C ALA A 19 0.05 -8.73 -11.74
N LYS A 20 0.35 -8.40 -10.48
CA LYS A 20 0.96 -9.26 -9.49
C LYS A 20 0.14 -9.13 -8.22
N ILE A 21 0.21 -10.15 -7.37
CA ILE A 21 -0.63 -10.31 -6.18
C ILE A 21 0.27 -10.33 -4.94
N ASP A 22 -0.24 -10.03 -3.74
CA ASP A 22 0.49 -10.17 -2.46
C ASP A 22 -0.17 -11.29 -1.67
N ASP A 23 0.24 -12.50 -2.08
CA ASP A 23 -0.27 -13.84 -1.80
C ASP A 23 -1.77 -14.06 -2.04
N PRO A 24 -2.18 -15.28 -2.45
CA PRO A 24 -3.57 -15.68 -2.35
C PRO A 24 -3.96 -15.81 -0.87
N THR A 25 -3.26 -16.69 -0.15
CA THR A 25 -3.55 -17.09 1.20
C THR A 25 -2.30 -17.82 1.70
N ASP A 26 -1.54 -17.24 2.63
CA ASP A 26 -0.55 -17.98 3.43
C ASP A 26 -0.44 -17.35 4.82
N SER A 27 0.21 -16.20 4.93
CA SER A 27 0.26 -15.31 6.09
C SER A 27 -0.85 -14.27 5.99
N LYS A 28 -0.99 -13.39 6.98
CA LYS A 28 -1.81 -12.17 6.88
C LYS A 28 -1.32 -11.19 7.93
N PRO A 29 -1.44 -11.39 9.24
CA PRO A 29 -0.90 -10.43 10.18
C PRO A 29 0.62 -10.47 10.10
N GLU A 30 1.28 -11.52 10.62
CA GLU A 30 2.71 -11.56 10.92
C GLU A 30 3.15 -10.35 11.79
N ASP A 31 2.17 -9.59 12.29
CA ASP A 31 2.21 -8.17 12.69
C ASP A 31 2.95 -7.24 11.72
N TRP A 32 3.33 -7.79 10.57
CA TRP A 32 4.05 -7.11 9.50
C TRP A 32 3.18 -6.02 8.86
N ASP A 33 1.85 -6.19 8.91
CA ASP A 33 0.84 -5.28 8.40
C ASP A 33 0.77 -3.97 9.20
N LYS A 34 1.94 -3.34 9.30
CA LYS A 34 2.17 -2.05 9.89
C LYS A 34 1.73 -1.01 8.86
N PRO A 35 1.15 0.11 9.28
CA PRO A 35 0.69 1.13 8.37
C PRO A 35 1.86 1.81 7.68
N GLU A 36 1.59 2.40 6.51
CA GLU A 36 2.51 3.30 5.83
C GLU A 36 2.53 4.67 6.51
N HIS A 37 1.38 5.16 7.03
CA HIS A 37 1.31 6.46 7.63
C HIS A 37 0.56 6.35 8.96
N ILE A 38 1.04 7.08 9.96
CA ILE A 38 0.49 7.15 11.30
C ILE A 38 0.34 8.63 11.70
N PRO A 39 -0.84 9.06 12.17
CA PRO A 39 -1.08 10.45 12.54
C PRO A 39 -0.38 10.77 13.85
N ASP A 40 0.30 11.92 13.90
CA ASP A 40 1.15 12.29 15.02
C ASP A 40 0.35 12.45 16.33
N PRO A 41 0.62 11.62 17.36
CA PRO A 41 -0.10 11.71 18.62
C PRO A 41 0.10 13.05 19.32
N ASP A 42 1.19 13.78 19.06
CA ASP A 42 1.41 15.11 19.65
C ASP A 42 0.78 16.23 18.81
N ALA A 43 0.33 15.96 17.58
CA ALA A 43 -0.03 16.99 16.61
C ALA A 43 -1.19 17.78 17.14
N LYS A 44 -1.01 19.09 17.19
CA LYS A 44 -2.08 20.01 17.54
C LYS A 44 -2.61 20.63 16.27
N LYS A 45 -3.79 21.23 16.36
CA LYS A 45 -4.38 21.95 15.25
C LYS A 45 -4.41 23.45 15.55
N PRO A 46 -4.42 24.31 14.53
CA PRO A 46 -4.57 25.74 14.70
C PRO A 46 -5.88 26.13 15.42
N GLU A 47 -5.87 27.33 15.96
CA GLU A 47 -6.94 27.95 16.74
C GLU A 47 -7.68 29.01 15.92
N ASP A 48 -7.13 29.36 14.75
CA ASP A 48 -7.71 30.16 13.66
C ASP A 48 -8.29 29.22 12.57
N TRP A 49 -8.43 27.92 12.87
CA TRP A 49 -9.15 27.00 11.98
C TRP A 49 -10.66 27.16 12.15
N ASP A 50 -11.46 26.68 11.18
CA ASP A 50 -12.91 26.56 11.28
C ASP A 50 -13.33 25.22 10.66
N GLU A 51 -13.40 24.13 11.43
CA GLU A 51 -13.82 22.83 10.91
C GLU A 51 -15.30 22.85 10.52
N GLU A 52 -16.05 23.85 10.96
CA GLU A 52 -17.44 24.05 10.56
C GLU A 52 -17.58 24.68 9.18
N MET A 53 -16.48 25.15 8.58
CA MET A 53 -16.48 25.66 7.21
C MET A 53 -15.56 24.86 6.32
N ASP A 54 -14.40 24.42 6.84
CA ASP A 54 -13.54 23.52 6.10
C ASP A 54 -14.17 22.13 6.03
N GLY A 55 -14.74 21.71 7.16
CA GLY A 55 -15.37 20.41 7.34
C GLY A 55 -14.69 19.55 8.41
N GLU A 56 -13.38 19.63 8.54
CA GLU A 56 -12.57 18.98 9.56
C GLU A 56 -11.28 19.78 9.65
N TRP A 57 -10.34 19.40 10.52
CA TRP A 57 -8.97 19.92 10.42
C TRP A 57 -8.20 19.15 9.33
N GLU A 58 -7.30 18.22 9.71
CA GLU A 58 -6.25 17.58 8.88
C GLU A 58 -5.00 17.20 9.72
N PRO A 59 -5.07 16.17 10.56
CA PRO A 59 -3.95 15.72 11.39
C PRO A 59 -2.83 15.12 10.52
N PRO A 60 -1.60 15.64 10.59
CA PRO A 60 -0.51 15.21 9.71
C PRO A 60 0.11 13.89 10.09
N VAL A 61 0.81 13.30 9.13
CA VAL A 61 1.12 11.88 9.15
C VAL A 61 2.63 11.65 8.99
N ILE A 62 3.32 11.18 10.04
CA ILE A 62 4.74 10.81 10.00
C ILE A 62 5.00 9.37 9.53
N GLN A 63 5.85 9.15 8.53
CA GLN A 63 6.14 7.81 8.02
C GLN A 63 6.56 6.88 9.16
N ASN A 64 5.81 5.79 9.32
CA ASN A 64 5.98 4.81 10.37
C ASN A 64 7.39 4.18 10.27
N PRO A 65 8.23 4.20 11.33
CA PRO A 65 9.57 3.65 11.25
C PRO A 65 9.59 2.16 10.93
N GLU A 66 8.52 1.41 11.23
CA GLU A 66 8.43 -0.03 10.99
C GLU A 66 7.85 -0.32 9.59
N TYR A 67 7.72 0.71 8.74
CA TYR A 67 7.36 0.58 7.34
C TYR A 67 8.51 -0.06 6.57
N LYS A 68 8.31 -1.30 6.16
CA LYS A 68 9.29 -2.13 5.45
C LYS A 68 9.03 -2.12 3.95
N GLY A 69 8.17 -1.22 3.46
CA GLY A 69 7.59 -1.30 2.13
C GLY A 69 6.43 -2.24 2.19
N GLU A 70 5.36 -1.75 2.82
CA GLU A 70 4.06 -2.36 2.97
C GLU A 70 4.13 -3.85 3.28
N TRP A 71 3.22 -4.68 2.81
CA TRP A 71 3.14 -6.11 3.11
C TRP A 71 3.25 -6.95 1.86
N LYS A 72 4.39 -6.88 1.17
CA LYS A 72 4.60 -7.64 -0.04
C LYS A 72 5.39 -8.91 0.29
N PRO A 73 4.73 -10.04 0.59
CA PRO A 73 5.41 -11.30 0.90
C PRO A 73 6.23 -11.75 -0.31
N ARG A 74 5.53 -11.86 -1.43
CA ARG A 74 5.98 -12.47 -2.67
C ARG A 74 5.00 -12.03 -3.75
N GLN A 75 5.43 -11.16 -4.66
CA GLN A 75 4.68 -10.84 -5.88
C GLN A 75 5.07 -11.88 -6.93
N ILE A 76 4.07 -12.37 -7.64
CA ILE A 76 4.19 -13.39 -8.67
C ILE A 76 3.41 -12.82 -9.86
N ASP A 77 3.91 -13.03 -11.07
CA ASP A 77 3.36 -12.43 -12.29
C ASP A 77 2.14 -13.27 -12.66
N ASN A 78 0.93 -12.73 -12.49
CA ASN A 78 -0.27 -13.56 -12.56
C ASN A 78 -0.61 -13.86 -14.03
N PRO A 79 -1.28 -14.98 -14.36
CA PRO A 79 -1.50 -15.40 -15.75
C PRO A 79 -2.31 -14.37 -16.54
N ASP A 80 -3.53 -14.08 -16.07
CA ASP A 80 -4.49 -13.15 -16.66
C ASP A 80 -5.16 -12.45 -15.49
N TYR A 81 -5.18 -11.13 -15.50
CA TYR A 81 -5.79 -10.28 -14.50
C TYR A 81 -6.60 -9.23 -15.26
N LYS A 82 -5.92 -8.41 -16.08
CA LYS A 82 -6.51 -7.35 -16.89
C LYS A 82 -5.74 -7.15 -18.19
N GLY A 83 -4.43 -6.94 -18.11
CA GLY A 83 -3.63 -6.48 -19.25
C GLY A 83 -3.55 -4.96 -19.22
N THR A 84 -2.87 -4.43 -18.21
CA THR A 84 -2.46 -3.04 -18.01
C THR A 84 -2.04 -2.47 -19.38
N TRP A 85 -2.64 -1.35 -19.79
CA TRP A 85 -2.42 -0.80 -21.12
C TRP A 85 -0.96 -0.42 -21.28
N ILE A 86 -0.56 0.64 -20.58
CA ILE A 86 0.76 1.18 -20.29
C ILE A 86 0.54 2.63 -19.90
N HIS A 87 0.23 2.86 -18.63
CA HIS A 87 0.14 4.23 -18.16
C HIS A 87 1.56 4.81 -18.13
N PRO A 88 1.77 6.03 -18.62
CA PRO A 88 3.06 6.69 -18.50
C PRO A 88 3.25 7.18 -17.06
N GLU A 89 3.83 6.36 -16.18
CA GLU A 89 4.25 6.76 -14.83
C GLU A 89 5.02 8.08 -14.92
N ILE A 90 4.66 9.06 -14.10
CA ILE A 90 5.26 10.40 -14.14
C ILE A 90 6.33 10.46 -13.05
N ASP A 91 7.43 11.19 -13.29
CA ASP A 91 8.54 11.37 -12.35
C ASP A 91 8.01 12.14 -11.13
N ASN A 92 7.67 11.41 -10.05
CA ASN A 92 6.99 11.90 -8.84
C ASN A 92 7.59 13.24 -8.36
N PRO A 93 6.83 14.34 -8.34
CA PRO A 93 7.31 15.63 -7.87
C PRO A 93 7.61 15.64 -6.35
N GLU A 94 7.04 14.71 -5.59
CA GLU A 94 7.28 14.49 -4.16
C GLU A 94 8.40 13.46 -3.95
N TYR A 95 9.14 13.07 -5.00
CA TYR A 95 10.27 12.16 -4.90
C TYR A 95 11.43 12.83 -4.17
N SER A 96 11.93 13.91 -4.78
CA SER A 96 13.29 14.44 -4.66
C SER A 96 14.38 13.39 -4.96
N PRO A 97 15.33 13.68 -5.87
CA PRO A 97 16.55 12.90 -5.95
C PRO A 97 17.40 13.16 -4.69
N ASP A 98 17.60 14.44 -4.36
CA ASP A 98 18.42 14.91 -3.26
C ASP A 98 17.81 16.24 -2.81
N ALA A 99 18.35 17.39 -3.21
CA ALA A 99 17.77 18.70 -2.97
C ALA A 99 18.03 19.57 -4.20
N ASN A 100 17.19 19.43 -5.23
CA ASN A 100 17.24 20.24 -6.46
C ASN A 100 15.92 20.12 -7.23
N ILE A 101 15.46 18.88 -7.40
CA ILE A 101 14.31 18.43 -8.20
C ILE A 101 14.28 19.14 -9.56
N SER A 1 11.59 1.83 -6.99
CA SER A 1 12.60 1.50 -8.00
C SER A 1 12.77 2.67 -8.93
N LYS A 2 13.87 2.70 -9.67
CA LYS A 2 14.08 3.78 -10.62
C LYS A 2 13.32 3.57 -11.92
N LYS A 3 13.11 2.32 -12.35
CA LYS A 3 12.17 1.97 -13.42
C LYS A 3 10.77 1.90 -12.85
N ILE A 4 10.26 0.79 -12.30
CA ILE A 4 8.89 0.66 -11.75
C ILE A 4 7.79 0.72 -12.85
N LYS A 5 7.01 -0.36 -12.96
CA LYS A 5 5.97 -0.52 -13.99
C LYS A 5 5.05 0.70 -13.98
N ASP A 6 4.73 1.22 -15.16
CA ASP A 6 3.93 2.43 -15.33
C ASP A 6 2.97 2.21 -16.52
N PRO A 7 2.01 3.10 -16.80
CA PRO A 7 1.08 2.97 -17.91
C PRO A 7 1.70 3.47 -19.21
N ASP A 8 2.71 4.35 -19.15
CA ASP A 8 3.45 4.77 -20.34
C ASP A 8 4.15 3.58 -20.98
N ALA A 9 4.36 2.51 -20.21
CA ALA A 9 4.80 1.23 -20.71
C ALA A 9 3.66 0.46 -21.42
N ALA A 10 2.65 1.18 -21.93
CA ALA A 10 1.47 0.68 -22.63
C ALA A 10 0.75 -0.48 -21.92
N LYS A 11 0.86 -0.57 -20.59
CA LYS A 11 0.34 -1.72 -19.87
C LYS A 11 -1.18 -1.72 -19.97
N PRO A 12 -1.82 -2.89 -20.17
CA PRO A 12 -3.24 -3.04 -19.92
C PRO A 12 -3.58 -2.78 -18.46
N GLU A 13 -4.87 -2.66 -18.22
CA GLU A 13 -5.58 -2.77 -16.95
C GLU A 13 -5.40 -4.19 -16.36
N ASP A 14 -4.16 -4.59 -16.08
CA ASP A 14 -3.93 -5.43 -14.91
C ASP A 14 -4.42 -6.85 -15.17
N TRP A 15 -4.19 -7.28 -16.41
CA TRP A 15 -4.51 -8.55 -17.04
C TRP A 15 -3.73 -9.69 -16.37
N ASP A 16 -3.92 -9.87 -15.06
CA ASP A 16 -3.29 -10.89 -14.23
C ASP A 16 -1.79 -11.02 -14.45
N GLU A 17 -1.13 -9.87 -14.59
CA GLU A 17 0.32 -9.70 -14.71
C GLU A 17 0.95 -9.91 -13.32
N ARG A 18 0.74 -11.08 -12.71
CA ARG A 18 1.33 -11.46 -11.43
C ARG A 18 1.70 -12.93 -11.49
N ALA A 19 2.96 -13.19 -11.81
CA ALA A 19 3.56 -14.51 -11.70
C ALA A 19 3.46 -15.06 -10.27
N LYS A 20 3.58 -14.17 -9.30
CA LYS A 20 3.49 -14.44 -7.88
C LYS A 20 2.57 -13.37 -7.32
N ILE A 21 1.70 -13.75 -6.38
CA ILE A 21 0.60 -12.93 -5.90
C ILE A 21 0.78 -12.67 -4.41
N ASP A 22 -0.08 -11.85 -3.83
CA ASP A 22 0.07 -11.39 -2.46
C ASP A 22 -1.21 -11.76 -1.72
N ASP A 23 -1.15 -12.82 -0.92
CA ASP A 23 -2.24 -13.46 -0.18
C ASP A 23 -3.33 -14.04 -1.09
N PRO A 24 -3.20 -15.32 -1.49
CA PRO A 24 -4.28 -16.04 -2.14
C PRO A 24 -5.33 -16.57 -1.16
N THR A 25 -4.94 -17.00 0.05
CA THR A 25 -5.80 -17.79 0.92
C THR A 25 -5.39 -17.70 2.41
N ASP A 26 -4.48 -16.81 2.75
CA ASP A 26 -4.04 -16.50 4.11
C ASP A 26 -4.83 -15.29 4.62
N SER A 27 -4.41 -14.66 5.72
CA SER A 27 -4.99 -13.44 6.27
C SER A 27 -3.89 -12.62 6.95
N LYS A 28 -4.22 -11.47 7.50
CA LYS A 28 -3.27 -10.60 8.21
C LYS A 28 -2.69 -11.37 9.41
N PRO A 29 -1.39 -11.74 9.43
CA PRO A 29 -0.82 -12.51 10.53
C PRO A 29 -0.64 -11.70 11.83
N GLU A 30 -1.16 -10.46 11.89
CA GLU A 30 -0.78 -9.33 12.72
C GLU A 30 0.69 -8.92 12.55
N ASP A 31 1.63 -9.85 12.53
CA ASP A 31 3.06 -9.68 12.79
C ASP A 31 3.83 -8.76 11.86
N TRP A 32 3.26 -8.44 10.70
CA TRP A 32 3.69 -7.32 9.88
C TRP A 32 2.92 -6.10 10.36
N ASP A 33 1.70 -5.91 9.82
CA ASP A 33 0.75 -4.83 10.03
C ASP A 33 1.36 -3.43 10.16
N LYS A 34 2.46 -3.17 9.46
CA LYS A 34 3.12 -1.87 9.46
C LYS A 34 2.42 -0.99 8.42
N PRO A 35 1.65 0.04 8.84
CA PRO A 35 1.10 1.03 7.90
C PRO A 35 2.22 1.83 7.24
N GLU A 36 1.86 2.60 6.22
CA GLU A 36 2.77 3.49 5.52
C GLU A 36 2.87 4.82 6.27
N HIS A 37 1.73 5.40 6.65
CA HIS A 37 1.66 6.74 7.23
C HIS A 37 0.91 6.59 8.54
N ILE A 38 1.44 7.18 9.61
CA ILE A 38 0.90 7.14 10.96
C ILE A 38 0.70 8.57 11.46
N PRO A 39 -0.44 8.89 12.09
CA PRO A 39 -0.74 10.24 12.53
C PRO A 39 0.15 10.60 13.73
N ASP A 40 0.75 11.78 13.70
CA ASP A 40 1.62 12.34 14.75
C ASP A 40 0.83 12.40 16.05
N PRO A 41 1.34 11.86 17.17
CA PRO A 41 0.61 11.80 18.43
C PRO A 41 0.36 13.19 19.02
N ASP A 42 1.28 14.12 18.79
CA ASP A 42 1.36 15.40 19.48
C ASP A 42 0.78 16.53 18.65
N ALA A 43 0.18 16.18 17.52
CA ALA A 43 -0.41 17.06 16.54
C ALA A 43 -1.64 17.71 17.14
N LYS A 44 -1.40 18.92 17.61
CA LYS A 44 -2.42 19.89 17.93
C LYS A 44 -2.88 20.50 16.62
N LYS A 45 -4.10 21.02 16.58
CA LYS A 45 -4.58 21.81 15.46
C LYS A 45 -4.59 23.27 15.83
N PRO A 46 -4.69 24.19 14.86
CA PRO A 46 -4.97 25.58 15.17
C PRO A 46 -6.32 25.69 15.87
N GLU A 47 -6.31 26.52 16.91
CA GLU A 47 -7.46 27.19 17.50
C GLU A 47 -8.00 28.29 16.59
N ASP A 48 -7.24 28.65 15.54
CA ASP A 48 -7.53 29.65 14.51
C ASP A 48 -8.21 28.96 13.30
N TRP A 49 -8.76 27.77 13.51
CA TRP A 49 -9.43 26.95 12.51
C TRP A 49 -10.97 26.94 12.62
N ASP A 50 -11.68 26.81 11.50
CA ASP A 50 -13.11 26.53 11.37
C ASP A 50 -13.24 25.23 10.58
N GLU A 51 -13.52 24.08 11.20
CA GLU A 51 -13.85 22.85 10.46
C GLU A 51 -15.29 22.89 9.98
N GLU A 52 -16.10 23.77 10.56
CA GLU A 52 -17.46 24.03 10.15
C GLU A 52 -17.50 24.80 8.84
N MET A 53 -16.35 25.29 8.36
CA MET A 53 -16.23 25.75 6.99
C MET A 53 -15.24 24.92 6.20
N ASP A 54 -14.08 24.56 6.79
CA ASP A 54 -13.09 23.82 6.02
C ASP A 54 -13.55 22.39 5.78
N GLY A 55 -14.35 21.86 6.71
CA GLY A 55 -14.94 20.53 6.62
C GLY A 55 -14.46 19.61 7.74
N GLU A 56 -13.19 19.70 8.13
CA GLU A 56 -12.49 18.98 9.17
C GLU A 56 -11.13 19.66 9.21
N TRP A 57 -10.30 19.33 10.20
CA TRP A 57 -8.95 19.86 10.21
C TRP A 57 -8.11 19.14 9.16
N GLU A 58 -7.25 18.20 9.57
CA GLU A 58 -6.12 17.61 8.80
C GLU A 58 -4.98 17.26 9.77
N PRO A 59 -5.12 16.15 10.50
CA PRO A 59 -4.07 15.66 11.37
C PRO A 59 -2.87 15.26 10.49
N PRO A 60 -1.67 15.77 10.79
CA PRO A 60 -0.48 15.38 10.08
C PRO A 60 -0.19 13.93 10.36
N VAL A 61 0.19 13.27 9.29
CA VAL A 61 0.84 11.98 9.33
C VAL A 61 2.32 12.20 9.11
N ILE A 62 3.10 11.23 9.58
CA ILE A 62 4.50 11.07 9.27
C ILE A 62 4.68 9.64 8.78
N GLN A 63 5.82 9.36 8.14
CA GLN A 63 6.15 7.99 7.76
C GLN A 63 6.34 7.16 9.03
N ASN A 64 5.91 5.90 8.96
CA ASN A 64 6.08 4.89 9.97
C ASN A 64 7.56 4.46 9.98
N PRO A 65 8.25 4.45 11.13
CA PRO A 65 9.63 3.98 11.20
C PRO A 65 9.76 2.48 10.88
N GLU A 66 8.68 1.72 10.98
CA GLU A 66 8.68 0.27 10.81
C GLU A 66 8.28 -0.17 9.40
N TYR A 67 8.08 0.77 8.48
CA TYR A 67 7.58 0.51 7.13
C TYR A 67 8.62 -0.28 6.31
N LYS A 68 8.67 -1.60 6.55
CA LYS A 68 9.39 -2.57 5.73
C LYS A 68 9.04 -2.37 4.27
N GLY A 69 7.74 -2.25 4.07
CA GLY A 69 7.02 -2.27 2.85
C GLY A 69 5.60 -2.67 3.20
N GLU A 70 4.78 -2.88 2.18
CA GLU A 70 3.42 -2.36 2.22
C GLU A 70 2.41 -3.50 2.43
N TRP A 71 2.46 -4.13 3.61
CA TRP A 71 1.83 -5.42 3.92
C TRP A 71 2.00 -6.35 2.71
N LYS A 72 3.23 -6.66 2.36
CA LYS A 72 3.46 -7.67 1.35
C LYS A 72 3.50 -9.03 2.05
N PRO A 73 2.40 -9.80 2.06
CA PRO A 73 2.36 -11.15 2.60
C PRO A 73 3.28 -12.06 1.79
N ARG A 74 3.30 -13.34 2.16
CA ARG A 74 3.92 -14.42 1.40
C ARG A 74 3.62 -14.26 -0.09
N GLN A 75 4.64 -13.90 -0.87
CA GLN A 75 4.59 -14.04 -2.31
C GLN A 75 4.88 -15.49 -2.60
N ILE A 76 3.97 -16.14 -3.32
CA ILE A 76 4.03 -17.56 -3.64
C ILE A 76 3.87 -17.67 -5.16
N ASP A 77 4.45 -18.71 -5.75
CA ASP A 77 4.47 -18.94 -7.20
C ASP A 77 3.07 -19.31 -7.64
N ASN A 78 2.43 -18.50 -8.48
CA ASN A 78 1.13 -18.81 -9.08
C ASN A 78 1.39 -19.46 -10.44
N PRO A 79 1.08 -20.74 -10.66
CA PRO A 79 1.37 -21.41 -11.93
C PRO A 79 0.44 -20.96 -13.07
N ASP A 80 -0.46 -20.01 -12.85
CA ASP A 80 -1.81 -20.00 -13.41
C ASP A 80 -2.16 -18.64 -14.00
N TYR A 81 -1.17 -17.86 -14.47
CA TYR A 81 -1.27 -16.41 -14.64
C TYR A 81 -0.97 -15.99 -16.07
N LYS A 82 -1.34 -14.78 -16.47
CA LYS A 82 -1.14 -14.32 -17.84
C LYS A 82 0.32 -13.90 -17.98
N GLY A 83 1.12 -14.72 -18.67
CA GLY A 83 2.54 -14.52 -18.89
C GLY A 83 2.83 -13.09 -19.37
N THR A 84 3.41 -12.26 -18.51
CA THR A 84 3.73 -10.85 -18.67
C THR A 84 4.28 -10.58 -20.08
N TRP A 85 3.57 -9.77 -20.90
CA TRP A 85 3.82 -9.65 -22.34
C TRP A 85 5.25 -9.25 -22.64
N ILE A 86 5.61 -8.02 -22.26
CA ILE A 86 6.92 -7.39 -22.11
C ILE A 86 6.66 -5.90 -22.17
N HIS A 87 6.25 -5.34 -21.02
CA HIS A 87 6.10 -3.90 -20.97
C HIS A 87 7.48 -3.26 -20.98
N PRO A 88 7.67 -2.15 -21.70
CA PRO A 88 8.87 -1.35 -21.63
C PRO A 88 8.84 -0.47 -20.38
N GLU A 89 9.33 -1.04 -19.27
CA GLU A 89 9.52 -0.40 -17.99
C GLU A 89 10.12 1.01 -18.15
N ILE A 90 9.30 2.05 -17.88
CA ILE A 90 9.70 3.47 -17.87
C ILE A 90 10.43 3.78 -16.56
N ASP A 91 11.23 4.84 -16.54
CA ASP A 91 11.93 5.41 -15.40
C ASP A 91 11.01 6.26 -14.51
N ASN A 92 10.48 5.64 -13.44
CA ASN A 92 9.68 6.13 -12.32
C ASN A 92 9.83 7.63 -12.11
N PRO A 93 8.81 8.45 -12.43
CA PRO A 93 8.86 9.90 -12.23
C PRO A 93 9.06 10.32 -10.76
N GLU A 94 8.76 9.47 -9.76
CA GLU A 94 8.96 9.77 -8.35
C GLU A 94 10.37 9.37 -7.85
N TYR A 95 11.24 8.83 -8.71
CA TYR A 95 12.50 8.25 -8.29
C TYR A 95 13.41 9.33 -7.68
N SER A 96 13.65 10.43 -8.39
CA SER A 96 14.64 11.47 -8.10
C SER A 96 16.00 10.89 -7.66
N PRO A 97 16.97 10.66 -8.58
CA PRO A 97 18.28 10.16 -8.22
C PRO A 97 18.97 11.06 -7.20
N ASP A 98 18.88 12.39 -7.35
CA ASP A 98 19.18 13.30 -6.26
C ASP A 98 18.23 14.50 -6.37
N ALA A 99 18.64 15.62 -6.96
CA ALA A 99 17.77 16.76 -7.25
C ALA A 99 17.01 16.52 -8.51
N ASN A 100 15.91 15.79 -8.33
CA ASN A 100 15.07 15.28 -9.39
C ASN A 100 15.90 14.43 -10.34
N ILE A 101 15.23 14.02 -11.41
CA ILE A 101 15.77 13.23 -12.50
C ILE A 101 16.39 14.24 -13.47
N SER A 1 17.75 -4.53 -14.61
CA SER A 1 16.81 -4.64 -15.74
C SER A 1 17.50 -5.29 -16.94
N LYS A 2 17.17 -4.83 -18.15
CA LYS A 2 17.15 -5.62 -19.39
C LYS A 2 15.99 -6.63 -19.32
N LYS A 3 15.71 -7.31 -20.43
CA LYS A 3 14.67 -8.34 -20.64
C LYS A 3 13.65 -8.48 -19.51
N ILE A 4 12.52 -7.79 -19.67
CA ILE A 4 11.50 -7.72 -18.65
C ILE A 4 10.18 -8.33 -19.16
N LYS A 5 9.23 -8.52 -18.25
CA LYS A 5 7.89 -9.01 -18.56
C LYS A 5 7.17 -7.88 -19.33
N ASP A 6 6.60 -8.20 -20.49
CA ASP A 6 5.95 -7.23 -21.40
C ASP A 6 4.73 -7.93 -22.02
N PRO A 7 3.78 -7.24 -22.68
CA PRO A 7 2.59 -7.88 -23.25
C PRO A 7 2.89 -8.58 -24.57
N ASP A 8 3.95 -8.16 -25.27
CA ASP A 8 4.44 -8.85 -26.46
C ASP A 8 4.84 -10.28 -26.10
N ALA A 9 5.28 -10.50 -24.85
CA ALA A 9 5.49 -11.81 -24.25
C ALA A 9 4.23 -12.68 -24.14
N ALA A 10 3.11 -12.26 -24.74
CA ALA A 10 1.83 -12.93 -24.75
C ALA A 10 1.31 -13.18 -23.33
N LYS A 11 1.71 -12.35 -22.37
CA LYS A 11 1.30 -12.47 -20.98
C LYS A 11 -0.24 -12.49 -20.93
N PRO A 12 -0.88 -13.58 -20.51
CA PRO A 12 -2.33 -13.67 -20.48
C PRO A 12 -2.90 -12.74 -19.41
N GLU A 13 -4.23 -12.73 -19.31
CA GLU A 13 -4.99 -11.87 -18.41
C GLU A 13 -4.85 -12.23 -16.92
N ASP A 14 -3.76 -12.85 -16.46
CA ASP A 14 -3.49 -13.18 -15.06
C ASP A 14 -3.90 -14.63 -14.80
N TRP A 15 -3.29 -15.55 -15.55
CA TRP A 15 -3.61 -16.98 -15.56
C TRP A 15 -3.16 -17.71 -14.29
N ASP A 16 -3.55 -17.19 -13.13
CA ASP A 16 -3.19 -17.56 -11.76
C ASP A 16 -1.70 -17.40 -11.46
N GLU A 17 -0.93 -16.93 -12.43
CA GLU A 17 0.51 -16.91 -12.45
C GLU A 17 1.10 -16.04 -11.34
N ARG A 18 1.35 -16.65 -10.19
CA ARG A 18 1.94 -16.02 -9.00
C ARG A 18 3.01 -16.88 -8.35
N ALA A 19 2.90 -18.21 -8.44
CA ALA A 19 3.53 -19.22 -7.61
C ALA A 19 3.06 -19.10 -6.17
N LYS A 20 3.21 -17.93 -5.57
CA LYS A 20 3.04 -17.75 -4.13
C LYS A 20 2.07 -16.62 -3.88
N ILE A 21 1.30 -16.72 -2.81
CA ILE A 21 0.13 -15.87 -2.56
C ILE A 21 0.25 -15.27 -1.15
N ASP A 22 -0.58 -14.26 -0.85
CA ASP A 22 -0.68 -13.63 0.46
C ASP A 22 -2.10 -13.75 1.00
N ASP A 23 -2.17 -14.21 2.25
CA ASP A 23 -3.34 -14.49 3.07
C ASP A 23 -4.39 -15.44 2.45
N PRO A 24 -4.15 -16.76 2.52
CA PRO A 24 -5.01 -17.72 1.88
C PRO A 24 -6.32 -18.01 2.63
N THR A 25 -6.40 -17.74 3.95
CA THR A 25 -7.51 -18.14 4.82
C THR A 25 -7.31 -17.66 6.28
N ASP A 26 -6.56 -16.59 6.52
CA ASP A 26 -6.20 -16.14 7.87
C ASP A 26 -6.62 -14.67 8.02
N SER A 27 -5.86 -13.81 8.68
CA SER A 27 -6.20 -12.41 8.93
C SER A 27 -4.92 -11.64 9.20
N LYS A 28 -5.06 -10.34 9.44
CA LYS A 28 -3.99 -9.45 9.82
C LYS A 28 -3.48 -9.90 11.19
N PRO A 29 -2.26 -10.45 11.31
CA PRO A 29 -1.79 -11.08 12.55
C PRO A 29 -1.53 -10.10 13.70
N GLU A 30 -1.85 -8.81 13.53
CA GLU A 30 -1.53 -7.64 14.35
C GLU A 30 -0.02 -7.35 14.47
N ASP A 31 0.83 -8.37 14.45
CA ASP A 31 2.29 -8.36 14.57
C ASP A 31 3.00 -7.73 13.36
N TRP A 32 2.22 -7.21 12.42
CA TRP A 32 2.68 -6.32 11.38
C TRP A 32 1.89 -5.05 11.54
N ASP A 33 0.80 -4.85 10.78
CA ASP A 33 0.16 -3.56 10.60
C ASP A 33 1.16 -2.39 10.65
N LYS A 34 2.14 -2.39 9.74
CA LYS A 34 3.21 -1.40 9.68
C LYS A 34 2.91 -0.49 8.48
N PRO A 35 2.06 0.53 8.63
CA PRO A 35 1.67 1.37 7.51
C PRO A 35 2.84 2.23 7.05
N GLU A 36 2.72 2.75 5.82
CA GLU A 36 3.64 3.70 5.21
C GLU A 36 3.67 5.00 6.00
N HIS A 37 2.48 5.57 6.22
CA HIS A 37 2.29 6.83 6.89
C HIS A 37 1.43 6.56 8.11
N ILE A 38 1.84 7.15 9.23
CA ILE A 38 1.14 7.18 10.49
C ILE A 38 0.78 8.64 10.74
N PRO A 39 -0.42 8.95 11.26
CA PRO A 39 -0.76 10.32 11.58
C PRO A 39 0.05 10.72 12.81
N ASP A 40 0.52 11.96 12.84
CA ASP A 40 1.42 12.44 13.87
C ASP A 40 0.73 12.42 15.24
N PRO A 41 1.24 11.65 16.22
CA PRO A 41 0.52 11.38 17.45
C PRO A 41 0.41 12.63 18.33
N ASP A 42 1.15 13.69 18.04
CA ASP A 42 1.19 14.92 18.79
C ASP A 42 0.79 16.13 17.94
N ALA A 43 0.16 15.91 16.78
CA ALA A 43 -0.41 16.97 15.96
C ALA A 43 -1.60 17.63 16.69
N LYS A 44 -1.37 18.65 17.51
CA LYS A 44 -2.43 19.44 18.12
C LYS A 44 -2.91 20.44 17.07
N LYS A 45 -4.18 20.37 16.64
CA LYS A 45 -4.71 21.33 15.68
C LYS A 45 -4.75 22.73 16.28
N PRO A 46 -4.80 23.79 15.46
CA PRO A 46 -5.03 25.12 16.01
C PRO A 46 -6.45 25.21 16.57
N GLU A 47 -6.60 25.98 17.64
CA GLU A 47 -7.87 26.31 18.27
C GLU A 47 -8.58 27.45 17.54
N ASP A 48 -7.86 28.14 16.64
CA ASP A 48 -8.35 29.22 15.77
C ASP A 48 -8.91 28.63 14.46
N TRP A 49 -8.92 27.30 14.35
CA TRP A 49 -9.45 26.59 13.19
C TRP A 49 -10.95 26.33 13.35
N ASP A 50 -11.70 26.39 12.26
CA ASP A 50 -13.10 25.98 12.23
C ASP A 50 -13.30 24.94 11.14
N GLU A 51 -13.54 23.70 11.56
CA GLU A 51 -13.77 22.56 10.68
C GLU A 51 -15.18 22.61 10.09
N GLU A 52 -16.08 23.43 10.59
CA GLU A 52 -17.39 23.62 9.96
C GLU A 52 -17.20 24.36 8.64
N MET A 53 -16.23 25.27 8.58
CA MET A 53 -16.03 26.10 7.42
C MET A 53 -15.06 25.42 6.48
N ASP A 54 -13.93 24.92 7.01
CA ASP A 54 -12.94 24.23 6.20
C ASP A 54 -13.43 22.85 5.78
N GLY A 55 -14.27 22.24 6.60
CA GLY A 55 -14.92 20.94 6.36
C GLY A 55 -14.28 19.79 7.13
N GLU A 56 -13.05 19.95 7.61
CA GLU A 56 -12.39 19.15 8.64
C GLU A 56 -11.21 20.01 9.12
N TRP A 57 -10.35 19.50 9.99
CA TRP A 57 -9.07 20.14 10.21
C TRP A 57 -8.12 19.74 9.07
N GLU A 58 -7.18 18.83 9.31
CA GLU A 58 -6.07 18.46 8.40
C GLU A 58 -4.89 17.88 9.18
N PRO A 59 -5.02 16.65 9.67
CA PRO A 59 -4.00 16.03 10.47
C PRO A 59 -2.81 15.65 9.58
N PRO A 60 -1.57 16.02 9.95
CA PRO A 60 -0.41 15.60 9.20
C PRO A 60 -0.13 14.11 9.39
N VAL A 61 0.67 13.58 8.47
CA VAL A 61 1.26 12.26 8.58
C VAL A 61 2.78 12.36 8.51
N ILE A 62 3.45 11.34 9.03
CA ILE A 62 4.87 11.15 8.89
C ILE A 62 5.11 9.68 8.49
N GLN A 63 6.27 9.40 7.89
CA GLN A 63 6.68 8.04 7.58
C GLN A 63 6.90 7.26 8.85
N ASN A 64 6.32 6.06 8.91
CA ASN A 64 6.46 5.19 10.07
C ASN A 64 7.89 4.63 10.09
N PRO A 65 8.64 4.72 11.20
CA PRO A 65 9.89 3.98 11.37
C PRO A 65 9.70 2.47 11.16
N GLU A 66 8.52 1.95 11.49
CA GLU A 66 8.23 0.53 11.39
C GLU A 66 7.86 0.11 9.96
N TYR A 67 7.66 1.07 9.04
CA TYR A 67 7.26 0.85 7.66
C TYR A 67 8.15 -0.23 7.06
N LYS A 68 7.53 -1.35 6.70
CA LYS A 68 8.12 -2.42 5.90
C LYS A 68 7.33 -2.42 4.60
N GLY A 69 7.94 -2.89 3.50
CA GLY A 69 7.40 -2.87 2.14
C GLY A 69 5.87 -2.87 2.07
N GLU A 70 5.23 -3.96 2.50
CA GLU A 70 3.78 -4.14 2.47
C GLU A 70 3.38 -5.06 3.63
N TRP A 71 2.09 -5.09 3.99
CA TRP A 71 1.39 -6.13 4.76
C TRP A 71 1.56 -7.54 4.21
N LYS A 72 2.79 -8.07 4.22
CA LYS A 72 2.94 -9.50 3.97
C LYS A 72 2.57 -10.23 5.26
N PRO A 73 1.56 -11.10 5.23
CA PRO A 73 1.20 -11.97 6.34
C PRO A 73 2.13 -13.17 6.42
N ARG A 74 2.34 -13.79 5.26
CA ARG A 74 3.07 -15.01 4.98
C ARG A 74 2.96 -15.26 3.48
N GLN A 75 3.91 -15.99 2.88
CA GLN A 75 3.85 -16.37 1.48
C GLN A 75 3.82 -17.90 1.44
N ILE A 76 2.72 -18.46 0.94
CA ILE A 76 2.56 -19.90 0.76
C ILE A 76 2.90 -20.24 -0.70
N ASP A 77 3.17 -21.50 -0.99
CA ASP A 77 3.55 -22.04 -2.29
C ASP A 77 2.33 -22.78 -2.85
N ASN A 78 1.61 -22.11 -3.75
CA ASN A 78 0.29 -22.53 -4.18
C ASN A 78 0.39 -23.39 -5.44
N PRO A 79 0.14 -24.71 -5.41
CA PRO A 79 0.39 -25.57 -6.56
C PRO A 79 -0.48 -25.23 -7.77
N ASP A 80 -1.72 -24.76 -7.56
CA ASP A 80 -2.70 -24.46 -8.61
C ASP A 80 -2.48 -23.08 -9.26
N TYR A 81 -1.25 -22.54 -9.22
CA TYR A 81 -0.91 -21.25 -9.79
C TYR A 81 -0.63 -21.26 -11.30
N LYS A 82 -0.62 -22.44 -11.93
CA LYS A 82 -0.33 -22.65 -13.34
C LYS A 82 1.07 -22.11 -13.67
N GLY A 83 2.07 -22.96 -13.45
CA GLY A 83 3.47 -22.69 -13.74
C GLY A 83 3.63 -21.94 -15.04
N THR A 84 4.29 -20.78 -14.95
CA THR A 84 4.53 -19.87 -16.06
C THR A 84 5.07 -20.68 -17.24
N TRP A 85 4.43 -20.61 -18.41
CA TRP A 85 4.74 -21.44 -19.56
C TRP A 85 6.19 -21.23 -19.99
N ILE A 86 6.47 -20.11 -20.67
CA ILE A 86 7.78 -19.49 -20.77
C ILE A 86 7.55 -18.19 -21.52
N HIS A 87 7.13 -17.14 -20.80
CA HIS A 87 6.92 -15.86 -21.46
C HIS A 87 8.28 -15.33 -21.94
N PRO A 88 8.41 -14.91 -23.21
CA PRO A 88 9.62 -14.28 -23.70
C PRO A 88 9.72 -12.89 -23.09
N GLU A 89 10.54 -12.74 -22.05
CA GLU A 89 10.89 -11.45 -21.48
C GLU A 89 11.54 -10.60 -22.59
N ILE A 90 10.90 -9.51 -23.01
CA ILE A 90 11.39 -8.71 -24.13
C ILE A 90 12.44 -7.75 -23.60
N ASP A 91 13.53 -7.53 -24.33
CA ASP A 91 14.64 -6.67 -23.93
C ASP A 91 14.15 -5.26 -23.65
N ASN A 92 13.98 -4.96 -22.35
CA ASN A 92 13.28 -3.78 -21.86
C ASN A 92 13.77 -2.54 -22.60
N PRO A 93 12.92 -1.85 -23.38
CA PRO A 93 13.33 -0.66 -24.10
C PRO A 93 13.85 0.42 -23.13
N GLU A 94 13.31 0.48 -21.92
CA GLU A 94 13.70 1.38 -20.84
C GLU A 94 14.79 0.74 -19.96
N TYR A 95 15.56 -0.22 -20.47
CA TYR A 95 16.67 -0.79 -19.74
C TYR A 95 17.78 0.23 -19.61
N SER A 96 18.23 0.76 -20.76
CA SER A 96 19.39 1.64 -20.95
C SER A 96 20.08 2.05 -19.64
N PRO A 97 21.04 1.26 -19.16
CA PRO A 97 21.83 1.67 -18.02
C PRO A 97 22.68 2.87 -18.44
N ASP A 98 23.16 2.84 -19.69
CA ASP A 98 23.73 3.94 -20.41
C ASP A 98 23.36 3.76 -21.88
N ALA A 99 24.14 3.02 -22.68
CA ALA A 99 24.06 3.02 -24.15
C ALA A 99 24.23 1.62 -24.77
N ASN A 100 23.94 0.54 -24.03
CA ASN A 100 23.94 -0.85 -24.51
C ASN A 100 22.64 -1.48 -24.03
N ILE A 101 21.93 -2.23 -24.89
CA ILE A 101 20.80 -3.06 -24.48
C ILE A 101 21.25 -4.49 -24.72
N SER A 1 7.69 8.15 -8.09
CA SER A 1 8.60 8.19 -9.23
C SER A 1 7.82 8.52 -10.51
N LYS A 2 8.52 9.02 -11.52
CA LYS A 2 8.02 9.07 -12.89
C LYS A 2 8.21 7.68 -13.52
N LYS A 3 8.96 7.58 -14.63
CA LYS A 3 9.05 6.42 -15.53
C LYS A 3 8.92 5.08 -14.83
N ILE A 4 7.92 4.29 -15.22
CA ILE A 4 7.55 3.06 -14.57
C ILE A 4 7.20 1.99 -15.62
N LYS A 5 6.98 0.77 -15.15
CA LYS A 5 6.64 -0.43 -15.90
C LYS A 5 5.16 -0.41 -16.23
N ASP A 6 4.84 -0.45 -17.52
CA ASP A 6 3.50 -0.13 -18.01
C ASP A 6 3.31 -0.79 -19.40
N PRO A 7 2.10 -0.78 -20.00
CA PRO A 7 1.68 -1.66 -21.10
C PRO A 7 2.03 -1.18 -22.51
N ASP A 8 2.00 0.15 -22.73
CA ASP A 8 2.45 0.82 -23.95
C ASP A 8 3.87 0.42 -24.27
N ALA A 9 4.68 0.24 -23.22
CA ALA A 9 6.06 -0.17 -23.26
C ALA A 9 6.20 -1.66 -23.63
N ALA A 10 5.33 -2.14 -24.53
CA ALA A 10 5.17 -3.50 -25.03
C ALA A 10 5.38 -4.57 -23.95
N LYS A 11 4.91 -4.32 -22.73
CA LYS A 11 5.00 -5.23 -21.60
C LYS A 11 3.95 -6.32 -21.79
N PRO A 12 4.30 -7.58 -22.08
CA PRO A 12 3.36 -8.68 -21.91
C PRO A 12 3.19 -8.88 -20.40
N GLU A 13 2.06 -8.51 -19.81
CA GLU A 13 1.79 -8.72 -18.38
C GLU A 13 1.43 -10.17 -18.05
N ASP A 14 2.05 -11.07 -18.79
CA ASP A 14 1.45 -12.34 -19.07
C ASP A 14 2.45 -13.35 -19.63
N TRP A 15 3.60 -12.90 -20.14
CA TRP A 15 4.67 -13.80 -20.55
C TRP A 15 5.49 -14.20 -19.31
N ASP A 16 4.85 -14.75 -18.28
CA ASP A 16 5.38 -14.99 -16.93
C ASP A 16 5.90 -13.69 -16.28
N GLU A 17 7.06 -13.21 -16.71
CA GLU A 17 7.74 -11.96 -16.37
C GLU A 17 7.69 -11.66 -14.87
N ARG A 18 8.21 -12.59 -14.06
CA ARG A 18 8.33 -12.38 -12.62
C ARG A 18 9.76 -12.07 -12.20
N ALA A 19 10.70 -12.92 -12.63
CA ALA A 19 12.08 -13.06 -12.16
C ALA A 19 12.19 -13.52 -10.72
N LYS A 20 11.39 -12.98 -9.80
CA LYS A 20 11.33 -13.39 -8.42
C LYS A 20 9.87 -13.54 -8.03
N ILE A 21 9.62 -14.35 -7.01
CA ILE A 21 8.33 -14.83 -6.57
C ILE A 21 8.28 -14.65 -5.06
N ASP A 22 7.08 -14.66 -4.46
CA ASP A 22 6.90 -14.59 -3.02
C ASP A 22 6.21 -15.82 -2.45
N ASP A 23 6.35 -15.96 -1.13
CA ASP A 23 6.25 -17.22 -0.42
C ASP A 23 4.81 -17.73 -0.38
N PRO A 24 4.46 -18.80 -1.12
CA PRO A 24 3.07 -19.07 -1.44
C PRO A 24 2.23 -19.60 -0.28
N THR A 25 2.84 -20.05 0.82
CA THR A 25 2.12 -20.59 1.97
C THR A 25 2.76 -20.04 3.26
N ASP A 26 3.70 -20.76 3.89
CA ASP A 26 4.58 -20.29 4.98
C ASP A 26 3.81 -19.56 6.12
N SER A 27 4.44 -18.63 6.84
CA SER A 27 3.83 -17.74 7.84
C SER A 27 4.75 -16.54 8.08
N LYS A 28 4.26 -15.53 8.82
CA LYS A 28 5.03 -14.38 9.29
C LYS A 28 4.36 -13.81 10.55
N PRO A 29 4.98 -12.84 11.25
CA PRO A 29 4.26 -11.93 12.12
C PRO A 29 3.40 -10.97 11.29
N GLU A 30 2.25 -10.56 11.85
CA GLU A 30 1.43 -9.45 11.34
C GLU A 30 1.91 -8.11 11.91
N ASP A 31 2.80 -8.15 12.91
CA ASP A 31 3.62 -7.03 13.42
C ASP A 31 4.52 -6.46 12.30
N TRP A 32 4.55 -7.11 11.14
CA TRP A 32 5.16 -6.61 9.92
C TRP A 32 4.24 -5.61 9.20
N ASP A 33 3.00 -5.98 8.82
CA ASP A 33 2.02 -5.13 8.12
C ASP A 33 1.47 -3.99 9.01
N LYS A 34 2.36 -3.12 9.44
CA LYS A 34 2.01 -1.89 10.08
C LYS A 34 1.59 -0.88 9.00
N PRO A 35 0.98 0.25 9.39
CA PRO A 35 0.54 1.26 8.45
C PRO A 35 1.79 1.93 7.85
N GLU A 36 1.69 2.37 6.61
CA GLU A 36 2.64 3.33 6.04
C GLU A 36 2.53 4.65 6.81
N HIS A 37 1.32 5.22 6.90
CA HIS A 37 1.05 6.55 7.42
C HIS A 37 0.32 6.41 8.74
N ILE A 38 0.95 6.92 9.80
CA ILE A 38 0.42 6.98 11.16
C ILE A 38 0.27 8.45 11.55
N PRO A 39 -0.79 8.86 12.27
CA PRO A 39 -0.96 10.25 12.63
C PRO A 39 0.08 10.64 13.69
N ASP A 40 0.47 11.91 13.70
CA ASP A 40 1.48 12.41 14.64
C ASP A 40 0.91 12.36 16.07
N PRO A 41 1.55 11.65 17.02
CA PRO A 41 1.01 11.45 18.36
C PRO A 41 0.91 12.74 19.17
N ASP A 42 1.52 13.83 18.72
CA ASP A 42 1.58 15.13 19.37
C ASP A 42 0.99 16.15 18.39
N ALA A 43 0.19 15.75 17.40
CA ALA A 43 -0.40 16.66 16.43
C ALA A 43 -1.40 17.53 17.18
N LYS A 44 -1.45 18.82 16.88
CA LYS A 44 -2.41 19.74 17.43
C LYS A 44 -2.83 20.69 16.33
N LYS A 45 -4.12 20.93 16.18
CA LYS A 45 -4.60 21.87 15.18
C LYS A 45 -4.39 23.31 15.62
N PRO A 46 -4.49 24.29 14.71
CA PRO A 46 -4.60 25.67 15.13
C PRO A 46 -5.97 25.90 15.78
N GLU A 47 -5.99 26.79 16.77
CA GLU A 47 -7.15 27.53 17.25
C GLU A 47 -7.57 28.62 16.24
N ASP A 48 -6.75 28.86 15.21
CA ASP A 48 -6.95 29.77 14.08
C ASP A 48 -7.55 28.97 12.92
N TRP A 49 -8.32 27.92 13.26
CA TRP A 49 -9.04 27.07 12.34
C TRP A 49 -10.55 26.94 12.66
N ASP A 50 -11.42 27.10 11.66
CA ASP A 50 -12.87 26.93 11.77
C ASP A 50 -13.27 25.70 10.96
N GLU A 51 -13.45 24.57 11.63
CA GLU A 51 -13.81 23.30 11.00
C GLU A 51 -15.24 23.31 10.50
N GLU A 52 -16.06 24.28 10.88
CA GLU A 52 -17.39 24.42 10.29
C GLU A 52 -17.32 25.00 8.88
N MET A 53 -16.23 25.70 8.55
CA MET A 53 -16.04 26.29 7.23
C MET A 53 -15.14 25.41 6.40
N ASP A 54 -14.02 24.92 6.96
CA ASP A 54 -13.19 23.98 6.24
C ASP A 54 -13.89 22.63 6.07
N GLY A 55 -14.65 22.25 7.09
CA GLY A 55 -15.46 21.03 7.19
C GLY A 55 -14.88 19.99 8.14
N GLU A 56 -13.57 20.05 8.44
CA GLU A 56 -12.86 19.42 9.55
C GLU A 56 -11.58 20.25 9.72
N TRP A 57 -10.61 19.82 10.52
CA TRP A 57 -9.24 20.29 10.38
C TRP A 57 -8.50 19.56 9.24
N GLU A 58 -7.64 18.60 9.58
CA GLU A 58 -6.57 18.02 8.74
C GLU A 58 -5.41 17.53 9.61
N PRO A 59 -5.63 16.44 10.38
CA PRO A 59 -4.59 15.85 11.18
C PRO A 59 -3.55 15.23 10.25
N PRO A 60 -2.26 15.54 10.47
CA PRO A 60 -1.18 15.03 9.64
C PRO A 60 -0.97 13.54 9.84
N VAL A 61 -0.09 12.98 9.00
CA VAL A 61 0.42 11.63 9.09
C VAL A 61 1.90 11.68 8.78
N ILE A 62 2.72 11.00 9.60
CA ILE A 62 4.13 10.76 9.33
C ILE A 62 4.30 9.33 8.78
N GLN A 63 5.39 9.10 8.07
CA GLN A 63 5.77 7.77 7.59
C GLN A 63 6.34 6.96 8.75
N ASN A 64 5.57 5.96 9.17
CA ASN A 64 5.85 5.04 10.26
C ASN A 64 7.26 4.44 10.16
N PRO A 65 8.10 4.47 11.22
CA PRO A 65 9.40 3.78 11.22
C PRO A 65 9.31 2.27 11.04
N GLU A 66 8.11 1.72 11.18
CA GLU A 66 7.82 0.32 11.03
C GLU A 66 6.83 0.10 9.89
N TYR A 67 6.74 1.06 8.96
CA TYR A 67 6.02 0.92 7.69
C TYR A 67 6.34 -0.45 7.10
N LYS A 68 7.63 -0.68 6.82
CA LYS A 68 8.18 -1.82 6.11
C LYS A 68 7.58 -1.90 4.69
N GLY A 69 8.42 -1.95 3.66
CA GLY A 69 8.05 -1.59 2.29
C GLY A 69 6.78 -2.26 1.82
N GLU A 70 6.69 -3.56 2.00
CA GLU A 70 5.50 -4.37 1.77
C GLU A 70 5.69 -5.62 2.63
N TRP A 71 4.62 -6.38 2.87
CA TRP A 71 4.59 -7.69 3.53
C TRP A 71 5.35 -8.74 2.71
N LYS A 72 6.66 -8.57 2.54
CA LYS A 72 7.52 -9.57 1.92
C LYS A 72 7.89 -10.66 2.93
N PRO A 73 7.33 -11.88 2.84
CA PRO A 73 7.84 -13.06 3.54
C PRO A 73 9.30 -13.32 3.13
N ARG A 74 9.47 -13.73 1.89
CA ARG A 74 10.76 -13.88 1.23
C ARG A 74 10.53 -13.82 -0.27
N GLN A 75 11.42 -13.14 -0.97
CA GLN A 75 11.57 -13.36 -2.39
C GLN A 75 12.74 -14.33 -2.59
N ILE A 76 12.67 -15.07 -3.69
CA ILE A 76 13.74 -15.89 -4.24
C ILE A 76 13.72 -15.65 -5.75
N ASP A 77 14.82 -15.92 -6.42
CA ASP A 77 14.92 -15.82 -7.88
C ASP A 77 14.34 -17.09 -8.47
N ASN A 78 13.39 -16.93 -9.39
CA ASN A 78 12.73 -18.00 -10.13
C ASN A 78 13.76 -18.98 -10.68
N PRO A 79 13.49 -20.28 -10.70
CA PRO A 79 14.43 -21.27 -11.23
C PRO A 79 14.62 -21.08 -12.73
N ASP A 80 13.53 -20.85 -13.46
CA ASP A 80 13.48 -20.34 -14.82
C ASP A 80 12.31 -19.38 -14.82
N TYR A 81 12.46 -18.25 -15.52
CA TYR A 81 11.41 -17.34 -15.86
C TYR A 81 11.79 -16.74 -17.24
N LYS A 82 10.85 -16.03 -17.85
CA LYS A 82 10.98 -15.41 -19.15
C LYS A 82 11.78 -14.11 -19.00
N GLY A 83 13.12 -14.24 -19.06
CA GLY A 83 14.12 -13.19 -19.14
C GLY A 83 13.57 -11.86 -19.65
N THR A 84 13.29 -10.92 -18.75
CA THR A 84 12.67 -9.64 -19.07
C THR A 84 13.45 -8.99 -20.23
N TRP A 85 12.77 -8.55 -21.29
CA TRP A 85 13.44 -8.17 -22.54
C TRP A 85 14.27 -6.90 -22.34
N ILE A 86 13.62 -5.74 -22.37
CA ILE A 86 14.07 -4.40 -21.98
C ILE A 86 12.92 -3.47 -22.31
N HIS A 87 11.91 -3.45 -21.44
CA HIS A 87 10.78 -2.57 -21.66
C HIS A 87 11.25 -1.12 -21.45
N PRO A 88 10.79 -0.14 -22.26
CA PRO A 88 11.38 1.20 -22.28
C PRO A 88 10.98 2.18 -21.19
N GLU A 89 10.15 1.74 -20.25
CA GLU A 89 9.40 2.47 -19.23
C GLU A 89 8.62 3.69 -19.78
N ILE A 90 7.53 4.12 -19.12
CA ILE A 90 6.74 5.29 -19.54
C ILE A 90 6.48 6.18 -18.33
N ASP A 91 6.38 7.49 -18.55
CA ASP A 91 6.20 8.52 -17.53
C ASP A 91 4.88 8.30 -16.80
N ASN A 92 4.99 7.62 -15.66
CA ASN A 92 3.94 7.23 -14.72
C ASN A 92 2.80 8.26 -14.66
N PRO A 93 1.62 7.95 -15.20
CA PRO A 93 0.45 8.82 -15.14
C PRO A 93 -0.15 8.93 -13.73
N GLU A 94 0.47 8.32 -12.71
CA GLU A 94 0.14 8.42 -11.30
C GLU A 94 1.38 8.95 -10.53
N TYR A 95 2.18 9.81 -11.16
CA TYR A 95 3.36 10.42 -10.56
C TYR A 95 3.05 11.71 -9.79
N SER A 96 2.16 12.55 -10.31
CA SER A 96 1.94 13.94 -9.86
C SER A 96 3.24 14.75 -9.71
N PRO A 97 3.73 15.41 -10.77
CA PRO A 97 5.03 16.07 -10.75
C PRO A 97 5.10 17.22 -9.74
N ASP A 98 4.00 17.93 -9.50
CA ASP A 98 3.86 18.95 -8.47
C ASP A 98 2.39 19.21 -8.25
N ALA A 99 1.71 19.64 -9.31
CA ALA A 99 0.28 19.44 -9.37
C ALA A 99 0.01 17.93 -9.41
N ASN A 100 -1.18 17.54 -8.97
CA ASN A 100 -1.73 16.24 -9.34
C ASN A 100 -1.77 16.20 -10.86
N ILE A 101 -1.15 15.15 -11.40
CA ILE A 101 -1.04 14.91 -12.84
C ILE A 101 -2.40 14.88 -13.49
N SER A 1 -7.39 -12.14 9.93
CA SER A 1 -7.96 -13.19 9.07
C SER A 1 -9.22 -12.71 8.39
N LYS A 2 -10.14 -13.62 8.06
CA LYS A 2 -11.14 -13.48 7.00
C LYS A 2 -10.45 -13.61 5.63
N LYS A 3 -11.22 -13.91 4.58
CA LYS A 3 -10.86 -14.17 3.16
C LYS A 3 -9.48 -14.78 2.95
N ILE A 4 -9.44 -16.10 2.78
CA ILE A 4 -8.22 -16.87 2.55
C ILE A 4 -8.35 -17.62 1.20
N LYS A 5 -7.24 -18.15 0.71
CA LYS A 5 -7.18 -19.02 -0.48
C LYS A 5 -7.80 -20.36 -0.12
N ASP A 6 -8.42 -21.06 -1.07
CA ASP A 6 -9.11 -22.33 -0.77
C ASP A 6 -9.35 -23.13 -2.07
N PRO A 7 -9.93 -24.34 -2.03
CA PRO A 7 -10.11 -25.19 -3.20
C PRO A 7 -11.39 -24.89 -3.99
N ASP A 8 -12.49 -24.51 -3.31
CA ASP A 8 -13.70 -23.99 -3.96
C ASP A 8 -13.39 -22.75 -4.81
N ALA A 9 -12.27 -22.07 -4.54
CA ALA A 9 -11.74 -21.03 -5.41
C ALA A 9 -11.39 -21.54 -6.82
N ALA A 10 -11.59 -22.82 -7.13
CA ALA A 10 -11.43 -23.42 -8.45
C ALA A 10 -10.00 -23.27 -8.99
N LYS A 11 -9.02 -23.06 -8.11
CA LYS A 11 -7.64 -22.98 -8.51
C LYS A 11 -7.16 -24.38 -8.92
N PRO A 12 -6.15 -24.49 -9.79
CA PRO A 12 -5.54 -25.75 -10.12
C PRO A 12 -4.58 -26.13 -8.98
N GLU A 13 -4.06 -27.35 -9.02
CA GLU A 13 -3.31 -28.01 -7.96
C GLU A 13 -1.89 -27.47 -7.75
N ASP A 14 -1.64 -26.20 -8.11
CA ASP A 14 -0.50 -25.31 -7.92
C ASP A 14 0.25 -25.18 -9.25
N TRP A 15 -0.42 -24.60 -10.27
CA TRP A 15 0.02 -24.50 -11.67
C TRP A 15 1.16 -23.50 -11.93
N ASP A 16 2.19 -23.54 -11.07
CA ASP A 16 3.24 -22.55 -10.93
C ASP A 16 2.65 -21.14 -10.80
N GLU A 17 2.08 -20.91 -9.62
CA GLU A 17 1.27 -19.74 -9.35
C GLU A 17 2.13 -18.74 -8.55
N ARG A 18 1.85 -17.43 -8.70
CA ARG A 18 2.78 -16.30 -8.52
C ARG A 18 4.00 -16.43 -9.43
N ALA A 19 4.56 -15.32 -9.91
CA ALA A 19 5.88 -15.37 -10.54
C ALA A 19 6.93 -15.68 -9.50
N LYS A 20 6.80 -14.97 -8.37
CA LYS A 20 7.80 -14.93 -7.34
C LYS A 20 7.12 -15.17 -6.03
N ILE A 21 7.61 -16.12 -5.24
CA ILE A 21 7.04 -16.46 -3.94
C ILE A 21 8.13 -16.30 -2.90
N ASP A 22 7.69 -16.15 -1.66
CA ASP A 22 8.57 -15.98 -0.53
C ASP A 22 9.39 -17.24 -0.30
N ASP A 23 10.67 -17.02 -0.02
CA ASP A 23 11.67 -18.01 0.36
C ASP A 23 11.06 -19.02 1.34
N PRO A 24 10.94 -20.30 0.94
CA PRO A 24 10.22 -21.32 1.72
C PRO A 24 10.90 -21.68 3.04
N THR A 25 11.98 -21.00 3.37
CA THR A 25 12.90 -21.40 4.42
C THR A 25 12.69 -20.52 5.67
N ASP A 26 12.56 -19.20 5.54
CA ASP A 26 12.06 -18.36 6.63
C ASP A 26 10.53 -18.42 6.63
N SER A 27 9.92 -18.29 7.81
CA SER A 27 8.48 -18.12 7.98
C SER A 27 8.29 -17.08 9.08
N LYS A 28 7.24 -16.28 8.99
CA LYS A 28 6.91 -15.22 9.94
C LYS A 28 5.43 -14.86 9.73
N PRO A 29 4.72 -14.36 10.75
CA PRO A 29 3.38 -13.82 10.55
C PRO A 29 3.38 -12.43 9.93
N GLU A 30 2.24 -12.07 9.37
CA GLU A 30 1.96 -10.80 8.70
C GLU A 30 1.81 -9.64 9.67
N ASP A 31 2.15 -9.79 10.95
CA ASP A 31 2.19 -8.67 11.90
C ASP A 31 3.17 -7.58 11.44
N TRP A 32 4.08 -7.93 10.52
CA TRP A 32 4.97 -6.98 9.86
C TRP A 32 4.16 -5.83 9.24
N ASP A 33 2.99 -6.14 8.68
CA ASP A 33 2.10 -5.34 7.80
C ASP A 33 1.64 -4.01 8.38
N LYS A 34 2.58 -3.11 8.66
CA LYS A 34 2.34 -1.77 9.18
C LYS A 34 1.96 -0.84 8.02
N PRO A 35 1.30 0.29 8.32
CA PRO A 35 0.89 1.26 7.32
C PRO A 35 2.11 2.03 6.82
N GLU A 36 2.02 2.71 5.67
CA GLU A 36 3.07 3.61 5.22
C GLU A 36 2.90 5.01 5.80
N HIS A 37 1.70 5.36 6.27
CA HIS A 37 1.38 6.61 6.91
C HIS A 37 0.53 6.34 8.14
N ILE A 38 1.04 6.60 9.33
CA ILE A 38 0.25 6.78 10.56
C ILE A 38 0.00 8.27 10.74
N PRO A 39 -1.00 8.70 11.51
CA PRO A 39 -1.16 10.08 11.86
C PRO A 39 -0.26 10.37 13.06
N ASP A 40 0.19 11.61 13.21
CA ASP A 40 0.85 11.98 14.46
C ASP A 40 -0.19 11.97 15.57
N PRO A 41 0.07 11.34 16.73
CA PRO A 41 -0.77 11.48 17.90
C PRO A 41 -0.77 12.95 18.33
N ASP A 42 0.42 13.51 18.54
CA ASP A 42 0.59 14.82 19.18
C ASP A 42 0.48 15.96 18.17
N ALA A 43 0.04 15.66 16.94
CA ALA A 43 -0.33 16.68 15.98
C ALA A 43 -1.48 17.49 16.56
N LYS A 44 -1.19 18.69 17.06
CA LYS A 44 -2.17 19.69 17.42
C LYS A 44 -2.62 20.37 16.15
N LYS A 45 -3.81 20.97 16.18
CA LYS A 45 -4.28 21.80 15.09
C LYS A 45 -4.00 23.25 15.41
N PRO A 46 -3.97 24.15 14.42
CA PRO A 46 -4.02 25.56 14.69
C PRO A 46 -5.35 25.89 15.36
N GLU A 47 -5.27 26.78 16.36
CA GLU A 47 -6.42 27.43 16.97
C GLU A 47 -6.99 28.53 16.07
N ASP A 48 -6.28 28.86 14.99
CA ASP A 48 -6.61 29.81 13.93
C ASP A 48 -7.45 29.13 12.84
N TRP A 49 -7.86 27.87 13.06
CA TRP A 49 -8.59 27.04 12.12
C TRP A 49 -10.12 27.04 12.37
N ASP A 50 -10.96 27.15 11.33
CA ASP A 50 -12.42 27.22 11.43
C ASP A 50 -12.97 25.88 10.95
N GLU A 51 -13.09 24.89 11.84
CA GLU A 51 -13.61 23.58 11.47
C GLU A 51 -15.10 23.61 11.14
N GLU A 52 -15.77 24.73 11.40
CA GLU A 52 -17.15 24.92 10.99
C GLU A 52 -17.24 25.36 9.53
N MET A 53 -16.15 25.85 8.92
CA MET A 53 -16.18 26.34 7.53
C MET A 53 -15.29 25.53 6.61
N ASP A 54 -14.19 24.95 7.12
CA ASP A 54 -13.61 23.80 6.45
C ASP A 54 -14.62 22.66 6.53
N GLY A 55 -15.11 22.38 7.73
CA GLY A 55 -15.92 21.22 8.03
C GLY A 55 -15.26 20.27 9.03
N GLU A 56 -13.94 20.28 9.19
CA GLU A 56 -13.16 19.63 10.24
C GLU A 56 -11.77 20.26 10.16
N TRP A 57 -10.81 19.77 10.93
CA TRP A 57 -9.42 20.15 10.69
C TRP A 57 -8.83 19.27 9.57
N GLU A 58 -8.02 18.27 9.92
CA GLU A 58 -7.06 17.58 9.01
C GLU A 58 -5.82 17.14 9.79
N PRO A 59 -5.85 15.96 10.43
CA PRO A 59 -4.73 15.45 11.19
C PRO A 59 -3.64 14.93 10.21
N PRO A 60 -2.41 15.44 10.26
CA PRO A 60 -1.35 15.08 9.34
C PRO A 60 -0.77 13.71 9.60
N VAL A 61 -0.33 13.07 8.52
CA VAL A 61 0.34 11.79 8.56
C VAL A 61 1.86 11.92 8.40
N ILE A 62 2.54 10.88 8.86
CA ILE A 62 3.97 10.69 9.00
C ILE A 62 4.23 9.22 8.74
N GLN A 63 5.36 8.89 8.09
CA GLN A 63 5.75 7.51 7.95
C GLN A 63 6.27 6.98 9.28
N ASN A 64 5.56 6.01 9.85
CA ASN A 64 5.83 5.42 11.17
C ASN A 64 7.23 4.81 11.22
N PRO A 65 7.77 4.59 12.44
CA PRO A 65 9.09 4.01 12.61
C PRO A 65 9.22 2.57 12.11
N GLU A 66 8.10 1.88 11.86
CA GLU A 66 8.06 0.49 11.44
C GLU A 66 7.40 0.35 10.07
N TYR A 67 7.51 1.38 9.23
CA TYR A 67 6.93 1.37 7.88
C TYR A 67 7.29 0.08 7.16
N LYS A 68 8.59 -0.22 7.08
CA LYS A 68 9.23 -1.34 6.41
C LYS A 68 8.95 -1.35 4.91
N GLY A 69 7.70 -1.62 4.52
CA GLY A 69 7.20 -1.80 3.18
C GLY A 69 5.87 -2.53 3.27
N GLU A 70 5.86 -3.82 2.95
CA GLU A 70 4.63 -4.58 2.67
C GLU A 70 4.93 -6.07 2.78
N TRP A 71 5.34 -6.51 3.98
CA TRP A 71 5.83 -7.84 4.31
C TRP A 71 6.56 -8.50 3.14
N LYS A 72 7.65 -7.87 2.69
CA LYS A 72 8.60 -8.48 1.78
C LYS A 72 9.73 -9.10 2.61
N PRO A 73 9.72 -10.43 2.81
CA PRO A 73 10.93 -11.16 3.12
C PRO A 73 11.91 -10.98 1.94
N ARG A 74 11.90 -11.88 0.97
CA ARG A 74 12.72 -11.86 -0.25
C ARG A 74 12.17 -12.85 -1.29
N GLN A 75 11.12 -12.49 -2.04
CA GLN A 75 10.58 -13.45 -2.98
C GLN A 75 11.47 -13.50 -4.21
N ILE A 76 11.75 -14.71 -4.64
CA ILE A 76 12.68 -15.08 -5.69
C ILE A 76 11.86 -15.40 -6.95
N ASP A 77 12.47 -15.50 -8.12
CA ASP A 77 11.75 -15.79 -9.36
C ASP A 77 11.75 -17.29 -9.65
N ASN A 78 10.56 -17.91 -9.69
CA ASN A 78 10.43 -19.34 -10.02
C ASN A 78 10.86 -19.60 -11.47
N PRO A 79 11.08 -20.88 -11.86
CA PRO A 79 11.52 -21.27 -13.19
C PRO A 79 10.37 -21.24 -14.19
N ASP A 80 9.96 -20.04 -14.60
CA ASP A 80 8.91 -19.72 -15.56
C ASP A 80 7.54 -20.21 -15.09
N TYR A 81 6.79 -19.29 -14.48
CA TYR A 81 5.52 -19.57 -13.82
C TYR A 81 4.39 -19.42 -14.83
N LYS A 82 3.13 -19.51 -14.37
CA LYS A 82 1.96 -19.30 -15.19
C LYS A 82 1.07 -18.23 -14.54
N GLY A 83 0.99 -17.07 -15.20
CA GLY A 83 0.21 -15.90 -14.80
C GLY A 83 -1.16 -16.24 -14.21
N THR A 84 -1.28 -16.06 -12.88
CA THR A 84 -2.48 -16.20 -12.05
C THR A 84 -3.73 -15.78 -12.84
N TRP A 85 -4.66 -16.71 -13.07
CA TRP A 85 -5.92 -16.38 -13.72
C TRP A 85 -6.69 -15.41 -12.83
N ILE A 86 -6.73 -15.73 -11.53
CA ILE A 86 -7.34 -15.10 -10.36
C ILE A 86 -7.42 -16.25 -9.36
N HIS A 87 -7.93 -16.02 -8.16
CA HIS A 87 -8.81 -16.95 -7.52
C HIS A 87 -9.81 -16.16 -6.65
N PRO A 88 -11.07 -16.61 -6.50
CA PRO A 88 -12.00 -16.06 -5.54
C PRO A 88 -11.65 -16.53 -4.12
N GLU A 89 -10.91 -15.72 -3.37
CA GLU A 89 -10.67 -15.90 -1.93
C GLU A 89 -12.02 -16.12 -1.23
N ILE A 90 -12.11 -17.18 -0.43
CA ILE A 90 -13.34 -17.54 0.30
C ILE A 90 -13.16 -17.09 1.74
N ASP A 91 -14.24 -16.66 2.39
CA ASP A 91 -14.16 -16.12 3.73
C ASP A 91 -13.82 -17.18 4.78
N ASN A 92 -12.61 -17.09 5.34
CA ASN A 92 -11.95 -18.14 6.10
C ASN A 92 -12.88 -18.72 7.18
N PRO A 93 -13.34 -19.97 7.05
CA PRO A 93 -14.14 -20.63 8.07
C PRO A 93 -13.42 -20.79 9.42
N GLU A 94 -12.11 -20.51 9.50
CA GLU A 94 -11.34 -20.49 10.75
C GLU A 94 -11.35 -19.11 11.44
N TYR A 95 -11.82 -18.06 10.74
CA TYR A 95 -11.61 -16.65 11.06
C TYR A 95 -11.97 -16.33 12.51
N SER A 96 -13.12 -16.81 12.97
CA SER A 96 -13.73 -16.52 14.26
C SER A 96 -14.01 -15.02 14.43
N PRO A 97 -15.26 -14.57 14.26
CA PRO A 97 -15.59 -13.16 14.42
C PRO A 97 -15.45 -12.72 15.89
N ASP A 98 -15.68 -13.65 16.82
CA ASP A 98 -15.45 -13.47 18.25
C ASP A 98 -15.32 -14.90 18.79
N ALA A 99 -16.35 -15.45 19.43
CA ALA A 99 -16.39 -16.82 19.91
C ALA A 99 -17.71 -17.47 19.47
N ASN A 100 -17.84 -17.82 18.18
CA ASN A 100 -19.01 -18.53 17.67
C ASN A 100 -18.70 -19.14 16.30
N ILE A 101 -18.41 -18.25 15.33
CA ILE A 101 -18.35 -18.48 13.89
C ILE A 101 -19.60 -19.20 13.35
N SER A 1 -6.87 -0.97 2.59
CA SER A 1 -7.54 0.24 2.10
C SER A 1 -8.84 -0.09 1.42
N LYS A 2 -9.60 0.98 1.13
CA LYS A 2 -10.68 0.94 0.16
C LYS A 2 -10.13 0.42 -1.18
N LYS A 3 -11.05 -0.17 -1.94
CA LYS A 3 -10.91 -0.86 -3.23
C LYS A 3 -9.70 -1.77 -3.33
N ILE A 4 -9.88 -3.09 -3.26
CA ILE A 4 -8.79 -4.06 -3.22
C ILE A 4 -9.04 -5.19 -4.24
N LYS A 5 -8.03 -6.04 -4.50
CA LYS A 5 -8.16 -7.14 -5.45
C LYS A 5 -9.00 -8.23 -4.81
N ASP A 6 -9.96 -8.76 -5.54
CA ASP A 6 -10.96 -9.71 -5.01
C ASP A 6 -11.48 -10.64 -6.11
N PRO A 7 -12.36 -11.63 -5.82
CA PRO A 7 -12.83 -12.61 -6.79
C PRO A 7 -13.94 -12.04 -7.69
N ASP A 8 -14.78 -11.14 -7.17
CA ASP A 8 -15.87 -10.55 -7.96
C ASP A 8 -15.34 -9.84 -9.19
N ALA A 9 -14.11 -9.35 -9.09
CA ALA A 9 -13.42 -8.58 -10.10
C ALA A 9 -13.18 -9.35 -11.39
N ALA A 10 -13.45 -10.66 -11.43
CA ALA A 10 -13.30 -11.56 -12.58
C ALA A 10 -11.86 -11.70 -13.08
N LYS A 11 -10.89 -11.31 -12.25
CA LYS A 11 -9.47 -11.46 -12.48
C LYS A 11 -9.08 -12.88 -12.08
N PRO A 12 -8.63 -13.73 -13.00
CA PRO A 12 -8.06 -15.01 -12.63
C PRO A 12 -6.82 -14.77 -11.76
N GLU A 13 -6.87 -15.17 -10.49
CA GLU A 13 -5.85 -14.86 -9.48
C GLU A 13 -4.47 -15.50 -9.73
N ASP A 14 -4.32 -16.26 -10.81
CA ASP A 14 -3.27 -17.23 -11.05
C ASP A 14 -2.80 -17.25 -12.52
N TRP A 15 -3.44 -16.50 -13.43
CA TRP A 15 -3.17 -16.60 -14.88
C TRP A 15 -1.74 -16.19 -15.29
N ASP A 16 -0.97 -15.64 -14.34
CA ASP A 16 0.49 -15.47 -14.26
C ASP A 16 0.76 -13.99 -14.31
N GLU A 17 0.63 -13.35 -13.15
CA GLU A 17 0.31 -11.94 -13.07
C GLU A 17 1.24 -11.22 -12.10
N ARG A 18 1.93 -10.22 -12.65
CA ARG A 18 2.89 -9.24 -12.10
C ARG A 18 4.17 -9.45 -12.87
N ALA A 19 4.80 -8.35 -13.27
CA ALA A 19 6.11 -8.38 -13.90
C ALA A 19 7.12 -9.06 -12.97
N LYS A 20 7.01 -8.79 -11.66
CA LYS A 20 7.91 -9.35 -10.67
C LYS A 20 7.08 -9.88 -9.50
N ILE A 21 6.96 -11.20 -9.39
CA ILE A 21 6.08 -11.84 -8.41
C ILE A 21 6.75 -11.86 -7.04
N ASP A 22 6.00 -12.16 -5.98
CA ASP A 22 6.52 -12.46 -4.66
C ASP A 22 6.28 -13.93 -4.34
N ASP A 23 7.31 -14.58 -3.80
CA ASP A 23 7.34 -16.00 -3.49
C ASP A 23 6.09 -16.36 -2.70
N PRO A 24 5.16 -17.15 -3.28
CA PRO A 24 3.87 -17.42 -2.68
C PRO A 24 3.99 -18.27 -1.40
N THR A 25 5.19 -18.72 -1.02
CA THR A 25 5.42 -19.75 -0.03
C THR A 25 6.56 -19.42 0.96
N ASP A 26 7.20 -18.25 0.87
CA ASP A 26 8.32 -17.86 1.74
C ASP A 26 7.87 -17.50 3.18
N SER A 27 6.57 -17.57 3.44
CA SER A 27 5.75 -17.35 4.65
C SER A 27 4.95 -16.06 4.47
N LYS A 28 3.96 -15.83 5.34
CA LYS A 28 3.17 -14.60 5.31
C LYS A 28 2.98 -14.12 6.74
N PRO A 29 3.76 -13.13 7.20
CA PRO A 29 3.47 -12.43 8.45
C PRO A 29 2.08 -11.81 8.43
N GLU A 30 1.58 -11.45 9.62
CA GLU A 30 0.59 -10.38 9.77
C GLU A 30 1.29 -9.12 10.29
N ASP A 31 2.44 -9.24 10.98
CA ASP A 31 3.08 -8.09 11.62
C ASP A 31 4.14 -7.41 10.77
N TRP A 32 4.37 -7.90 9.55
CA TRP A 32 5.03 -7.09 8.53
C TRP A 32 4.03 -6.19 7.82
N ASP A 33 2.75 -6.60 7.80
CA ASP A 33 1.58 -5.91 7.25
C ASP A 33 1.19 -4.71 8.14
N LYS A 34 2.15 -3.84 8.44
CA LYS A 34 1.93 -2.59 9.19
C LYS A 34 1.35 -1.54 8.21
N PRO A 35 0.78 -0.43 8.71
CA PRO A 35 0.34 0.67 7.86
C PRO A 35 1.55 1.43 7.31
N GLU A 36 1.27 2.53 6.61
CA GLU A 36 2.26 3.38 5.96
C GLU A 36 2.23 4.83 6.46
N HIS A 37 1.12 5.28 7.07
CA HIS A 37 0.92 6.62 7.59
C HIS A 37 0.09 6.49 8.87
N ILE A 38 0.55 7.05 9.99
CA ILE A 38 -0.15 7.03 11.27
C ILE A 38 -0.23 8.45 11.82
N PRO A 39 -1.32 8.84 12.49
CA PRO A 39 -1.51 10.22 12.89
C PRO A 39 -0.63 10.54 14.10
N ASP A 40 -0.09 11.74 14.10
CA ASP A 40 0.82 12.24 15.14
C ASP A 40 0.06 12.33 16.49
N PRO A 41 0.63 11.81 17.60
CA PRO A 41 -0.02 11.85 18.90
C PRO A 41 -0.11 13.28 19.44
N ASP A 42 0.98 14.02 19.38
CA ASP A 42 1.15 15.37 19.94
C ASP A 42 0.68 16.44 18.94
N ALA A 43 -0.08 16.03 17.93
CA ALA A 43 -0.48 16.85 16.82
C ALA A 43 -1.37 17.96 17.32
N LYS A 44 -0.97 19.19 16.98
CA LYS A 44 -1.64 20.39 17.38
C LYS A 44 -2.10 21.09 16.12
N LYS A 45 -3.39 21.36 16.03
CA LYS A 45 -3.97 21.95 14.84
C LYS A 45 -3.73 23.44 14.75
N PRO A 46 -3.93 24.06 13.58
CA PRO A 46 -3.90 25.48 13.49
C PRO A 46 -5.03 26.07 14.33
N GLU A 47 -4.68 27.11 15.05
CA GLU A 47 -5.59 28.10 15.62
C GLU A 47 -6.08 29.06 14.52
N ASP A 48 -5.56 28.91 13.30
CA ASP A 48 -5.83 29.65 12.07
C ASP A 48 -6.85 28.86 11.22
N TRP A 49 -7.62 27.97 11.87
CA TRP A 49 -8.59 27.05 11.26
C TRP A 49 -10.06 27.31 11.59
N ASP A 50 -10.98 26.77 10.76
CA ASP A 50 -12.44 26.78 10.94
C ASP A 50 -12.98 25.35 10.70
N GLU A 51 -13.09 24.45 11.70
CA GLU A 51 -13.71 23.15 11.47
C GLU A 51 -15.23 23.27 11.34
N GLU A 52 -15.78 24.45 11.56
CA GLU A 52 -17.18 24.76 11.36
C GLU A 52 -17.46 25.13 9.90
N MET A 53 -16.45 25.55 9.14
CA MET A 53 -16.65 25.93 7.73
C MET A 53 -15.87 25.03 6.78
N ASP A 54 -14.78 24.42 7.24
CA ASP A 54 -14.20 23.28 6.58
C ASP A 54 -15.03 22.03 6.84
N GLY A 55 -15.46 21.88 8.10
CA GLY A 55 -16.20 20.73 8.61
C GLY A 55 -15.35 19.79 9.47
N GLU A 56 -14.02 19.90 9.41
CA GLU A 56 -13.05 19.24 10.27
C GLU A 56 -11.72 19.97 10.15
N TRP A 57 -10.68 19.54 10.87
CA TRP A 57 -9.34 20.07 10.73
C TRP A 57 -8.59 19.47 9.53
N GLU A 58 -7.68 18.50 9.75
CA GLU A 58 -6.51 18.08 8.93
C GLU A 58 -5.35 17.57 9.82
N PRO A 59 -5.58 16.56 10.63
CA PRO A 59 -4.56 15.98 11.48
C PRO A 59 -3.42 15.41 10.63
N PRO A 60 -2.16 15.77 10.90
CA PRO A 60 -1.04 15.25 10.16
C PRO A 60 -0.79 13.81 10.54
N VAL A 61 -0.41 13.06 9.52
CA VAL A 61 0.23 11.77 9.68
C VAL A 61 1.74 11.95 9.54
N ILE A 62 2.48 11.02 10.13
CA ILE A 62 3.87 10.74 9.86
C ILE A 62 3.93 9.30 9.38
N GLN A 63 4.97 8.94 8.64
CA GLN A 63 5.17 7.55 8.29
C GLN A 63 5.59 6.82 9.56
N ASN A 64 4.99 5.67 9.81
CA ASN A 64 5.20 4.91 11.04
C ASN A 64 6.62 4.34 11.07
N PRO A 65 7.19 4.11 12.26
CA PRO A 65 8.56 3.59 12.41
C PRO A 65 8.76 2.21 11.79
N GLU A 66 7.65 1.50 11.56
CA GLU A 66 7.63 0.11 11.15
C GLU A 66 6.89 -0.01 9.83
N TYR A 67 6.81 1.08 9.05
CA TYR A 67 6.28 1.09 7.68
C TYR A 67 7.02 0.04 6.85
N LYS A 68 8.34 -0.02 6.99
CA LYS A 68 9.24 -0.85 6.19
C LYS A 68 9.09 -0.37 4.73
N GLY A 69 8.96 -1.27 3.77
CA GLY A 69 8.48 -1.02 2.43
C GLY A 69 7.12 -1.67 2.31
N GLU A 70 7.11 -2.99 2.46
CA GLU A 70 6.04 -3.92 2.12
C GLU A 70 6.64 -5.33 2.23
N TRP A 71 5.84 -6.39 2.29
CA TRP A 71 6.30 -7.78 2.44
C TRP A 71 6.87 -8.32 1.12
N LYS A 72 7.94 -7.72 0.59
CA LYS A 72 8.72 -8.36 -0.46
C LYS A 72 9.67 -9.39 0.16
N PRO A 73 9.48 -10.70 -0.09
CA PRO A 73 10.53 -11.69 0.03
C PRO A 73 11.62 -11.41 -1.01
N ARG A 74 11.50 -11.96 -2.21
CA ARG A 74 12.61 -12.19 -3.12
C ARG A 74 12.19 -11.92 -4.55
N GLN A 75 12.05 -10.67 -4.98
CA GLN A 75 11.24 -10.33 -6.15
C GLN A 75 12.03 -10.67 -7.42
N ILE A 76 11.64 -11.77 -8.05
CA ILE A 76 12.17 -12.22 -9.33
C ILE A 76 11.44 -11.45 -10.43
N ASP A 77 12.11 -11.14 -11.54
CA ASP A 77 11.48 -10.68 -12.78
C ASP A 77 11.08 -11.89 -13.60
N ASN A 78 9.79 -12.06 -13.89
CA ASN A 78 9.24 -13.28 -14.51
C ASN A 78 9.86 -13.49 -15.91
N PRO A 79 9.80 -14.69 -16.51
CA PRO A 79 10.34 -14.91 -17.85
C PRO A 79 9.40 -14.34 -18.92
N ASP A 80 8.10 -14.51 -18.71
CA ASP A 80 6.98 -13.86 -19.36
C ASP A 80 5.90 -13.80 -18.27
N TYR A 81 5.00 -12.83 -18.35
CA TYR A 81 3.76 -12.79 -17.63
C TYR A 81 2.73 -12.11 -18.54
N LYS A 82 1.45 -12.15 -18.17
CA LYS A 82 0.41 -11.43 -18.91
C LYS A 82 0.14 -10.13 -18.18
N GLY A 83 0.54 -9.00 -18.79
CA GLY A 83 0.21 -7.65 -18.36
C GLY A 83 -1.25 -7.61 -17.90
N THR A 84 -1.49 -7.19 -16.66
CA THR A 84 -2.82 -7.22 -16.06
C THR A 84 -3.82 -6.49 -16.98
N TRP A 85 -4.84 -7.21 -17.43
CA TRP A 85 -5.88 -6.76 -18.34
C TRP A 85 -6.49 -5.44 -17.88
N ILE A 86 -7.15 -5.46 -16.71
CA ILE A 86 -7.55 -4.35 -15.84
C ILE A 86 -8.53 -4.94 -14.86
N HIS A 87 -8.12 -5.19 -13.62
CA HIS A 87 -9.07 -5.74 -12.66
C HIS A 87 -9.77 -4.58 -11.92
N PRO A 88 -11.10 -4.57 -11.84
CA PRO A 88 -11.84 -3.63 -11.01
C PRO A 88 -11.67 -4.03 -9.55
N GLU A 89 -10.81 -3.30 -8.82
CA GLU A 89 -10.58 -3.52 -7.40
C GLU A 89 -11.87 -3.21 -6.64
N ILE A 90 -12.58 -4.22 -6.11
CA ILE A 90 -13.90 -4.07 -5.51
C ILE A 90 -13.76 -3.37 -4.15
N ASP A 91 -14.76 -2.57 -3.77
CA ASP A 91 -14.76 -1.77 -2.56
C ASP A 91 -14.73 -2.62 -1.30
N ASN A 92 -13.52 -2.75 -0.74
CA ASN A 92 -13.10 -3.71 0.26
C ASN A 92 -14.05 -3.82 1.46
N PRO A 93 -14.87 -4.87 1.57
CA PRO A 93 -15.80 -5.07 2.68
C PRO A 93 -15.08 -5.51 3.97
N GLU A 94 -13.75 -5.67 3.96
CA GLU A 94 -12.90 -5.92 5.10
C GLU A 94 -12.08 -4.67 5.46
N TYR A 95 -12.35 -3.54 4.81
CA TYR A 95 -11.77 -2.25 5.12
C TYR A 95 -12.15 -1.85 6.55
N SER A 96 -13.45 -1.84 6.85
CA SER A 96 -14.08 -1.30 8.05
C SER A 96 -13.86 0.22 8.19
N PRO A 97 -14.90 1.07 8.01
CA PRO A 97 -14.76 2.52 8.10
C PRO A 97 -14.62 3.01 9.54
N ASP A 98 -15.11 2.24 10.50
CA ASP A 98 -14.93 2.36 11.95
C ASP A 98 -15.51 1.05 12.49
N ALA A 99 -16.85 0.92 12.49
CA ALA A 99 -17.59 -0.29 12.84
C ALA A 99 -19.02 -0.20 12.28
N ASN A 100 -19.17 -0.22 10.95
CA ASN A 100 -20.45 -0.26 10.25
C ASN A 100 -20.15 -0.73 8.83
N ILE A 101 -20.06 -2.03 8.60
CA ILE A 101 -19.54 -2.60 7.36
C ILE A 101 -20.34 -3.85 7.01
N SER A 1 -1.83 2.69 -3.22
CA SER A 1 -0.94 3.55 -3.97
C SER A 1 -1.57 4.04 -5.25
N LYS A 2 -1.15 5.25 -5.64
CA LYS A 2 -1.56 5.87 -6.89
C LYS A 2 -0.97 5.14 -8.09
N LYS A 3 0.31 5.28 -8.44
CA LYS A 3 0.78 4.68 -9.70
C LYS A 3 0.87 3.16 -9.56
N ILE A 4 0.21 2.38 -10.41
CA ILE A 4 0.10 0.92 -10.29
C ILE A 4 0.11 0.27 -11.68
N LYS A 5 0.21 -1.06 -11.72
CA LYS A 5 0.07 -1.90 -12.92
C LYS A 5 -1.37 -1.84 -13.41
N ASP A 6 -1.60 -1.49 -14.68
CA ASP A 6 -2.96 -1.32 -15.22
C ASP A 6 -2.97 -1.65 -16.73
N PRO A 7 -4.08 -1.52 -17.47
CA PRO A 7 -4.22 -1.98 -18.86
C PRO A 7 -3.75 -0.95 -19.88
N ASP A 8 -3.90 0.36 -19.61
CA ASP A 8 -3.34 1.42 -20.45
C ASP A 8 -1.85 1.19 -20.64
N ALA A 9 -1.20 0.74 -19.57
CA ALA A 9 0.21 0.38 -19.52
C ALA A 9 0.63 -0.75 -20.49
N ALA A 10 -0.30 -1.26 -21.29
CA ALA A 10 -0.07 -2.15 -22.43
C ALA A 10 0.78 -3.36 -22.07
N LYS A 11 0.66 -3.79 -20.81
CA LYS A 11 1.38 -4.92 -20.24
C LYS A 11 0.83 -6.20 -20.89
N PRO A 12 1.70 -7.16 -21.29
CA PRO A 12 1.26 -8.46 -21.79
C PRO A 12 0.52 -9.25 -20.71
N GLU A 13 0.03 -10.45 -21.01
CA GLU A 13 -0.78 -11.23 -20.07
C GLU A 13 -0.10 -11.39 -18.71
N ASP A 14 1.20 -11.64 -18.76
CA ASP A 14 2.12 -12.10 -17.74
C ASP A 14 3.15 -12.98 -18.42
N TRP A 15 3.93 -12.35 -19.29
CA TRP A 15 5.21 -12.90 -19.72
C TRP A 15 6.17 -12.90 -18.52
N ASP A 16 5.90 -13.75 -17.53
CA ASP A 16 6.66 -14.00 -16.30
C ASP A 16 7.28 -12.73 -15.73
N GLU A 17 6.41 -11.80 -15.34
CA GLU A 17 6.72 -10.37 -15.31
C GLU A 17 6.78 -9.86 -13.87
N ARG A 18 7.65 -10.48 -13.07
CA ARG A 18 7.69 -10.31 -11.62
C ARG A 18 9.03 -9.89 -11.06
N ALA A 19 10.10 -10.45 -11.61
CA ALA A 19 11.48 -10.37 -11.17
C ALA A 19 11.68 -11.06 -9.82
N LYS A 20 10.94 -10.66 -8.79
CA LYS A 20 11.26 -10.97 -7.41
C LYS A 20 10.02 -11.54 -6.77
N ILE A 21 9.90 -12.87 -6.66
CA ILE A 21 8.68 -13.48 -6.14
C ILE A 21 8.68 -13.39 -4.62
N ASP A 22 7.50 -13.43 -4.01
CA ASP A 22 7.29 -13.33 -2.57
C ASP A 22 7.27 -14.72 -1.94
N ASP A 23 6.63 -14.90 -0.78
CA ASP A 23 6.40 -16.23 -0.22
C ASP A 23 5.11 -16.79 -0.83
N PRO A 24 5.13 -17.99 -1.43
CA PRO A 24 3.91 -18.66 -1.82
C PRO A 24 3.21 -19.26 -0.59
N THR A 25 3.96 -19.78 0.39
CA THR A 25 3.45 -20.64 1.44
C THR A 25 4.36 -20.60 2.68
N ASP A 26 4.77 -19.42 3.17
CA ASP A 26 5.36 -19.26 4.51
C ASP A 26 4.26 -18.95 5.51
N SER A 27 4.25 -17.76 6.13
CA SER A 27 3.25 -17.27 7.06
C SER A 27 3.22 -15.75 7.05
N LYS A 28 2.19 -15.18 7.67
CA LYS A 28 2.04 -13.75 7.84
C LYS A 28 2.30 -13.46 9.32
N PRO A 29 3.48 -12.94 9.71
CA PRO A 29 3.68 -12.43 11.05
C PRO A 29 2.81 -11.19 11.21
N GLU A 30 1.80 -11.28 12.05
CA GLU A 30 0.83 -10.23 12.38
C GLU A 30 1.49 -9.11 13.19
N ASP A 31 2.70 -9.35 13.68
CA ASP A 31 3.61 -8.36 14.26
C ASP A 31 4.14 -7.38 13.20
N TRP A 32 4.08 -7.73 11.91
CA TRP A 32 4.42 -6.82 10.82
C TRP A 32 3.28 -5.80 10.70
N ASP A 33 2.30 -5.99 9.81
CA ASP A 33 1.10 -5.15 9.73
C ASP A 33 1.39 -3.64 9.53
N LYS A 34 2.62 -3.23 9.15
CA LYS A 34 3.03 -1.82 9.24
C LYS A 34 2.44 -1.06 8.05
N PRO A 35 1.72 0.06 8.25
CA PRO A 35 1.10 0.85 7.19
C PRO A 35 2.11 1.70 6.43
N GLU A 36 1.70 2.38 5.36
CA GLU A 36 2.55 3.37 4.69
C GLU A 36 2.52 4.74 5.38
N HIS A 37 1.47 5.07 6.13
CA HIS A 37 1.38 6.29 6.93
C HIS A 37 0.61 6.01 8.21
N ILE A 38 0.99 6.68 9.30
CA ILE A 38 0.27 6.76 10.58
C ILE A 38 0.06 8.26 10.90
N PRO A 39 -1.06 8.65 11.53
CA PRO A 39 -1.33 10.04 11.89
C PRO A 39 -0.61 10.35 13.21
N ASP A 40 0.06 11.49 13.30
CA ASP A 40 0.81 11.82 14.52
C ASP A 40 -0.18 12.18 15.62
N PRO A 41 -0.27 11.44 16.73
CA PRO A 41 -1.23 11.75 17.80
C PRO A 41 -0.88 13.09 18.47
N ASP A 42 0.39 13.50 18.42
CA ASP A 42 0.84 14.77 18.97
C ASP A 42 0.59 15.94 18.00
N ALA A 43 0.01 15.68 16.81
CA ALA A 43 -0.38 16.72 15.88
C ALA A 43 -1.53 17.55 16.49
N LYS A 44 -1.20 18.65 17.16
CA LYS A 44 -2.14 19.62 17.70
C LYS A 44 -2.54 20.57 16.57
N LYS A 45 -3.85 20.68 16.29
CA LYS A 45 -4.33 21.57 15.22
C LYS A 45 -4.22 23.03 15.63
N PRO A 46 -4.27 23.98 14.68
CA PRO A 46 -4.36 25.37 15.05
C PRO A 46 -5.68 25.62 15.78
N GLU A 47 -5.57 26.44 16.81
CA GLU A 47 -6.66 27.08 17.54
C GLU A 47 -7.23 28.27 16.75
N ASP A 48 -6.55 28.65 15.66
CA ASP A 48 -6.91 29.67 14.66
C ASP A 48 -7.76 29.04 13.53
N TRP A 49 -7.91 27.71 13.55
CA TRP A 49 -8.67 26.98 12.54
C TRP A 49 -10.17 26.94 12.87
N ASP A 50 -11.04 26.96 11.86
CA ASP A 50 -12.48 26.75 12.00
C ASP A 50 -12.86 25.53 11.16
N GLU A 51 -13.32 24.47 11.82
CA GLU A 51 -13.78 23.25 11.17
C GLU A 51 -15.26 23.36 10.80
N GLU A 52 -15.96 24.40 11.27
CA GLU A 52 -17.29 24.70 10.77
C GLU A 52 -17.18 25.13 9.30
N MET A 53 -16.14 25.90 8.96
CA MET A 53 -16.09 26.52 7.64
C MET A 53 -15.42 25.60 6.65
N ASP A 54 -14.31 25.02 7.08
CA ASP A 54 -13.55 24.11 6.28
C ASP A 54 -14.33 22.79 6.12
N GLY A 55 -14.97 22.41 7.23
CA GLY A 55 -15.73 21.17 7.39
C GLY A 55 -15.06 20.21 8.38
N GLU A 56 -13.75 20.33 8.59
CA GLU A 56 -12.94 19.55 9.50
C GLU A 56 -11.59 20.27 9.58
N TRP A 57 -10.63 19.75 10.34
CA TRP A 57 -9.27 20.24 10.24
C TRP A 57 -8.55 19.53 9.08
N GLU A 58 -7.68 18.55 9.37
CA GLU A 58 -6.59 18.07 8.50
C GLU A 58 -5.41 17.57 9.36
N PRO A 59 -5.54 16.42 10.01
CA PRO A 59 -4.45 15.80 10.74
C PRO A 59 -3.41 15.32 9.72
N PRO A 60 -2.14 15.71 9.83
CA PRO A 60 -1.10 15.19 8.95
C PRO A 60 -0.72 13.77 9.37
N VAL A 61 -0.16 13.03 8.42
CA VAL A 61 0.49 11.76 8.68
C VAL A 61 2.01 11.88 8.56
N ILE A 62 2.65 10.91 9.20
CA ILE A 62 4.06 10.66 9.37
C ILE A 62 4.28 9.21 8.89
N GLN A 63 5.39 8.93 8.22
CA GLN A 63 5.77 7.57 7.90
C GLN A 63 6.20 6.89 9.20
N ASN A 64 5.67 5.68 9.43
CA ASN A 64 5.97 4.86 10.60
C ASN A 64 7.47 4.52 10.58
N PRO A 65 8.17 4.57 11.71
CA PRO A 65 9.60 4.21 11.77
C PRO A 65 9.84 2.75 11.36
N GLU A 66 8.86 1.87 11.58
CA GLU A 66 8.89 0.45 11.24
C GLU A 66 8.44 0.20 9.80
N TYR A 67 8.12 1.22 8.99
CA TYR A 67 7.63 1.04 7.63
C TYR A 67 8.76 0.52 6.72
N LYS A 68 8.99 -0.79 6.79
CA LYS A 68 9.93 -1.51 5.92
C LYS A 68 9.40 -1.57 4.48
N GLY A 69 8.08 -1.51 4.32
CA GLY A 69 7.36 -1.71 3.07
C GLY A 69 5.93 -2.06 3.45
N GLU A 70 5.41 -3.18 2.96
CA GLU A 70 3.99 -3.54 3.05
C GLU A 70 3.81 -5.06 3.17
N TRP A 71 4.18 -5.66 4.30
CA TRP A 71 4.16 -7.12 4.47
C TRP A 71 4.96 -7.79 3.36
N LYS A 72 6.26 -7.53 3.29
CA LYS A 72 7.09 -8.01 2.20
C LYS A 72 8.00 -9.15 2.69
N PRO A 73 7.60 -10.42 2.49
CA PRO A 73 8.36 -11.61 2.87
C PRO A 73 9.73 -11.64 2.18
N ARG A 74 10.51 -12.72 2.40
CA ARG A 74 11.70 -13.00 1.59
C ARG A 74 11.33 -12.98 0.11
N GLN A 75 11.70 -11.89 -0.56
CA GLN A 75 11.27 -11.59 -1.90
C GLN A 75 12.49 -11.88 -2.77
N ILE A 76 12.63 -13.14 -3.16
CA ILE A 76 13.87 -13.62 -3.74
C ILE A 76 13.92 -13.17 -5.20
N ASP A 77 15.10 -12.73 -5.64
CA ASP A 77 15.41 -12.42 -7.03
C ASP A 77 15.27 -13.74 -7.79
N ASN A 78 14.25 -13.87 -8.63
CA ASN A 78 13.97 -15.08 -9.39
C ASN A 78 15.09 -15.23 -10.42
N PRO A 79 15.92 -16.27 -10.33
CA PRO A 79 17.06 -16.40 -11.22
C PRO A 79 16.65 -16.71 -12.66
N ASP A 80 15.35 -16.93 -12.96
CA ASP A 80 14.82 -17.26 -14.28
C ASP A 80 13.52 -16.47 -14.53
N TYR A 81 13.56 -15.18 -14.88
CA TYR A 81 12.36 -14.46 -15.33
C TYR A 81 12.61 -13.61 -16.58
N LYS A 82 11.55 -12.99 -17.10
CA LYS A 82 11.58 -12.16 -18.28
C LYS A 82 11.76 -10.72 -17.85
N GLY A 83 12.88 -10.11 -18.22
CA GLY A 83 13.19 -8.71 -17.97
C GLY A 83 12.03 -7.78 -18.34
N THR A 84 11.34 -7.25 -17.34
CA THR A 84 10.15 -6.42 -17.47
C THR A 84 10.51 -5.14 -18.22
N TRP A 85 10.03 -5.07 -19.48
CA TRP A 85 10.33 -4.07 -20.49
C TRP A 85 10.40 -2.65 -19.92
N ILE A 86 9.26 -2.09 -19.53
CA ILE A 86 9.01 -0.89 -18.74
C ILE A 86 7.58 -0.51 -19.05
N HIS A 87 6.66 -1.15 -18.33
CA HIS A 87 5.27 -0.80 -18.44
C HIS A 87 5.11 0.61 -17.82
N PRO A 88 4.45 1.55 -18.50
CA PRO A 88 4.08 2.81 -17.91
C PRO A 88 2.90 2.54 -16.98
N GLU A 89 3.16 2.35 -15.69
CA GLU A 89 2.15 2.31 -14.64
C GLU A 89 1.15 3.46 -14.88
N ILE A 90 -0.11 3.36 -14.42
CA ILE A 90 -1.02 4.52 -14.38
C ILE A 90 -1.58 4.78 -12.98
N ASP A 91 -2.10 5.98 -12.75
CA ASP A 91 -2.74 6.49 -11.55
C ASP A 91 -4.00 5.71 -11.18
N ASN A 92 -3.77 4.60 -10.49
CA ASN A 92 -4.71 3.58 -10.03
C ASN A 92 -6.10 4.16 -9.75
N PRO A 93 -7.07 3.93 -10.66
CA PRO A 93 -8.45 4.35 -10.50
C PRO A 93 -9.13 3.77 -9.26
N GLU A 94 -8.48 2.82 -8.58
CA GLU A 94 -8.94 2.17 -7.35
C GLU A 94 -8.07 2.55 -6.14
N TYR A 95 -7.27 3.60 -6.24
CA TYR A 95 -6.42 4.06 -5.15
C TYR A 95 -7.23 4.67 -4.02
N SER A 96 -8.03 5.68 -4.36
CA SER A 96 -8.53 6.73 -3.50
C SER A 96 -7.45 7.43 -2.65
N PRO A 97 -7.26 8.75 -2.80
CA PRO A 97 -6.52 9.53 -1.83
C PRO A 97 -7.37 9.81 -0.59
N ASP A 98 -8.69 9.85 -0.74
CA ASP A 98 -9.71 10.11 0.28
C ASP A 98 -11.09 10.07 -0.38
N ALA A 99 -11.37 11.02 -1.29
CA ALA A 99 -12.66 11.21 -1.94
C ALA A 99 -12.89 10.21 -3.08
N ASN A 100 -12.22 10.44 -4.22
CA ASN A 100 -12.23 9.51 -5.34
C ASN A 100 -10.87 9.49 -6.02
N ILE A 101 -10.41 10.61 -6.60
CA ILE A 101 -8.99 10.77 -6.96
C ILE A 101 -8.59 12.24 -6.88
N SER A 1 1.74 6.83 -9.99
CA SER A 1 2.61 7.33 -11.07
C SER A 1 1.85 7.27 -12.38
N LYS A 2 2.30 8.05 -13.36
CA LYS A 2 1.37 8.51 -14.37
C LYS A 2 1.15 7.61 -15.56
N LYS A 3 2.16 6.84 -15.99
CA LYS A 3 1.90 5.66 -16.84
C LYS A 3 1.49 4.55 -15.90
N ILE A 4 2.33 3.55 -15.59
CA ILE A 4 2.12 2.41 -14.68
C ILE A 4 1.71 1.18 -15.52
N LYS A 5 1.95 0.00 -14.96
CA LYS A 5 1.76 -1.27 -15.64
C LYS A 5 0.31 -1.69 -15.51
N ASP A 6 -0.40 -1.68 -16.63
CA ASP A 6 -1.85 -1.83 -16.69
C ASP A 6 -2.22 -2.89 -17.73
N PRO A 7 -3.45 -3.43 -17.73
CA PRO A 7 -3.84 -4.54 -18.60
C PRO A 7 -4.10 -4.07 -20.03
N ASP A 8 -4.66 -2.87 -20.20
CA ASP A 8 -4.90 -2.26 -21.51
C ASP A 8 -3.60 -2.07 -22.29
N ALA A 9 -2.44 -2.13 -21.61
CA ALA A 9 -1.14 -2.27 -22.24
C ALA A 9 -0.95 -3.69 -22.81
N ALA A 10 -2.03 -4.33 -23.30
CA ALA A 10 -2.14 -5.68 -23.80
C ALA A 10 -1.39 -6.71 -22.94
N LYS A 11 -1.37 -6.51 -21.61
CA LYS A 11 -0.58 -7.36 -20.74
C LYS A 11 -1.43 -8.56 -20.31
N PRO A 12 -0.95 -9.80 -20.46
CA PRO A 12 -1.47 -10.93 -19.71
C PRO A 12 -1.24 -10.69 -18.21
N GLU A 13 -2.31 -10.37 -17.48
CA GLU A 13 -2.35 -10.12 -16.04
C GLU A 13 -2.35 -11.40 -15.21
N ASP A 14 -2.05 -12.54 -15.81
CA ASP A 14 -2.02 -13.84 -15.15
C ASP A 14 -1.09 -14.77 -15.93
N TRP A 15 0.14 -14.30 -16.17
CA TRP A 15 1.20 -15.12 -16.71
C TRP A 15 2.44 -14.98 -15.83
N ASP A 16 2.26 -15.13 -14.52
CA ASP A 16 3.21 -14.92 -13.42
C ASP A 16 3.86 -13.53 -13.39
N GLU A 17 4.70 -13.18 -14.38
CA GLU A 17 5.25 -11.84 -14.63
C GLU A 17 6.25 -11.40 -13.52
N ARG A 18 6.72 -12.28 -12.62
CA ARG A 18 7.59 -11.90 -11.49
C ARG A 18 8.82 -12.79 -11.40
N ALA A 19 10.00 -12.19 -11.55
CA ALA A 19 11.26 -12.84 -11.24
C ALA A 19 11.33 -13.28 -9.77
N LYS A 20 10.75 -12.49 -8.86
CA LYS A 20 10.97 -12.62 -7.43
C LYS A 20 9.60 -12.75 -6.78
N ILE A 21 9.15 -14.00 -6.62
CA ILE A 21 7.78 -14.35 -6.27
C ILE A 21 7.66 -14.39 -4.75
N ASP A 22 6.50 -14.00 -4.24
CA ASP A 22 6.33 -13.57 -2.88
C ASP A 22 5.47 -14.56 -2.10
N ASP A 23 6.16 -15.55 -1.54
CA ASP A 23 5.69 -16.84 -1.08
C ASP A 23 4.97 -17.66 -2.18
N PRO A 24 5.15 -18.99 -2.21
CA PRO A 24 4.53 -19.84 -3.23
C PRO A 24 3.14 -20.36 -2.83
N THR A 25 2.67 -20.05 -1.61
CA THR A 25 1.49 -20.53 -0.88
C THR A 25 1.67 -20.28 0.63
N ASP A 26 2.91 -20.29 1.13
CA ASP A 26 3.19 -20.35 2.56
C ASP A 26 3.21 -18.95 3.17
N SER A 27 2.10 -18.57 3.81
CA SER A 27 1.91 -17.31 4.52
C SER A 27 2.99 -17.02 5.56
N LYS A 28 3.38 -15.76 5.66
CA LYS A 28 4.40 -15.31 6.61
C LYS A 28 3.83 -14.26 7.56
N PRO A 29 4.04 -14.39 8.88
CA PRO A 29 3.70 -13.34 9.81
C PRO A 29 4.88 -12.38 10.03
N GLU A 30 5.93 -12.81 10.74
CA GLU A 30 7.07 -11.99 11.22
C GLU A 30 6.65 -10.74 11.97
N ASP A 31 5.40 -10.77 12.45
CA ASP A 31 4.63 -9.68 13.02
C ASP A 31 4.91 -8.34 12.36
N TRP A 32 4.87 -8.43 11.04
CA TRP A 32 5.04 -7.28 10.19
C TRP A 32 3.77 -6.43 10.16
N ASP A 33 2.84 -6.72 9.22
CA ASP A 33 1.65 -5.97 8.81
C ASP A 33 1.54 -4.55 9.40
N LYS A 34 2.51 -3.65 9.12
CA LYS A 34 2.50 -2.31 9.70
C LYS A 34 1.98 -1.28 8.72
N PRO A 35 1.45 -0.16 9.23
CA PRO A 35 0.88 0.91 8.41
C PRO A 35 1.96 1.80 7.83
N GLU A 36 1.66 2.44 6.71
CA GLU A 36 2.53 3.37 6.00
C GLU A 36 2.58 4.73 6.72
N HIS A 37 1.44 5.23 7.19
CA HIS A 37 1.25 6.58 7.68
C HIS A 37 0.50 6.48 9.01
N ILE A 38 1.05 7.06 10.06
CA ILE A 38 0.54 6.96 11.43
C ILE A 38 0.29 8.38 11.96
N PRO A 39 -0.89 8.68 12.51
CA PRO A 39 -1.23 10.05 12.85
C PRO A 39 -0.41 10.47 14.06
N ASP A 40 0.18 11.66 13.97
CA ASP A 40 1.05 12.18 15.04
C ASP A 40 0.25 12.23 16.33
N PRO A 41 0.71 11.61 17.44
CA PRO A 41 -0.03 11.55 18.69
C PRO A 41 -0.15 12.92 19.36
N ASP A 42 0.67 13.87 18.93
CA ASP A 42 0.83 15.18 19.53
C ASP A 42 0.28 16.29 18.62
N ALA A 43 -0.53 15.92 17.64
CA ALA A 43 -0.92 16.77 16.52
C ALA A 43 -1.94 17.83 16.96
N LYS A 44 -1.42 18.97 17.39
CA LYS A 44 -2.17 20.15 17.76
C LYS A 44 -2.58 20.92 16.52
N LYS A 45 -3.89 21.05 16.31
CA LYS A 45 -4.39 21.85 15.20
C LYS A 45 -4.24 23.34 15.49
N PRO A 46 -4.26 24.21 14.47
CA PRO A 46 -4.27 25.63 14.73
C PRO A 46 -5.63 26.02 15.32
N GLU A 47 -5.58 27.00 16.20
CA GLU A 47 -6.68 27.81 16.71
C GLU A 47 -7.20 28.79 15.65
N ASP A 48 -6.46 28.96 14.55
CA ASP A 48 -6.81 29.73 13.35
C ASP A 48 -7.54 28.84 12.35
N TRP A 49 -7.88 27.60 12.74
CA TRP A 49 -8.61 26.67 11.91
C TRP A 49 -10.10 26.66 12.23
N ASP A 50 -10.95 26.70 11.20
CA ASP A 50 -12.40 26.69 11.34
C ASP A 50 -12.96 25.45 10.66
N GLU A 51 -13.25 24.41 11.43
CA GLU A 51 -13.73 23.14 10.87
C GLU A 51 -15.18 23.26 10.40
N GLU A 52 -15.88 24.33 10.75
CA GLU A 52 -17.22 24.56 10.22
C GLU A 52 -17.21 25.22 8.87
N MET A 53 -16.07 25.76 8.45
CA MET A 53 -15.93 26.20 7.08
C MET A 53 -15.24 25.13 6.29
N ASP A 54 -14.18 24.57 6.87
CA ASP A 54 -13.40 23.64 6.10
C ASP A 54 -14.15 22.32 6.00
N GLY A 55 -14.81 21.95 7.10
CA GLY A 55 -15.52 20.69 7.28
C GLY A 55 -14.92 19.83 8.38
N GLU A 56 -13.59 19.79 8.51
CA GLU A 56 -12.89 19.14 9.61
C GLU A 56 -11.54 19.87 9.68
N TRP A 57 -10.62 19.44 10.53
CA TRP A 57 -9.26 19.91 10.42
C TRP A 57 -8.52 19.19 9.29
N GLU A 58 -7.63 18.23 9.61
CA GLU A 58 -6.64 17.58 8.71
C GLU A 58 -5.44 16.98 9.45
N PRO A 59 -5.64 16.08 10.42
CA PRO A 59 -4.60 15.66 11.33
C PRO A 59 -3.43 14.97 10.59
N PRO A 60 -2.19 15.47 10.71
CA PRO A 60 -1.07 14.96 9.97
C PRO A 60 -0.66 13.56 10.42
N VAL A 61 0.05 12.91 9.51
CA VAL A 61 0.59 11.58 9.66
C VAL A 61 2.08 11.65 9.38
N ILE A 62 2.88 11.09 10.27
CA ILE A 62 4.28 10.83 10.03
C ILE A 62 4.39 9.41 9.43
N GLN A 63 5.45 9.12 8.67
CA GLN A 63 5.73 7.76 8.25
C GLN A 63 6.13 6.93 9.48
N ASN A 64 5.66 5.69 9.54
CA ASN A 64 6.01 4.74 10.58
C ASN A 64 7.53 4.45 10.48
N PRO A 65 8.32 4.53 11.57
CA PRO A 65 9.74 4.20 11.53
C PRO A 65 10.02 2.75 11.10
N GLU A 66 9.03 1.87 11.22
CA GLU A 66 9.16 0.49 10.81
C GLU A 66 8.96 0.31 9.30
N TYR A 67 8.38 1.28 8.58
CA TYR A 67 7.80 1.14 7.23
C TYR A 67 8.68 0.38 6.23
N LYS A 68 8.10 -0.57 5.49
CA LYS A 68 8.78 -1.45 4.51
C LYS A 68 8.01 -1.54 3.20
N GLY A 69 7.30 -0.49 2.79
CA GLY A 69 6.60 -0.43 1.52
C GLY A 69 5.20 -1.05 1.58
N GLU A 70 5.08 -2.31 2.03
CA GLU A 70 3.85 -3.11 2.04
C GLU A 70 4.11 -4.45 2.72
N TRP A 71 3.07 -5.28 2.95
CA TRP A 71 3.12 -6.64 3.50
C TRP A 71 3.81 -7.64 2.59
N LYS A 72 5.11 -7.45 2.32
CA LYS A 72 5.81 -8.25 1.33
C LYS A 72 6.18 -9.61 1.87
N PRO A 73 5.60 -10.71 1.33
CA PRO A 73 5.93 -12.06 1.73
C PRO A 73 7.36 -12.45 1.34
N ARG A 74 7.74 -13.71 1.53
CA ARG A 74 9.06 -14.25 1.19
C ARG A 74 9.33 -14.07 -0.30
N GLN A 75 9.98 -12.96 -0.70
CA GLN A 75 10.44 -12.77 -2.06
C GLN A 75 11.70 -13.59 -2.18
N ILE A 76 11.64 -14.70 -2.88
CA ILE A 76 12.81 -15.49 -3.24
C ILE A 76 13.07 -15.26 -4.74
N ASP A 77 14.33 -15.40 -5.14
CA ASP A 77 14.84 -15.09 -6.48
C ASP A 77 14.57 -16.32 -7.35
N ASN A 78 13.39 -16.37 -7.95
CA ASN A 78 12.79 -17.58 -8.52
C ASN A 78 13.54 -17.97 -9.79
N PRO A 79 14.24 -19.12 -9.84
CA PRO A 79 15.29 -19.36 -10.83
C PRO A 79 14.82 -19.52 -12.28
N ASP A 80 13.52 -19.59 -12.54
CA ASP A 80 12.88 -19.57 -13.86
C ASP A 80 11.56 -18.84 -13.68
N TYR A 81 11.32 -17.75 -14.42
CA TYR A 81 10.08 -16.99 -14.34
C TYR A 81 9.59 -16.57 -15.72
N LYS A 82 8.35 -16.09 -15.83
CA LYS A 82 7.77 -15.65 -17.10
C LYS A 82 8.26 -14.25 -17.43
N GLY A 83 9.32 -14.18 -18.25
CA GLY A 83 10.03 -12.97 -18.60
C GLY A 83 9.09 -11.92 -19.17
N THR A 84 8.88 -10.84 -18.44
CA THR A 84 8.07 -9.67 -18.81
C THR A 84 8.43 -9.22 -20.23
N TRP A 85 7.46 -9.21 -21.15
CA TRP A 85 7.71 -8.94 -22.56
C TRP A 85 8.19 -7.49 -22.79
N ILE A 86 7.28 -6.53 -22.89
CA ILE A 86 7.44 -5.08 -22.84
C ILE A 86 6.08 -4.46 -23.16
N HIS A 87 5.19 -4.60 -22.19
CA HIS A 87 3.97 -3.83 -22.10
C HIS A 87 4.31 -2.33 -22.25
N PRO A 88 3.51 -1.56 -23.00
CA PRO A 88 3.80 -0.15 -23.27
C PRO A 88 3.55 0.85 -22.15
N GLU A 89 3.05 0.34 -21.03
CA GLU A 89 2.25 0.98 -20.01
C GLU A 89 1.05 1.76 -20.60
N ILE A 90 0.09 2.17 -19.78
CA ILE A 90 -0.98 3.11 -20.15
C ILE A 90 -1.01 4.22 -19.11
N ASP A 91 -1.50 5.41 -19.45
CA ASP A 91 -1.63 6.54 -18.53
C ASP A 91 -2.67 6.24 -17.45
N ASN A 92 -2.21 5.81 -16.26
CA ASN A 92 -2.98 5.32 -15.13
C ASN A 92 -4.27 6.13 -14.93
N PRO A 93 -5.45 5.52 -15.08
CA PRO A 93 -6.72 6.21 -14.88
C PRO A 93 -6.83 6.85 -13.49
N GLU A 94 -6.15 6.29 -12.48
CA GLU A 94 -6.22 6.63 -11.07
C GLU A 94 -4.99 7.42 -10.63
N TYR A 95 -4.14 7.85 -11.58
CA TYR A 95 -3.12 8.84 -11.29
C TYR A 95 -3.77 10.21 -11.02
N SER A 96 -4.76 10.58 -11.84
CA SER A 96 -5.44 11.86 -11.98
C SER A 96 -4.47 13.01 -12.33
N PRO A 97 -4.68 13.74 -13.44
CA PRO A 97 -3.82 14.84 -13.83
C PRO A 97 -3.88 15.96 -12.79
N ASP A 98 -5.03 16.62 -12.68
CA ASP A 98 -5.31 17.63 -11.66
C ASP A 98 -6.71 17.37 -11.12
N ALA A 99 -7.76 17.55 -11.94
CA ALA A 99 -9.15 17.38 -11.52
C ALA A 99 -10.11 16.96 -12.64
N ASN A 100 -9.63 16.48 -13.78
CA ASN A 100 -10.45 16.00 -14.88
C ASN A 100 -9.77 14.78 -15.49
N ILE A 101 -10.37 13.59 -15.39
CA ILE A 101 -9.92 12.40 -16.13
C ILE A 101 -11.19 11.75 -16.67
N SER A 1 -6.97 -2.80 6.64
CA SER A 1 -6.59 -1.40 6.38
C SER A 1 -7.62 -0.67 5.54
N LYS A 2 -7.56 0.66 5.63
CA LYS A 2 -8.31 1.58 4.78
C LYS A 2 -8.09 1.26 3.30
N LYS A 3 -9.05 1.76 2.52
CA LYS A 3 -9.25 1.62 1.06
C LYS A 3 -8.79 0.26 0.53
N ILE A 4 -9.76 -0.63 0.37
CA ILE A 4 -9.47 -2.00 -0.01
C ILE A 4 -10.14 -2.35 -1.34
N LYS A 5 -9.72 -3.49 -1.90
CA LYS A 5 -10.36 -4.11 -3.05
C LYS A 5 -11.68 -4.71 -2.56
N ASP A 6 -12.78 -4.43 -3.26
CA ASP A 6 -14.14 -4.76 -2.83
C ASP A 6 -15.01 -4.89 -4.10
N PRO A 7 -16.19 -5.54 -4.06
CA PRO A 7 -16.95 -5.84 -5.26
C PRO A 7 -17.66 -4.60 -5.82
N ASP A 8 -18.02 -3.63 -4.98
CA ASP A 8 -18.62 -2.36 -5.39
C ASP A 8 -17.66 -1.55 -6.26
N ALA A 9 -16.37 -1.86 -6.19
CA ALA A 9 -15.36 -1.34 -7.10
C ALA A 9 -15.50 -1.95 -8.52
N ALA A 10 -16.54 -2.74 -8.81
CA ALA A 10 -16.96 -3.30 -10.10
C ALA A 10 -15.94 -4.17 -10.83
N LYS A 11 -14.84 -4.48 -10.16
CA LYS A 11 -13.65 -5.11 -10.72
C LYS A 11 -13.97 -6.58 -11.02
N PRO A 12 -13.65 -7.11 -12.21
CA PRO A 12 -13.52 -8.55 -12.39
C PRO A 12 -12.43 -9.05 -11.44
N GLU A 13 -12.76 -9.90 -10.46
CA GLU A 13 -11.78 -10.50 -9.57
C GLU A 13 -10.98 -11.62 -10.22
N ASP A 14 -10.84 -11.59 -11.53
CA ASP A 14 -10.54 -12.79 -12.26
C ASP A 14 -9.85 -12.54 -13.58
N TRP A 15 -9.82 -11.30 -14.05
CA TRP A 15 -9.23 -11.00 -15.34
C TRP A 15 -7.73 -10.83 -15.15
N ASP A 16 -7.05 -11.83 -14.59
CA ASP A 16 -5.66 -11.80 -14.12
C ASP A 16 -5.48 -10.75 -12.98
N GLU A 17 -5.47 -9.46 -13.34
CA GLU A 17 -5.23 -8.24 -12.58
C GLU A 17 -3.86 -8.17 -11.93
N ARG A 18 -3.28 -6.97 -11.96
CA ARG A 18 -1.90 -6.63 -11.65
C ARG A 18 -0.93 -7.19 -12.68
N ALA A 19 0.02 -6.34 -13.07
CA ALA A 19 1.14 -6.74 -13.91
C ALA A 19 1.99 -7.79 -13.21
N LYS A 20 2.12 -7.67 -11.89
CA LYS A 20 2.96 -8.52 -11.07
C LYS A 20 2.19 -8.89 -9.82
N ILE A 21 2.23 -10.14 -9.39
CA ILE A 21 1.47 -10.59 -8.22
C ILE A 21 2.44 -11.19 -7.21
N ASP A 22 2.01 -11.26 -5.94
CA ASP A 22 2.85 -11.82 -4.91
C ASP A 22 3.22 -13.24 -5.30
N ASP A 23 4.47 -13.61 -5.03
CA ASP A 23 5.06 -14.87 -5.49
C ASP A 23 4.12 -16.02 -5.15
N PRO A 24 3.72 -16.89 -6.09
CA PRO A 24 2.79 -17.99 -5.82
C PRO A 24 3.32 -19.04 -4.82
N THR A 25 4.51 -18.84 -4.27
CA THR A 25 5.12 -19.71 -3.26
C THR A 25 5.62 -18.92 -2.03
N ASP A 26 6.40 -17.84 -2.23
CA ASP A 26 7.03 -17.09 -1.14
C ASP A 26 5.97 -16.42 -0.24
N SER A 27 6.36 -16.02 0.96
CA SER A 27 5.52 -15.59 2.07
C SER A 27 6.21 -14.45 2.82
N LYS A 28 5.53 -13.84 3.78
CA LYS A 28 6.07 -12.74 4.60
C LYS A 28 5.59 -12.85 6.04
N PRO A 29 6.35 -12.26 6.98
CA PRO A 29 5.92 -12.17 8.37
C PRO A 29 4.84 -11.11 8.54
N GLU A 30 4.06 -11.32 9.60
CA GLU A 30 3.06 -10.37 10.08
C GLU A 30 3.76 -9.17 10.70
N ASP A 31 4.99 -9.33 11.19
CA ASP A 31 5.85 -8.28 11.75
C ASP A 31 6.37 -7.31 10.68
N TRP A 32 5.96 -7.48 9.42
CA TRP A 32 6.10 -6.48 8.38
C TRP A 32 4.81 -5.69 8.19
N ASP A 33 3.66 -6.35 8.27
CA ASP A 33 2.31 -5.85 7.96
C ASP A 33 1.82 -4.79 8.96
N LYS A 34 2.56 -3.69 9.03
CA LYS A 34 2.34 -2.55 9.90
C LYS A 34 1.52 -1.49 9.16
N PRO A 35 1.18 -0.36 9.79
CA PRO A 35 0.50 0.72 9.09
C PRO A 35 1.44 1.37 8.07
N GLU A 36 0.88 2.23 7.24
CA GLU A 36 1.57 2.88 6.13
C GLU A 36 1.85 4.36 6.45
N HIS A 37 0.96 5.00 7.21
CA HIS A 37 1.22 6.29 7.85
C HIS A 37 0.47 6.29 9.17
N ILE A 38 1.14 6.58 10.29
CA ILE A 38 0.56 6.63 11.64
C ILE A 38 0.28 8.10 12.00
N PRO A 39 -0.88 8.41 12.61
CA PRO A 39 -1.23 9.78 12.98
C PRO A 39 -0.42 10.22 14.20
N ASP A 40 0.02 11.48 14.21
CA ASP A 40 0.99 11.97 15.18
C ASP A 40 0.32 12.20 16.55
N PRO A 41 0.88 11.70 17.67
CA PRO A 41 0.30 11.84 19.00
C PRO A 41 0.22 13.30 19.47
N ASP A 42 1.12 14.15 18.96
CA ASP A 42 1.29 15.53 19.37
C ASP A 42 0.84 16.49 18.27
N ALA A 43 0.11 16.00 17.26
CA ALA A 43 -0.57 16.83 16.28
C ALA A 43 -1.65 17.66 16.98
N LYS A 44 -1.38 18.93 17.24
CA LYS A 44 -2.39 19.90 17.67
C LYS A 44 -2.84 20.69 16.46
N LYS A 45 -4.12 21.05 16.38
CA LYS A 45 -4.58 21.87 15.27
C LYS A 45 -4.31 23.36 15.53
N PRO A 46 -4.28 24.20 14.50
CA PRO A 46 -4.19 25.63 14.68
C PRO A 46 -5.49 26.16 15.29
N GLU A 47 -5.39 27.24 16.03
CA GLU A 47 -6.53 28.03 16.54
C GLU A 47 -7.10 28.98 15.49
N ASP A 48 -6.36 29.13 14.38
CA ASP A 48 -6.65 29.99 13.22
C ASP A 48 -7.47 29.24 12.15
N TRP A 49 -7.74 27.95 12.40
CA TRP A 49 -8.46 27.07 11.50
C TRP A 49 -9.97 27.19 11.72
N ASP A 50 -10.80 26.94 10.69
CA ASP A 50 -12.26 26.85 10.82
C ASP A 50 -12.74 25.50 10.31
N GLU A 51 -12.99 24.57 11.23
CA GLU A 51 -13.54 23.26 10.92
C GLU A 51 -15.00 23.37 10.50
N GLU A 52 -15.64 24.52 10.66
CA GLU A 52 -16.99 24.70 10.12
C GLU A 52 -16.98 25.03 8.63
N MET A 53 -15.84 25.47 8.06
CA MET A 53 -15.79 25.84 6.64
C MET A 53 -14.97 24.83 5.84
N ASP A 54 -13.96 24.23 6.46
CA ASP A 54 -13.36 23.01 5.91
C ASP A 54 -14.35 21.85 6.07
N GLY A 55 -14.94 21.74 7.26
CA GLY A 55 -15.76 20.61 7.68
C GLY A 55 -15.12 19.81 8.83
N GLU A 56 -13.79 19.86 8.99
CA GLU A 56 -13.01 19.23 10.03
C GLU A 56 -11.66 19.97 10.02
N TRP A 57 -10.67 19.52 10.77
CA TRP A 57 -9.31 19.95 10.52
C TRP A 57 -8.65 18.99 9.53
N GLU A 58 -7.77 18.10 9.99
CA GLU A 58 -6.80 17.37 9.13
C GLU A 58 -5.63 16.82 9.94
N PRO A 59 -5.85 15.77 10.74
CA PRO A 59 -4.84 15.25 11.64
C PRO A 59 -3.68 14.68 10.81
N PRO A 60 -2.48 15.24 10.91
CA PRO A 60 -1.34 14.80 10.14
C PRO A 60 -0.90 13.41 10.59
N VAL A 61 -0.22 12.75 9.65
CA VAL A 61 0.43 11.48 9.84
C VAL A 61 1.92 11.65 9.54
N ILE A 62 2.68 10.65 9.95
CA ILE A 62 4.07 10.44 9.61
C ILE A 62 4.15 8.98 9.13
N GLN A 63 5.03 8.66 8.18
CA GLN A 63 5.35 7.27 7.94
C GLN A 63 5.98 6.70 9.20
N ASN A 64 5.57 5.50 9.58
CA ASN A 64 6.07 4.82 10.76
C ASN A 64 7.50 4.33 10.53
N PRO A 65 8.33 4.23 11.59
CA PRO A 65 9.71 3.76 11.48
C PRO A 65 9.84 2.26 11.15
N GLU A 66 8.73 1.55 11.03
CA GLU A 66 8.68 0.17 10.60
C GLU A 66 7.88 0.05 9.31
N TYR A 67 7.74 1.15 8.57
CA TYR A 67 7.02 1.19 7.31
C TYR A 67 7.51 0.09 6.35
N LYS A 68 8.84 -0.07 6.25
CA LYS A 68 9.55 -1.01 5.37
C LYS A 68 9.09 -0.81 3.91
N GLY A 69 8.00 -1.47 3.53
CA GLY A 69 7.23 -1.17 2.33
C GLY A 69 5.93 -1.93 2.45
N GLU A 70 4.92 -1.30 3.08
CA GLU A 70 3.47 -1.54 3.01
C GLU A 70 3.02 -2.97 2.65
N TRP A 71 3.46 -3.96 3.46
CA TRP A 71 3.39 -5.40 3.15
C TRP A 71 3.39 -5.70 1.66
N LYS A 72 4.46 -5.28 0.99
CA LYS A 72 4.77 -5.76 -0.34
C LYS A 72 5.58 -7.03 -0.15
N PRO A 73 5.04 -8.22 -0.45
CA PRO A 73 5.86 -9.28 -0.98
C PRO A 73 6.56 -8.77 -2.25
N ARG A 74 7.69 -9.40 -2.56
CA ARG A 74 8.18 -9.37 -3.92
C ARG A 74 7.03 -9.82 -4.78
N GLN A 75 6.83 -9.15 -5.90
CA GLN A 75 5.90 -9.62 -6.88
C GLN A 75 6.58 -9.72 -8.22
N ILE A 76 6.37 -10.89 -8.77
CA ILE A 76 6.93 -11.36 -10.00
C ILE A 76 5.94 -10.94 -11.07
N ASP A 77 6.50 -10.49 -12.18
CA ASP A 77 5.77 -10.05 -13.35
C ASP A 77 5.17 -11.29 -14.01
N ASN A 78 3.85 -11.28 -14.15
CA ASN A 78 3.10 -12.39 -14.74
C ASN A 78 3.45 -12.44 -16.23
N PRO A 79 3.33 -13.59 -16.91
CA PRO A 79 3.83 -13.71 -18.27
C PRO A 79 2.97 -12.93 -19.26
N ASP A 80 1.69 -12.76 -18.96
CA ASP A 80 0.69 -12.19 -19.85
C ASP A 80 -0.57 -11.91 -19.03
N TYR A 81 -0.93 -10.65 -18.79
CA TYR A 81 -2.00 -10.25 -17.89
C TYR A 81 -2.91 -9.17 -18.52
N LYS A 82 -3.98 -8.77 -17.84
CA LYS A 82 -4.90 -7.73 -18.30
C LYS A 82 -4.57 -6.44 -17.56
N GLY A 83 -4.16 -5.40 -18.30
CA GLY A 83 -3.91 -4.07 -17.77
C GLY A 83 -5.06 -3.60 -16.89
N THR A 84 -4.79 -3.41 -15.60
CA THR A 84 -5.71 -2.98 -14.55
C THR A 84 -6.45 -1.70 -14.98
N TRP A 85 -7.79 -1.72 -15.06
CA TRP A 85 -8.56 -0.60 -15.59
C TRP A 85 -8.47 0.64 -14.69
N ILE A 86 -8.98 0.53 -13.46
CA ILE A 86 -8.83 1.41 -12.29
C ILE A 86 -9.99 1.09 -11.36
N HIS A 87 -9.84 0.08 -10.51
CA HIS A 87 -10.88 -0.20 -9.54
C HIS A 87 -10.89 0.91 -8.46
N PRO A 88 -12.04 1.52 -8.17
CA PRO A 88 -12.17 2.50 -7.10
C PRO A 88 -12.21 1.77 -5.74
N GLU A 89 -11.06 1.67 -5.06
CA GLU A 89 -10.95 1.04 -3.74
C GLU A 89 -11.94 1.69 -2.78
N ILE A 90 -12.81 0.89 -2.16
CA ILE A 90 -13.81 1.39 -1.24
C ILE A 90 -13.17 1.44 0.15
N ASP A 91 -13.52 2.43 0.96
CA ASP A 91 -13.01 2.67 2.30
C ASP A 91 -13.42 1.52 3.23
N ASN A 92 -12.54 0.54 3.37
CA ASN A 92 -12.81 -0.76 3.99
C ASN A 92 -13.66 -0.66 5.26
N PRO A 93 -14.93 -1.10 5.26
CA PRO A 93 -15.78 -1.00 6.44
C PRO A 93 -15.34 -1.92 7.59
N GLU A 94 -14.45 -2.89 7.33
CA GLU A 94 -13.85 -3.71 8.36
C GLU A 94 -12.60 -3.05 8.94
N TYR A 95 -12.11 -1.94 8.36
CA TYR A 95 -10.88 -1.27 8.78
C TYR A 95 -10.88 -1.08 10.29
N SER A 96 -12.03 -0.67 10.82
CA SER A 96 -12.41 -0.62 12.22
C SER A 96 -11.32 -1.10 13.17
N PRO A 97 -10.42 -0.21 13.62
CA PRO A 97 -9.35 -0.59 14.53
C PRO A 97 -9.88 -0.86 15.94
N ASP A 98 -11.13 -0.42 16.21
CA ASP A 98 -11.78 -0.12 17.49
C ASP A 98 -12.89 0.92 17.27
N ALA A 99 -12.98 1.52 16.07
CA ALA A 99 -13.90 2.59 15.72
C ALA A 99 -14.82 2.09 14.61
N ASN A 100 -16.14 2.19 14.83
CA ASN A 100 -17.13 1.99 13.79
C ASN A 100 -17.14 3.24 12.90
N ILE A 101 -17.08 3.02 11.58
CA ILE A 101 -16.98 4.05 10.56
C ILE A 101 -17.96 3.72 9.45
N SER A 1 -0.24 6.73 -2.59
CA SER A 1 0.04 5.62 -3.52
C SER A 1 -0.22 5.92 -4.98
N LYS A 2 -1.44 6.25 -5.37
CA LYS A 2 -1.85 6.45 -6.74
C LYS A 2 -1.69 5.22 -7.62
N LYS A 3 -0.87 5.21 -8.67
CA LYS A 3 -0.98 4.17 -9.69
C LYS A 3 -0.80 2.78 -9.06
N ILE A 4 -1.73 1.85 -9.31
CA ILE A 4 -1.76 0.49 -8.79
C ILE A 4 -2.22 -0.47 -9.88
N LYS A 5 -2.06 -1.77 -9.64
CA LYS A 5 -2.49 -2.88 -10.47
C LYS A 5 -4.01 -2.97 -10.43
N ASP A 6 -4.69 -3.15 -11.55
CA ASP A 6 -6.16 -3.13 -11.60
C ASP A 6 -6.71 -3.88 -12.83
N PRO A 7 -8.04 -3.98 -13.06
CA PRO A 7 -8.64 -4.69 -14.18
C PRO A 7 -8.68 -3.88 -15.48
N ASP A 8 -8.82 -2.56 -15.42
CA ASP A 8 -8.81 -1.68 -16.61
C ASP A 8 -7.54 -1.86 -17.44
N ALA A 9 -6.48 -2.28 -16.74
CA ALA A 9 -5.18 -2.60 -17.26
C ALA A 9 -5.14 -3.76 -18.27
N ALA A 10 -6.27 -4.39 -18.61
CA ALA A 10 -6.39 -5.51 -19.55
C ALA A 10 -5.50 -6.74 -19.25
N LYS A 11 -4.93 -6.79 -18.06
CA LYS A 11 -4.00 -7.78 -17.57
C LYS A 11 -4.76 -9.04 -17.13
N PRO A 12 -4.47 -10.21 -17.73
CA PRO A 12 -5.11 -11.48 -17.38
C PRO A 12 -4.66 -11.94 -15.99
N GLU A 13 -5.49 -11.76 -14.96
CA GLU A 13 -5.27 -12.06 -13.56
C GLU A 13 -5.24 -13.58 -13.23
N ASP A 14 -5.13 -14.37 -14.27
CA ASP A 14 -5.15 -15.83 -14.28
C ASP A 14 -4.31 -16.18 -15.50
N TRP A 15 -3.13 -15.58 -15.53
CA TRP A 15 -2.05 -16.03 -16.36
C TRP A 15 -0.78 -16.15 -15.51
N ASP A 16 -0.89 -16.72 -14.31
CA ASP A 16 0.18 -16.85 -13.31
C ASP A 16 0.70 -15.51 -12.78
N GLU A 17 1.52 -14.78 -13.56
CA GLU A 17 1.96 -13.40 -13.30
C GLU A 17 2.58 -13.19 -11.90
N ARG A 18 3.34 -14.17 -11.39
CA ARG A 18 3.95 -14.05 -10.05
C ARG A 18 5.41 -13.65 -10.06
N ALA A 19 6.21 -14.18 -10.98
CA ALA A 19 7.68 -14.18 -11.01
C ALA A 19 8.29 -14.98 -9.87
N LYS A 20 7.87 -14.68 -8.63
CA LYS A 20 8.35 -15.25 -7.39
C LYS A 20 7.14 -15.61 -6.55
N ILE A 21 7.25 -16.65 -5.73
CA ILE A 21 6.14 -17.16 -4.93
C ILE A 21 6.49 -17.04 -3.47
N ASP A 22 5.49 -16.62 -2.70
CA ASP A 22 5.50 -16.55 -1.25
C ASP A 22 5.95 -17.89 -0.68
N ASP A 23 6.83 -17.80 0.31
CA ASP A 23 7.43 -18.91 1.04
C ASP A 23 6.45 -20.07 1.23
N PRO A 24 6.84 -21.27 0.78
CA PRO A 24 5.89 -22.34 0.61
C PRO A 24 5.42 -22.85 1.97
N THR A 25 6.30 -22.83 2.98
CA THR A 25 6.02 -23.15 4.36
C THR A 25 7.03 -22.35 5.20
N ASP A 26 6.64 -21.23 5.80
CA ASP A 26 7.48 -20.57 6.81
C ASP A 26 6.66 -19.91 7.92
N SER A 27 5.66 -19.11 7.54
CA SER A 27 4.88 -18.19 8.39
C SER A 27 5.73 -17.11 9.07
N LYS A 28 5.08 -16.06 9.60
CA LYS A 28 5.70 -14.98 10.36
C LYS A 28 4.69 -14.52 11.43
N PRO A 29 5.03 -13.56 12.30
CA PRO A 29 4.06 -12.92 13.20
C PRO A 29 2.83 -12.29 12.55
N GLU A 30 2.84 -12.07 11.23
CA GLU A 30 1.94 -11.21 10.45
C GLU A 30 2.13 -9.73 10.77
N ASP A 31 2.37 -9.39 12.05
CA ASP A 31 2.57 -8.06 12.64
C ASP A 31 3.66 -7.21 11.97
N TRP A 32 4.48 -7.80 11.11
CA TRP A 32 5.31 -7.09 10.15
C TRP A 32 4.51 -6.00 9.43
N ASP A 33 3.26 -6.29 9.06
CA ASP A 33 2.33 -5.47 8.27
C ASP A 33 1.91 -4.18 8.98
N LYS A 34 2.90 -3.34 9.28
CA LYS A 34 2.72 -2.02 9.87
C LYS A 34 2.34 -1.02 8.78
N PRO A 35 1.62 0.05 9.12
CA PRO A 35 1.03 0.97 8.16
C PRO A 35 2.07 1.79 7.42
N GLU A 36 1.67 2.41 6.30
CA GLU A 36 2.49 3.40 5.62
C GLU A 36 2.47 4.71 6.42
N HIS A 37 1.29 5.26 6.72
CA HIS A 37 1.11 6.52 7.39
C HIS A 37 0.39 6.29 8.74
N ILE A 38 0.97 6.83 9.82
CA ILE A 38 0.39 6.97 11.16
C ILE A 38 0.22 8.46 11.48
N PRO A 39 -0.85 8.85 12.18
CA PRO A 39 -1.07 10.25 12.52
C PRO A 39 -0.09 10.67 13.61
N ASP A 40 0.28 11.94 13.66
CA ASP A 40 1.15 12.43 14.74
C ASP A 40 0.38 12.39 16.05
N PRO A 41 0.85 11.68 17.10
CA PRO A 41 0.12 11.54 18.35
C PRO A 41 0.19 12.79 19.24
N ASP A 42 1.01 13.77 18.88
CA ASP A 42 1.09 15.08 19.52
C ASP A 42 0.77 16.12 18.44
N ALA A 43 -0.07 15.76 17.46
CA ALA A 43 -0.62 16.73 16.54
C ALA A 43 -1.64 17.57 17.30
N LYS A 44 -1.63 18.87 17.08
CA LYS A 44 -2.44 19.84 17.80
C LYS A 44 -2.86 20.90 16.80
N LYS A 45 -4.17 21.10 16.62
CA LYS A 45 -4.66 21.95 15.55
C LYS A 45 -4.54 23.41 15.93
N PRO A 46 -4.63 24.35 14.99
CA PRO A 46 -4.77 25.74 15.36
C PRO A 46 -6.17 25.96 15.94
N GLU A 47 -6.23 26.86 16.92
CA GLU A 47 -7.44 27.48 17.45
C GLU A 47 -7.93 28.62 16.54
N ASP A 48 -7.15 28.92 15.49
CA ASP A 48 -7.35 29.86 14.38
C ASP A 48 -8.01 29.12 13.20
N TRP A 49 -8.42 27.85 13.40
CA TRP A 49 -9.03 27.01 12.39
C TRP A 49 -10.54 26.82 12.57
N ASP A 50 -11.31 26.90 11.48
CA ASP A 50 -12.77 26.81 11.42
C ASP A 50 -13.12 25.54 10.65
N GLU A 51 -13.24 24.41 11.35
CA GLU A 51 -13.64 23.14 10.75
C GLU A 51 -15.10 23.17 10.32
N GLU A 52 -15.88 24.19 10.70
CA GLU A 52 -17.21 24.39 10.14
C GLU A 52 -17.17 25.00 8.75
N MET A 53 -16.03 25.54 8.31
CA MET A 53 -15.91 26.11 6.98
C MET A 53 -14.94 25.33 6.11
N ASP A 54 -13.84 24.81 6.68
CA ASP A 54 -13.00 23.83 5.97
C ASP A 54 -13.74 22.49 5.86
N GLY A 55 -14.53 22.19 6.88
CA GLY A 55 -15.32 20.97 7.02
C GLY A 55 -14.71 20.03 8.06
N GLU A 56 -13.41 20.13 8.30
CA GLU A 56 -12.63 19.35 9.24
C GLU A 56 -11.33 20.12 9.42
N TRP A 57 -10.41 19.65 10.27
CA TRP A 57 -9.08 20.20 10.26
C TRP A 57 -8.25 19.45 9.22
N GLU A 58 -7.37 18.54 9.64
CA GLU A 58 -6.26 17.99 8.85
C GLU A 58 -5.14 17.47 9.77
N PRO A 59 -5.39 16.33 10.46
CA PRO A 59 -4.43 15.71 11.35
C PRO A 59 -3.27 15.11 10.51
N PRO A 60 -2.03 15.59 10.70
CA PRO A 60 -0.91 15.23 9.85
C PRO A 60 -0.43 13.81 10.10
N VAL A 61 0.33 13.31 9.12
CA VAL A 61 0.77 11.94 9.03
C VAL A 61 2.29 11.85 8.81
N ILE A 62 3.01 11.27 9.78
CA ILE A 62 4.43 10.89 9.69
C ILE A 62 4.61 9.46 9.19
N GLN A 63 5.41 9.20 8.16
CA GLN A 63 5.64 7.83 7.72
C GLN A 63 6.20 7.01 8.89
N ASN A 64 5.82 5.72 8.99
CA ASN A 64 6.20 4.89 10.13
C ASN A 64 7.71 4.76 10.20
N PRO A 65 8.33 4.64 11.39
CA PRO A 65 9.70 4.17 11.47
C PRO A 65 9.76 2.75 10.91
N GLU A 66 8.81 1.88 11.31
CA GLU A 66 8.73 0.50 10.88
C GLU A 66 7.90 0.39 9.60
N TYR A 67 8.18 1.23 8.61
CA TYR A 67 7.51 1.19 7.31
C TYR A 67 8.33 0.33 6.35
N LYS A 68 7.79 -0.82 5.94
CA LYS A 68 8.43 -1.80 5.06
C LYS A 68 7.62 -2.04 3.79
N GLY A 69 6.67 -1.16 3.45
CA GLY A 69 5.88 -1.28 2.23
C GLY A 69 4.68 -2.15 2.51
N GLU A 70 4.83 -3.45 2.34
CA GLU A 70 3.75 -4.43 2.41
C GLU A 70 4.28 -5.69 3.11
N TRP A 71 3.39 -6.64 3.42
CA TRP A 71 3.63 -7.84 4.22
C TRP A 71 4.43 -8.90 3.46
N LYS A 72 5.55 -8.51 2.86
CA LYS A 72 6.32 -9.35 1.95
C LYS A 72 7.15 -10.30 2.79
N PRO A 73 6.87 -11.62 2.75
CA PRO A 73 7.63 -12.61 3.50
C PRO A 73 9.03 -12.77 2.90
N ARG A 74 9.24 -13.81 2.10
CA ARG A 74 10.50 -14.15 1.46
C ARG A 74 10.11 -14.94 0.22
N GLN A 75 9.58 -14.24 -0.79
CA GLN A 75 9.29 -14.94 -2.04
C GLN A 75 10.56 -15.07 -2.85
N ILE A 76 10.62 -16.16 -3.59
CA ILE A 76 11.79 -16.64 -4.29
C ILE A 76 11.29 -17.06 -5.68
N ASP A 77 12.16 -17.08 -6.69
CA ASP A 77 11.71 -17.21 -8.08
C ASP A 77 10.98 -18.54 -8.28
N ASN A 78 9.86 -18.49 -9.00
CA ASN A 78 9.13 -19.70 -9.38
C ASN A 78 10.00 -20.53 -10.35
N PRO A 79 9.86 -21.87 -10.46
CA PRO A 79 10.70 -22.65 -11.38
C PRO A 79 10.50 -22.24 -12.86
N ASP A 80 9.31 -21.79 -13.24
CA ASP A 80 9.06 -20.95 -14.41
C ASP A 80 7.79 -20.16 -14.15
N TYR A 81 7.60 -18.97 -14.74
CA TYR A 81 6.36 -18.24 -14.68
C TYR A 81 6.09 -17.48 -15.99
N LYS A 82 4.85 -17.04 -16.20
CA LYS A 82 4.46 -16.26 -17.39
C LYS A 82 5.02 -14.85 -17.30
N GLY A 83 5.96 -14.51 -18.18
CA GLY A 83 6.71 -13.28 -18.16
C GLY A 83 5.83 -12.05 -18.29
N THR A 84 5.68 -11.33 -17.17
CA THR A 84 4.90 -10.11 -16.99
C THR A 84 5.09 -9.21 -18.20
N TRP A 85 3.98 -8.80 -18.83
CA TRP A 85 4.02 -7.98 -20.03
C TRP A 85 4.41 -6.56 -19.64
N ILE A 86 3.44 -5.73 -19.26
CA ILE A 86 3.57 -4.40 -18.67
C ILE A 86 2.17 -3.82 -18.49
N HIS A 87 1.50 -4.21 -17.40
CA HIS A 87 0.16 -3.71 -17.18
C HIS A 87 0.21 -2.20 -16.88
N PRO A 88 -0.70 -1.40 -17.44
CA PRO A 88 -0.78 0.02 -17.18
C PRO A 88 -1.51 0.28 -15.87
N GLU A 89 -0.75 0.57 -14.82
CA GLU A 89 -1.26 0.86 -13.49
C GLU A 89 -2.27 2.01 -13.56
N ILE A 90 -3.39 1.92 -12.82
CA ILE A 90 -4.41 2.97 -12.79
C ILE A 90 -4.39 3.64 -11.43
N ASP A 91 -4.91 4.87 -11.35
CA ASP A 91 -4.94 5.65 -10.13
C ASP A 91 -5.83 5.05 -9.06
N ASN A 92 -5.18 4.41 -8.08
CA ASN A 92 -5.79 3.71 -6.95
C ASN A 92 -6.96 4.51 -6.37
N PRO A 93 -8.22 4.14 -6.66
CA PRO A 93 -9.39 4.77 -6.09
C PRO A 93 -9.46 4.56 -4.56
N GLU A 94 -8.85 3.50 -4.04
CA GLU A 94 -8.77 3.15 -2.63
C GLU A 94 -7.41 3.62 -2.08
N TYR A 95 -6.91 4.75 -2.59
CA TYR A 95 -5.81 5.49 -2.00
C TYR A 95 -6.36 6.59 -1.09
N SER A 96 -7.31 7.37 -1.60
CA SER A 96 -7.81 8.63 -1.05
C SER A 96 -6.70 9.68 -0.86
N PRO A 97 -6.68 10.78 -1.66
CA PRO A 97 -5.62 11.78 -1.56
C PRO A 97 -5.71 12.53 -0.23
N ASP A 98 -6.92 12.81 0.22
CA ASP A 98 -7.29 13.13 1.60
C ASP A 98 -8.55 12.29 1.83
N ALA A 99 -9.75 12.85 1.62
CA ALA A 99 -11.05 12.22 1.89
C ALA A 99 -12.02 12.31 0.71
N ASN A 100 -11.58 12.76 -0.46
CA ASN A 100 -12.41 12.91 -1.66
C ASN A 100 -11.68 12.23 -2.82
N ILE A 101 -12.27 11.19 -3.41
CA ILE A 101 -11.77 10.46 -4.58
C ILE A 101 -12.96 9.85 -5.31
N SER A 1 15.82 3.11 -2.94
CA SER A 1 17.13 2.69 -3.47
C SER A 1 17.34 3.25 -4.86
N LYS A 2 18.61 3.50 -5.22
CA LYS A 2 18.99 3.80 -6.59
C LYS A 2 18.37 2.75 -7.52
N LYS A 3 18.08 3.22 -8.73
CA LYS A 3 17.53 2.53 -9.88
C LYS A 3 16.33 1.64 -9.57
N ILE A 4 15.13 2.09 -9.94
CA ILE A 4 13.89 1.41 -9.60
C ILE A 4 13.00 1.24 -10.84
N LYS A 5 12.00 0.37 -10.70
CA LYS A 5 10.96 0.07 -11.69
C LYS A 5 10.05 1.29 -11.80
N ASP A 6 9.74 1.78 -13.00
CA ASP A 6 9.02 3.05 -13.20
C ASP A 6 8.21 3.00 -14.51
N PRO A 7 7.42 4.04 -14.87
CA PRO A 7 6.57 4.05 -16.06
C PRO A 7 7.30 4.52 -17.31
N ASP A 8 8.32 5.36 -17.10
CA ASP A 8 9.27 5.82 -18.10
C ASP A 8 9.95 4.63 -18.78
N ALA A 9 9.99 3.53 -18.03
CA ALA A 9 10.60 2.28 -18.42
C ALA A 9 9.82 1.51 -19.50
N ALA A 10 8.65 2.02 -19.92
CA ALA A 10 7.82 1.39 -20.96
C ALA A 10 7.37 -0.04 -20.62
N LYS A 11 7.37 -0.39 -19.33
CA LYS A 11 7.07 -1.73 -18.87
C LYS A 11 5.57 -1.86 -18.59
N PRO A 12 4.83 -2.74 -19.30
CA PRO A 12 3.45 -3.06 -18.95
C PRO A 12 3.41 -3.63 -17.52
N GLU A 13 2.61 -3.06 -16.62
CA GLU A 13 2.54 -3.47 -15.21
C GLU A 13 1.49 -4.57 -14.94
N ASP A 14 0.98 -5.15 -16.02
CA ASP A 14 -0.17 -6.06 -15.98
C ASP A 14 0.02 -7.24 -16.95
N TRP A 15 1.23 -7.38 -17.49
CA TRP A 15 1.59 -8.50 -18.35
C TRP A 15 2.09 -9.68 -17.49
N ASP A 16 1.31 -10.04 -16.47
CA ASP A 16 1.49 -11.19 -15.56
C ASP A 16 2.89 -11.30 -14.93
N GLU A 17 3.48 -10.15 -14.59
CA GLU A 17 4.90 -10.06 -14.23
C GLU A 17 5.07 -10.17 -12.72
N ARG A 18 5.74 -11.23 -12.22
CA ARG A 18 6.19 -11.25 -10.82
C ARG A 18 7.36 -12.22 -10.57
N ALA A 19 7.38 -13.37 -11.24
CA ALA A 19 8.31 -14.49 -11.10
C ALA A 19 8.14 -15.27 -9.82
N LYS A 20 7.94 -14.58 -8.70
CA LYS A 20 7.71 -15.17 -7.41
C LYS A 20 6.53 -14.48 -6.79
N ILE A 21 5.67 -15.24 -6.12
CA ILE A 21 4.43 -14.77 -5.50
C ILE A 21 4.44 -15.15 -4.04
N ASP A 22 3.54 -14.58 -3.24
CA ASP A 22 3.46 -14.89 -1.81
C ASP A 22 3.33 -16.38 -1.64
N ASP A 23 4.19 -16.91 -0.76
CA ASP A 23 4.32 -18.35 -0.54
C ASP A 23 2.94 -18.88 -0.13
N PRO A 24 2.35 -19.82 -0.90
CA PRO A 24 1.01 -20.32 -0.63
C PRO A 24 0.90 -21.05 0.71
N THR A 25 2.03 -21.34 1.37
CA THR A 25 2.08 -22.07 2.62
C THR A 25 2.57 -21.16 3.76
N ASP A 26 3.67 -20.42 3.56
CA ASP A 26 4.37 -19.71 4.65
C ASP A 26 3.61 -18.47 5.11
N SER A 27 3.29 -18.43 6.40
CA SER A 27 2.59 -17.32 7.02
C SER A 27 3.43 -16.76 8.16
N LYS A 28 2.91 -15.68 8.73
CA LYS A 28 3.64 -14.66 9.44
C LYS A 28 2.62 -13.86 10.23
N PRO A 29 3.01 -12.96 11.15
CA PRO A 29 2.03 -12.14 11.84
C PRO A 29 1.31 -11.19 10.88
N GLU A 30 0.12 -10.77 11.29
CA GLU A 30 -0.57 -9.65 10.66
C GLU A 30 -0.09 -8.32 11.22
N ASP A 31 0.61 -8.32 12.36
CA ASP A 31 1.28 -7.12 12.87
C ASP A 31 2.15 -6.53 11.76
N TRP A 32 2.88 -7.36 11.00
CA TRP A 32 3.79 -6.89 9.96
C TRP A 32 3.03 -6.11 8.88
N ASP A 33 1.74 -6.37 8.69
CA ASP A 33 0.94 -5.64 7.72
C ASP A 33 0.48 -4.30 8.30
N LYS A 34 1.44 -3.45 8.64
CA LYS A 34 1.24 -2.13 9.22
C LYS A 34 0.89 -1.11 8.12
N PRO A 35 0.44 0.10 8.50
CA PRO A 35 0.11 1.14 7.54
C PRO A 35 1.36 1.70 6.87
N GLU A 36 1.14 2.65 5.96
CA GLU A 36 2.17 3.45 5.30
C GLU A 36 2.32 4.81 5.97
N HIS A 37 1.21 5.41 6.44
CA HIS A 37 1.20 6.72 7.06
C HIS A 37 0.41 6.58 8.35
N ILE A 38 0.91 7.16 9.44
CA ILE A 38 0.28 7.19 10.76
C ILE A 38 0.12 8.65 11.17
N PRO A 39 -1.01 9.04 11.77
CA PRO A 39 -1.25 10.42 12.15
C PRO A 39 -0.43 10.72 13.40
N ASP A 40 0.17 11.91 13.47
CA ASP A 40 1.19 12.19 14.47
C ASP A 40 0.59 12.07 15.88
N PRO A 41 1.39 11.67 16.88
CA PRO A 41 0.97 11.70 18.27
C PRO A 41 0.91 13.14 18.78
N ASP A 42 1.91 13.98 18.44
CA ASP A 42 2.06 15.34 18.95
C ASP A 42 1.53 16.32 17.89
N ALA A 43 0.67 15.84 16.98
CA ALA A 43 -0.06 16.69 16.06
C ALA A 43 -0.96 17.58 16.88
N LYS A 44 -1.01 18.84 16.50
CA LYS A 44 -1.85 19.85 17.09
C LYS A 44 -2.46 20.65 15.95
N LYS A 45 -3.67 21.20 16.16
CA LYS A 45 -4.28 22.11 15.21
C LYS A 45 -4.16 23.55 15.67
N PRO A 46 -4.29 24.52 14.75
CA PRO A 46 -4.44 25.90 15.13
C PRO A 46 -5.80 26.12 15.80
N GLU A 47 -5.80 27.05 16.74
CA GLU A 47 -6.94 27.66 17.40
C GLU A 47 -7.62 28.71 16.49
N ASP A 48 -6.98 29.06 15.37
CA ASP A 48 -7.39 30.02 14.34
C ASP A 48 -8.02 29.26 13.16
N TRP A 49 -8.38 27.99 13.39
CA TRP A 49 -9.10 27.14 12.45
C TRP A 49 -10.60 27.07 12.73
N ASP A 50 -11.42 26.87 11.68
CA ASP A 50 -12.87 26.79 11.74
C ASP A 50 -13.25 25.49 11.04
N GLU A 51 -13.45 24.40 11.78
CA GLU A 51 -13.94 23.14 11.21
C GLU A 51 -15.42 23.24 10.82
N GLU A 52 -16.03 24.39 11.06
CA GLU A 52 -17.36 24.67 10.56
C GLU A 52 -17.39 25.44 9.24
N MET A 53 -16.20 25.82 8.76
CA MET A 53 -16.04 26.18 7.37
C MET A 53 -15.43 25.03 6.62
N ASP A 54 -14.33 24.47 7.13
CA ASP A 54 -13.65 23.42 6.38
C ASP A 54 -14.43 22.11 6.46
N GLY A 55 -15.19 21.96 7.53
CA GLY A 55 -15.91 20.73 7.89
C GLY A 55 -15.14 19.86 8.89
N GLU A 56 -13.80 19.98 8.94
CA GLU A 56 -12.94 19.29 9.89
C GLU A 56 -11.65 20.11 9.96
N TRP A 57 -10.67 19.69 10.76
CA TRP A 57 -9.34 20.28 10.64
C TRP A 57 -8.62 19.63 9.46
N GLU A 58 -7.70 18.71 9.72
CA GLU A 58 -6.72 18.17 8.76
C GLU A 58 -5.51 17.67 9.55
N PRO A 59 -5.62 16.50 10.18
CA PRO A 59 -4.52 15.96 10.94
C PRO A 59 -3.40 15.54 9.97
N PRO A 60 -2.15 15.93 10.24
CA PRO A 60 -1.02 15.46 9.46
C PRO A 60 -0.77 13.97 9.74
N VAL A 61 0.09 13.42 8.90
CA VAL A 61 0.64 12.10 9.04
C VAL A 61 2.14 12.19 8.87
N ILE A 62 2.83 11.16 9.32
CA ILE A 62 4.21 10.85 9.02
C ILE A 62 4.23 9.39 8.54
N GLN A 63 5.28 8.98 7.82
CA GLN A 63 5.51 7.57 7.59
C GLN A 63 5.70 6.88 8.93
N ASN A 64 5.19 5.65 9.03
CA ASN A 64 5.47 4.84 10.20
C ASN A 64 6.88 4.29 10.12
N PRO A 65 7.68 4.37 11.21
CA PRO A 65 8.97 3.70 11.28
C PRO A 65 8.85 2.17 11.46
N GLU A 66 7.67 1.60 11.23
CA GLU A 66 7.46 0.16 11.33
C GLU A 66 7.07 -0.42 9.97
N TYR A 67 7.24 0.35 8.90
CA TYR A 67 6.86 -0.10 7.56
C TYR A 67 7.64 -1.38 7.21
N LYS A 68 8.92 -1.45 7.62
CA LYS A 68 9.85 -2.56 7.36
C LYS A 68 10.03 -2.81 5.86
N GLY A 69 9.85 -1.77 5.04
CA GLY A 69 9.97 -1.83 3.59
C GLY A 69 8.63 -2.11 2.96
N GLU A 70 8.02 -3.24 3.33
CA GLU A 70 6.81 -3.77 2.73
C GLU A 70 6.47 -5.13 3.40
N TRP A 71 5.18 -5.49 3.41
CA TRP A 71 4.67 -6.80 3.81
C TRP A 71 4.97 -7.83 2.73
N LYS A 72 6.24 -8.12 2.44
CA LYS A 72 6.57 -9.20 1.50
C LYS A 72 6.64 -10.54 2.23
N PRO A 73 5.59 -11.37 2.17
CA PRO A 73 5.68 -12.75 2.62
C PRO A 73 6.57 -13.51 1.64
N ARG A 74 7.84 -13.70 2.04
CA ARG A 74 8.96 -14.35 1.32
C ARG A 74 8.51 -15.11 0.08
N GLN A 75 8.52 -14.43 -1.07
CA GLN A 75 7.90 -15.02 -2.24
C GLN A 75 8.84 -16.03 -2.88
N ILE A 76 8.27 -17.02 -3.56
CA ILE A 76 8.94 -18.24 -4.02
C ILE A 76 8.56 -18.49 -5.49
N ASP A 77 9.38 -19.27 -6.22
CA ASP A 77 9.41 -19.28 -7.69
C ASP A 77 8.12 -19.88 -8.24
N ASN A 78 7.48 -19.13 -9.14
CA ASN A 78 6.13 -19.39 -9.63
C ASN A 78 6.18 -19.58 -11.15
N PRO A 79 6.30 -20.83 -11.64
CA PRO A 79 6.19 -21.14 -13.06
C PRO A 79 4.73 -21.02 -13.48
N ASP A 80 4.27 -19.78 -13.64
CA ASP A 80 2.98 -19.37 -14.17
C ASP A 80 3.09 -17.92 -14.68
N TYR A 81 4.32 -17.42 -14.92
CA TYR A 81 4.59 -16.00 -15.09
C TYR A 81 5.39 -15.75 -16.37
N LYS A 82 5.46 -14.48 -16.75
CA LYS A 82 6.05 -14.01 -17.99
C LYS A 82 7.47 -13.51 -17.72
N GLY A 83 8.44 -13.87 -18.57
CA GLY A 83 9.83 -13.46 -18.36
C GLY A 83 10.01 -11.96 -18.60
N THR A 84 10.46 -11.22 -17.58
CA THR A 84 10.67 -9.78 -17.59
C THR A 84 11.64 -9.40 -18.74
N TRP A 85 11.14 -8.75 -19.80
CA TRP A 85 11.85 -8.49 -21.06
C TRP A 85 13.22 -7.83 -20.88
N ILE A 86 13.21 -6.59 -20.38
CA ILE A 86 14.32 -5.82 -19.84
C ILE A 86 13.77 -4.42 -19.62
N HIS A 87 13.15 -4.22 -18.46
CA HIS A 87 12.72 -2.89 -18.12
C HIS A 87 13.98 -2.07 -17.73
N PRO A 88 14.15 -0.86 -18.27
CA PRO A 88 15.19 0.06 -17.87
C PRO A 88 14.88 0.67 -16.50
N GLU A 89 15.55 0.19 -15.45
CA GLU A 89 15.46 0.73 -14.11
C GLU A 89 15.95 2.19 -14.12
N ILE A 90 15.10 3.13 -13.72
CA ILE A 90 15.38 4.58 -13.77
C ILE A 90 15.91 5.01 -12.41
N ASP A 91 16.79 6.01 -12.37
CA ASP A 91 17.40 6.57 -11.16
C ASP A 91 16.31 7.11 -10.24
N ASN A 92 15.89 6.27 -9.28
CA ASN A 92 14.77 6.48 -8.37
C ASN A 92 14.74 7.91 -7.84
N PRO A 93 13.81 8.77 -8.27
CA PRO A 93 13.81 10.15 -7.84
C PRO A 93 13.45 10.29 -6.35
N GLU A 94 12.90 9.24 -5.72
CA GLU A 94 12.50 9.17 -4.31
C GLU A 94 13.57 8.48 -3.45
N TYR A 95 14.70 8.07 -4.05
CA TYR A 95 15.81 7.51 -3.30
C TYR A 95 16.35 8.55 -2.33
N SER A 96 16.68 9.73 -2.88
CA SER A 96 17.43 10.82 -2.28
C SER A 96 18.81 10.41 -1.74
N PRO A 97 19.83 11.27 -1.89
CA PRO A 97 21.15 11.01 -1.38
C PRO A 97 21.25 11.24 0.13
N ASP A 98 20.28 11.89 0.77
CA ASP A 98 20.30 12.09 2.23
C ASP A 98 18.88 12.22 2.80
N ALA A 99 18.05 13.09 2.21
CA ALA A 99 16.61 13.15 2.41
C ALA A 99 15.98 14.02 1.33
N ASN A 100 16.31 15.32 1.34
CA ASN A 100 15.98 16.21 0.23
C ASN A 100 17.09 16.05 -0.80
N ILE A 101 16.75 15.48 -1.96
CA ILE A 101 17.63 15.42 -3.13
C ILE A 101 17.89 16.83 -3.64
N SER A 1 2.85 3.38 -1.66
CA SER A 1 4.10 3.57 -2.42
C SER A 1 3.83 4.39 -3.67
N LYS A 2 4.89 4.90 -4.29
CA LYS A 2 4.81 6.01 -5.23
C LYS A 2 4.35 5.67 -6.64
N LYS A 3 4.65 4.49 -7.18
CA LYS A 3 4.12 4.07 -8.48
C LYS A 3 2.76 3.48 -8.12
N ILE A 4 2.70 2.19 -7.83
CA ILE A 4 1.47 1.46 -7.56
C ILE A 4 0.68 1.25 -8.87
N LYS A 5 0.19 0.03 -9.00
CA LYS A 5 -0.79 -0.45 -9.96
C LYS A 5 -2.06 0.40 -9.84
N ASP A 6 -2.63 0.87 -10.93
CA ASP A 6 -3.70 1.90 -10.98
C ASP A 6 -4.62 1.59 -12.18
N PRO A 7 -5.77 2.26 -12.37
CA PRO A 7 -6.76 1.97 -13.39
C PRO A 7 -6.55 2.67 -14.73
N ASP A 8 -5.91 3.85 -14.82
CA ASP A 8 -5.55 4.46 -16.12
C ASP A 8 -4.73 3.47 -16.95
N ALA A 9 -3.90 2.70 -16.25
CA ALA A 9 -3.00 1.67 -16.75
C ALA A 9 -3.66 0.52 -17.51
N ALA A 10 -4.95 0.59 -17.83
CA ALA A 10 -5.67 -0.35 -18.70
C ALA A 10 -5.55 -1.80 -18.23
N LYS A 11 -5.32 -2.01 -16.93
CA LYS A 11 -5.14 -3.33 -16.35
C LYS A 11 -6.42 -4.14 -16.61
N PRO A 12 -6.30 -5.40 -17.09
CA PRO A 12 -7.36 -6.41 -17.20
C PRO A 12 -8.03 -6.79 -15.88
N GLU A 13 -8.49 -5.81 -15.08
CA GLU A 13 -9.05 -5.95 -13.76
C GLU A 13 -7.99 -6.41 -12.75
N ASP A 14 -7.46 -7.62 -12.93
CA ASP A 14 -6.39 -8.24 -12.16
C ASP A 14 -5.93 -9.58 -12.75
N TRP A 15 -6.68 -10.14 -13.71
CA TRP A 15 -6.57 -11.37 -14.52
C TRP A 15 -5.63 -12.48 -14.01
N ASP A 16 -5.55 -12.69 -12.69
CA ASP A 16 -4.58 -13.55 -12.02
C ASP A 16 -3.13 -13.17 -12.37
N GLU A 17 -2.81 -11.89 -12.14
CA GLU A 17 -1.54 -11.23 -12.44
C GLU A 17 -0.66 -11.21 -11.18
N ARG A 18 -0.37 -12.38 -10.59
CA ARG A 18 0.57 -12.46 -9.46
C ARG A 18 2.00 -12.62 -9.90
N ALA A 19 2.27 -13.63 -10.73
CA ALA A 19 3.56 -14.24 -11.03
C ALA A 19 4.20 -14.95 -9.85
N LYS A 20 4.12 -14.37 -8.65
CA LYS A 20 4.70 -14.93 -7.44
C LYS A 20 3.67 -14.94 -6.33
N ILE A 21 3.77 -15.95 -5.47
CA ILE A 21 2.76 -16.22 -4.46
C ILE A 21 3.45 -16.30 -3.12
N ASP A 22 2.92 -15.55 -2.17
CA ASP A 22 3.35 -15.52 -0.78
C ASP A 22 3.01 -16.90 -0.25
N ASP A 23 4.04 -17.62 0.22
CA ASP A 23 4.00 -18.87 0.96
C ASP A 23 2.75 -19.71 0.68
N PRO A 24 2.73 -20.50 -0.41
CA PRO A 24 1.53 -21.22 -0.83
C PRO A 24 1.05 -22.26 0.19
N THR A 25 1.86 -22.56 1.21
CA THR A 25 1.57 -23.53 2.25
C THR A 25 1.86 -22.98 3.67
N ASP A 26 2.60 -21.88 3.81
CA ASP A 26 3.06 -21.33 5.09
C ASP A 26 2.30 -20.02 5.37
N SER A 27 2.77 -19.18 6.29
CA SER A 27 2.16 -17.89 6.64
C SER A 27 3.15 -17.09 7.48
N LYS A 28 2.72 -15.91 7.89
CA LYS A 28 3.35 -15.13 8.93
C LYS A 28 2.29 -14.30 9.65
N PRO A 29 2.47 -14.00 10.95
CA PRO A 29 1.48 -13.27 11.73
C PRO A 29 1.35 -11.81 11.29
N GLU A 30 0.37 -11.15 11.90
CA GLU A 30 0.08 -9.71 11.88
C GLU A 30 1.27 -8.85 12.33
N ASP A 31 2.31 -9.47 12.90
CA ASP A 31 3.54 -8.81 13.37
C ASP A 31 4.33 -8.08 12.28
N TRP A 32 3.87 -8.14 11.04
CA TRP A 32 4.25 -7.17 10.04
C TRP A 32 3.42 -5.90 10.28
N ASP A 33 2.26 -5.75 9.62
CA ASP A 33 1.32 -4.62 9.71
C ASP A 33 1.86 -3.18 9.55
N LYS A 34 3.13 -2.96 9.16
CA LYS A 34 3.75 -1.64 9.33
C LYS A 34 3.30 -0.67 8.22
N PRO A 35 2.51 0.38 8.53
CA PRO A 35 1.89 1.27 7.54
C PRO A 35 2.88 2.23 6.87
N GLU A 36 2.45 2.88 5.79
CA GLU A 36 3.21 3.91 5.10
C GLU A 36 3.14 5.25 5.85
N HIS A 37 1.98 5.67 6.35
CA HIS A 37 1.87 6.88 7.18
C HIS A 37 1.04 6.58 8.44
N ILE A 38 1.51 6.98 9.62
CA ILE A 38 0.81 6.97 10.91
C ILE A 38 0.53 8.43 11.29
N PRO A 39 -0.59 8.76 11.97
CA PRO A 39 -0.84 10.13 12.39
C PRO A 39 0.02 10.45 13.62
N ASP A 40 0.21 11.73 13.89
CA ASP A 40 0.90 12.20 15.09
C ASP A 40 -0.12 12.23 16.25
N PRO A 41 0.03 11.41 17.32
CA PRO A 41 -0.87 11.41 18.46
C PRO A 41 -0.63 12.60 19.40
N ASP A 42 0.48 13.31 19.23
CA ASP A 42 0.81 14.54 19.95
C ASP A 42 0.50 15.74 19.06
N ALA A 43 -0.30 15.55 18.00
CA ALA A 43 -0.68 16.59 17.08
C ALA A 43 -1.78 17.40 17.71
N LYS A 44 -1.70 18.70 17.46
CA LYS A 44 -2.74 19.66 17.76
C LYS A 44 -3.03 20.41 16.49
N LYS A 45 -4.09 21.20 16.54
CA LYS A 45 -4.53 22.00 15.40
C LYS A 45 -4.35 23.49 15.68
N PRO A 46 -4.42 24.34 14.65
CA PRO A 46 -4.60 25.76 14.89
C PRO A 46 -5.95 26.01 15.53
N GLU A 47 -5.94 26.90 16.50
CA GLU A 47 -7.06 27.71 16.98
C GLU A 47 -7.46 28.77 15.94
N ASP A 48 -6.70 28.89 14.85
CA ASP A 48 -6.85 29.77 13.69
C ASP A 48 -7.55 29.00 12.54
N TRP A 49 -8.29 27.94 12.92
CA TRP A 49 -9.02 27.06 12.00
C TRP A 49 -10.55 27.09 12.20
N ASP A 50 -11.36 26.88 11.13
CA ASP A 50 -12.82 26.99 11.14
C ASP A 50 -13.41 25.66 10.62
N GLU A 51 -13.43 24.55 11.38
CA GLU A 51 -13.91 23.27 10.84
C GLU A 51 -15.37 23.34 10.41
N GLU A 52 -16.13 24.32 10.90
CA GLU A 52 -17.50 24.56 10.47
C GLU A 52 -17.59 25.11 9.04
N MET A 53 -16.47 25.53 8.43
CA MET A 53 -16.45 26.03 7.06
C MET A 53 -15.47 25.20 6.25
N ASP A 54 -14.34 24.83 6.84
CA ASP A 54 -13.37 23.95 6.23
C ASP A 54 -13.92 22.52 6.12
N GLY A 55 -14.84 22.16 7.02
CA GLY A 55 -15.51 20.87 7.06
C GLY A 55 -14.97 19.97 8.17
N GLU A 56 -13.67 20.03 8.43
CA GLU A 56 -12.94 19.31 9.46
C GLU A 56 -11.61 20.05 9.61
N TRP A 57 -10.73 19.60 10.51
CA TRP A 57 -9.36 20.10 10.51
C TRP A 57 -8.55 19.38 9.43
N GLU A 58 -7.68 18.42 9.79
CA GLU A 58 -6.61 17.81 8.96
C GLU A 58 -5.39 17.39 9.81
N PRO A 59 -5.49 16.33 10.61
CA PRO A 59 -4.38 15.86 11.44
C PRO A 59 -3.20 15.44 10.56
N PRO A 60 -1.95 15.79 10.94
CA PRO A 60 -0.78 15.43 10.17
C PRO A 60 -0.43 13.95 10.32
N VAL A 61 0.43 13.48 9.43
CA VAL A 61 1.02 12.15 9.46
C VAL A 61 2.55 12.23 9.48
N ILE A 62 3.16 11.09 9.80
CA ILE A 62 4.57 10.84 10.09
C ILE A 62 4.85 9.44 9.51
N GLN A 63 5.93 9.29 8.72
CA GLN A 63 6.37 8.00 8.20
C GLN A 63 6.76 7.08 9.37
N ASN A 64 6.12 5.91 9.50
CA ASN A 64 6.48 4.93 10.52
C ASN A 64 7.93 4.49 10.26
N PRO A 65 8.81 4.52 11.26
CA PRO A 65 10.19 4.04 11.16
C PRO A 65 10.29 2.57 10.71
N GLU A 66 9.28 1.76 11.00
CA GLU A 66 9.21 0.34 10.66
C GLU A 66 8.55 0.10 9.31
N TYR A 67 8.15 1.13 8.57
CA TYR A 67 7.38 1.02 7.33
C TYR A 67 8.03 0.00 6.35
N LYS A 68 7.42 -1.19 6.22
CA LYS A 68 7.86 -2.29 5.38
C LYS A 68 6.82 -2.52 4.30
N GLY A 69 6.93 -1.80 3.18
CA GLY A 69 6.12 -1.93 1.96
C GLY A 69 4.74 -2.57 2.17
N GLU A 70 4.65 -3.90 2.06
CA GLU A 70 3.36 -4.57 1.89
C GLU A 70 3.40 -6.07 2.23
N TRP A 71 3.51 -6.44 3.50
CA TRP A 71 3.45 -7.83 4.01
C TRP A 71 4.16 -8.82 3.07
N LYS A 72 5.48 -8.64 2.87
CA LYS A 72 6.28 -9.44 1.94
C LYS A 72 7.10 -10.52 2.66
N PRO A 73 6.57 -11.73 2.89
CA PRO A 73 7.28 -12.84 3.52
C PRO A 73 8.42 -13.35 2.64
N ARG A 74 8.13 -14.29 1.74
CA ARG A 74 8.99 -14.83 0.71
C ARG A 74 8.07 -15.34 -0.38
N GLN A 75 7.61 -14.48 -1.30
CA GLN A 75 6.93 -15.03 -2.47
C GLN A 75 7.96 -15.55 -3.46
N ILE A 76 7.57 -16.59 -4.20
CA ILE A 76 8.40 -17.31 -5.14
C ILE A 76 7.59 -17.41 -6.44
N ASP A 77 8.26 -17.49 -7.58
CA ASP A 77 7.62 -17.55 -8.90
C ASP A 77 6.81 -18.83 -8.96
N ASN A 78 5.51 -18.73 -9.23
CA ASN A 78 4.66 -19.91 -9.40
C ASN A 78 4.13 -19.93 -10.83
N PRO A 79 4.64 -20.81 -11.72
CA PRO A 79 4.32 -20.87 -13.13
C PRO A 79 2.93 -21.50 -13.32
N ASP A 80 1.90 -20.83 -12.80
CA ASP A 80 0.54 -21.33 -12.77
C ASP A 80 -0.46 -20.16 -12.87
N TYR A 81 0.03 -19.00 -13.35
CA TYR A 81 -0.62 -17.69 -13.34
C TYR A 81 -0.77 -17.15 -14.77
N LYS A 82 -1.15 -15.89 -14.95
CA LYS A 82 -1.29 -15.26 -16.26
C LYS A 82 -0.22 -14.19 -16.46
N GLY A 83 0.78 -14.54 -17.28
CA GLY A 83 1.90 -13.71 -17.73
C GLY A 83 1.58 -12.22 -17.76
N THR A 84 2.09 -11.47 -16.79
CA THR A 84 1.94 -10.04 -16.60
C THR A 84 2.18 -9.28 -17.94
N TRP A 85 1.14 -8.67 -18.54
CA TRP A 85 1.23 -8.08 -19.88
C TRP A 85 2.28 -6.97 -19.97
N ILE A 86 2.03 -5.81 -19.35
CA ILE A 86 2.88 -4.64 -19.10
C ILE A 86 1.98 -3.43 -18.83
N HIS A 87 1.41 -3.39 -17.62
CA HIS A 87 0.71 -2.21 -17.18
C HIS A 87 1.69 -1.05 -16.95
N PRO A 88 1.36 0.18 -17.38
CA PRO A 88 2.12 1.38 -17.05
C PRO A 88 1.77 1.82 -15.62
N GLU A 89 2.69 1.63 -14.68
CA GLU A 89 2.55 2.02 -13.29
C GLU A 89 2.55 3.54 -13.19
N ILE A 90 1.37 4.14 -13.06
CA ILE A 90 1.22 5.58 -12.85
C ILE A 90 1.71 5.92 -11.44
N ASP A 91 2.25 7.12 -11.21
CA ASP A 91 2.67 7.63 -9.90
C ASP A 91 1.46 7.94 -8.99
N ASN A 92 1.20 7.08 -8.00
CA ASN A 92 0.07 7.05 -7.07
C ASN A 92 -0.34 8.43 -6.54
N PRO A 93 -1.52 8.96 -6.92
CA PRO A 93 -2.00 10.25 -6.44
C PRO A 93 -2.23 10.34 -4.92
N GLU A 94 -2.24 9.21 -4.18
CA GLU A 94 -2.41 9.11 -2.74
C GLU A 94 -1.08 8.89 -2.01
N TYR A 95 0.05 8.78 -2.71
CA TYR A 95 1.33 8.46 -2.09
C TYR A 95 1.79 9.59 -1.17
N SER A 96 1.67 10.84 -1.64
CA SER A 96 2.29 12.06 -1.12
C SER A 96 3.83 12.00 -1.19
N PRO A 97 4.49 12.91 -1.93
CA PRO A 97 5.95 12.94 -2.02
C PRO A 97 6.57 13.16 -0.64
N ASP A 98 6.28 14.32 -0.03
CA ASP A 98 6.36 14.49 1.40
C ASP A 98 5.20 15.42 1.78
N ALA A 99 5.30 16.70 1.41
CA ALA A 99 4.22 17.66 1.45
C ALA A 99 4.30 18.52 0.20
N ASN A 100 3.58 18.15 -0.87
CA ASN A 100 3.42 18.99 -2.05
C ASN A 100 2.25 18.57 -2.97
N ILE A 101 1.65 17.38 -2.82
CA ILE A 101 0.60 16.90 -3.74
C ILE A 101 -0.78 17.46 -3.34
N SER A 1 9.83 6.19 -2.38
CA SER A 1 11.17 6.46 -2.93
C SER A 1 11.09 7.33 -4.18
N LYS A 2 12.25 7.69 -4.76
CA LYS A 2 12.36 8.60 -5.90
C LYS A 2 11.79 8.04 -7.20
N LYS A 3 12.55 7.37 -8.06
CA LYS A 3 11.96 6.95 -9.32
C LYS A 3 11.03 5.78 -9.02
N ILE A 4 9.84 5.79 -9.60
CA ILE A 4 8.79 4.83 -9.31
C ILE A 4 8.11 4.44 -10.63
N LYS A 5 7.40 3.32 -10.59
CA LYS A 5 6.64 2.74 -11.68
C LYS A 5 5.30 3.45 -11.71
N ASP A 6 4.91 4.03 -12.83
CA ASP A 6 3.81 5.00 -12.87
C ASP A 6 3.13 4.96 -14.26
N PRO A 7 1.98 5.61 -14.48
CA PRO A 7 1.28 5.60 -15.76
C PRO A 7 2.01 6.43 -16.81
N ASP A 8 2.74 7.48 -16.42
CA ASP A 8 3.63 8.24 -17.31
C ASP A 8 4.76 7.38 -17.85
N ALA A 9 5.00 6.20 -17.25
CA ALA A 9 6.00 5.28 -17.76
C ALA A 9 5.43 4.42 -18.91
N ALA A 10 4.24 4.73 -19.42
CA ALA A 10 3.60 4.10 -20.58
C ALA A 10 3.52 2.57 -20.48
N LYS A 11 3.53 2.01 -19.27
CA LYS A 11 3.52 0.57 -19.04
C LYS A 11 2.05 0.10 -18.91
N PRO A 12 1.69 -1.07 -19.46
CA PRO A 12 0.48 -1.77 -19.05
C PRO A 12 0.62 -2.19 -17.58
N GLU A 13 -0.18 -1.61 -16.70
CA GLU A 13 -0.23 -1.84 -15.25
C GLU A 13 -0.92 -3.15 -14.88
N ASP A 14 -0.98 -4.05 -15.85
CA ASP A 14 -1.62 -5.36 -15.75
C ASP A 14 -1.33 -6.16 -17.03
N TRP A 15 -0.05 -6.39 -17.32
CA TRP A 15 0.37 -7.42 -18.28
C TRP A 15 1.27 -8.42 -17.57
N ASP A 16 0.78 -9.01 -16.47
CA ASP A 16 1.47 -9.93 -15.55
C ASP A 16 2.65 -9.26 -14.83
N GLU A 17 3.65 -8.83 -15.61
CA GLU A 17 4.89 -8.18 -15.21
C GLU A 17 5.50 -8.86 -13.98
N ARG A 18 5.99 -8.11 -12.99
CA ARG A 18 6.67 -8.56 -11.79
C ARG A 18 8.02 -9.25 -11.95
N ALA A 19 8.10 -10.33 -12.71
CA ALA A 19 9.17 -11.35 -12.70
C ALA A 19 9.14 -12.18 -11.42
N LYS A 20 8.84 -11.55 -10.29
CA LYS A 20 9.03 -12.12 -8.98
C LYS A 20 7.72 -11.96 -8.24
N ILE A 21 6.98 -13.05 -8.06
CA ILE A 21 5.75 -13.03 -7.26
C ILE A 21 6.10 -13.29 -5.79
N ASP A 22 5.14 -13.09 -4.90
CA ASP A 22 5.16 -13.45 -3.49
C ASP A 22 5.17 -14.97 -3.36
N ASP A 23 6.25 -15.54 -2.78
CA ASP A 23 6.52 -16.98 -2.67
C ASP A 23 5.25 -17.79 -2.33
N PRO A 24 4.72 -18.60 -3.27
CA PRO A 24 3.32 -19.06 -3.25
C PRO A 24 2.98 -20.10 -2.17
N THR A 25 3.93 -20.44 -1.31
CA THR A 25 3.81 -21.47 -0.30
C THR A 25 4.65 -21.09 0.93
N ASP A 26 4.76 -19.79 1.25
CA ASP A 26 5.48 -19.39 2.45
C ASP A 26 4.87 -18.15 3.08
N SER A 27 4.59 -17.11 2.29
CA SER A 27 4.11 -15.82 2.79
C SER A 27 5.13 -15.16 3.75
N LYS A 28 4.66 -14.17 4.51
CA LYS A 28 5.34 -13.46 5.58
C LYS A 28 4.55 -13.77 6.86
N PRO A 29 5.00 -13.31 8.03
CA PRO A 29 4.18 -13.39 9.22
C PRO A 29 3.14 -12.27 9.19
N GLU A 30 2.09 -12.45 9.98
CA GLU A 30 1.12 -11.39 10.30
C GLU A 30 1.76 -10.37 11.24
N ASP A 31 2.85 -10.76 11.91
CA ASP A 31 3.67 -9.93 12.79
C ASP A 31 4.50 -8.92 11.98
N TRP A 32 4.29 -8.84 10.67
CA TRP A 32 4.70 -7.68 9.91
C TRP A 32 3.56 -6.65 10.00
N ASP A 33 2.76 -6.58 8.94
CA ASP A 33 1.49 -5.89 8.73
C ASP A 33 1.35 -4.51 9.42
N LYS A 34 2.35 -3.62 9.40
CA LYS A 34 2.22 -2.32 10.10
C LYS A 34 1.72 -1.24 9.13
N PRO A 35 1.15 -0.10 9.59
CA PRO A 35 0.69 0.96 8.72
C PRO A 35 1.87 1.71 8.07
N GLU A 36 1.62 2.37 6.94
CA GLU A 36 2.51 3.35 6.32
C GLU A 36 2.43 4.66 7.11
N HIS A 37 1.23 5.21 7.31
CA HIS A 37 0.99 6.54 7.83
C HIS A 37 0.30 6.47 9.19
N ILE A 38 1.01 6.94 10.22
CA ILE A 38 0.57 6.97 11.62
C ILE A 38 0.39 8.43 12.03
N PRO A 39 -0.73 8.80 12.66
CA PRO A 39 -0.92 10.16 13.11
C PRO A 39 0.02 10.44 14.27
N ASP A 40 0.28 11.71 14.51
CA ASP A 40 1.24 12.14 15.52
C ASP A 40 0.59 11.99 16.91
N PRO A 41 1.37 11.83 17.98
CA PRO A 41 0.83 11.91 19.35
C PRO A 41 0.57 13.35 19.78
N ASP A 42 1.24 14.32 19.17
CA ASP A 42 1.32 15.71 19.62
C ASP A 42 0.87 16.66 18.50
N ALA A 43 0.12 16.14 17.54
CA ALA A 43 -0.43 16.90 16.42
C ALA A 43 -1.53 17.83 16.93
N LYS A 44 -1.19 19.04 17.38
CA LYS A 44 -2.15 20.07 17.72
C LYS A 44 -2.60 20.77 16.45
N LYS A 45 -3.85 21.24 16.41
CA LYS A 45 -4.36 22.06 15.32
C LYS A 45 -4.21 23.54 15.63
N PRO A 46 -4.43 24.46 14.68
CA PRO A 46 -4.56 25.86 15.01
C PRO A 46 -5.93 26.10 15.67
N GLU A 47 -5.96 27.02 16.61
CA GLU A 47 -7.18 27.64 17.13
C GLU A 47 -7.75 28.67 16.15
N ASP A 48 -7.00 29.01 15.10
CA ASP A 48 -7.35 29.97 14.05
C ASP A 48 -8.12 29.27 12.92
N TRP A 49 -8.49 28.00 13.16
CA TRP A 49 -9.12 27.12 12.17
C TRP A 49 -10.63 26.95 12.39
N ASP A 50 -11.44 26.96 11.33
CA ASP A 50 -12.88 26.68 11.37
C ASP A 50 -13.18 25.41 10.58
N GLU A 51 -13.29 24.29 11.27
CA GLU A 51 -13.69 23.03 10.64
C GLU A 51 -15.13 23.09 10.18
N GLU A 52 -15.92 24.03 10.72
CA GLU A 52 -17.30 24.18 10.29
C GLU A 52 -17.35 24.71 8.85
N MET A 53 -16.27 25.34 8.37
CA MET A 53 -16.24 25.91 7.02
C MET A 53 -15.40 25.08 6.08
N ASP A 54 -14.22 24.62 6.53
CA ASP A 54 -13.38 23.71 5.75
C ASP A 54 -14.13 22.40 5.57
N GLY A 55 -14.70 21.92 6.67
CA GLY A 55 -15.24 20.57 6.77
C GLY A 55 -14.60 19.75 7.90
N GLU A 56 -13.31 19.93 8.17
CA GLU A 56 -12.57 19.26 9.21
C GLU A 56 -11.33 20.13 9.45
N TRP A 57 -10.42 19.71 10.32
CA TRP A 57 -9.08 20.26 10.32
C TRP A 57 -8.28 19.54 9.23
N GLU A 58 -7.41 18.61 9.62
CA GLU A 58 -6.36 17.97 8.80
C GLU A 58 -5.25 17.48 9.74
N PRO A 59 -5.45 16.35 10.43
CA PRO A 59 -4.44 15.79 11.28
C PRO A 59 -3.32 15.21 10.40
N PRO A 60 -2.06 15.60 10.60
CA PRO A 60 -0.94 15.05 9.85
C PRO A 60 -0.77 13.55 10.11
N VAL A 61 0.16 12.93 9.38
CA VAL A 61 0.54 11.54 9.56
C VAL A 61 2.03 11.47 9.22
N ILE A 62 2.86 11.08 10.18
CA ILE A 62 4.27 10.82 9.89
C ILE A 62 4.41 9.43 9.25
N GLN A 63 5.39 9.26 8.37
CA GLN A 63 5.72 7.96 7.81
C GLN A 63 6.32 7.11 8.93
N ASN A 64 5.85 5.86 9.03
CA ASN A 64 6.26 4.90 10.04
C ASN A 64 7.72 4.53 9.84
N PRO A 65 8.57 4.47 10.89
CA PRO A 65 9.85 3.78 10.78
C PRO A 65 9.64 2.34 10.32
N GLU A 66 8.66 1.65 10.87
CA GLU A 66 8.24 0.34 10.42
C GLU A 66 7.26 0.46 9.26
N TYR A 67 7.61 1.23 8.22
CA TYR A 67 6.90 1.15 6.94
C TYR A 67 7.46 0.00 6.09
N LYS A 68 8.77 -0.27 6.10
CA LYS A 68 9.46 -1.32 5.35
C LYS A 68 9.13 -1.27 3.85
N GLY A 69 8.00 -1.85 3.45
CA GLY A 69 7.33 -1.73 2.17
C GLY A 69 5.87 -2.07 2.42
N GLU A 70 5.36 -3.18 1.88
CA GLU A 70 3.91 -3.35 1.79
C GLU A 70 3.48 -4.80 1.72
N TRP A 71 3.68 -5.53 2.83
CA TRP A 71 3.56 -6.97 2.87
C TRP A 71 4.14 -7.60 1.59
N LYS A 72 5.41 -7.26 1.29
CA LYS A 72 6.17 -7.96 0.27
C LYS A 72 6.98 -9.04 0.97
N PRO A 73 6.64 -10.31 0.79
CA PRO A 73 7.37 -11.45 1.34
C PRO A 73 8.55 -11.77 0.42
N ARG A 74 9.05 -12.99 0.51
CA ARG A 74 9.95 -13.59 -0.46
C ARG A 74 9.44 -13.32 -1.86
N GLN A 75 10.29 -12.77 -2.71
CA GLN A 75 9.92 -12.35 -4.04
C GLN A 75 10.74 -13.19 -5.03
N ILE A 76 10.19 -14.34 -5.42
CA ILE A 76 10.92 -15.44 -6.07
C ILE A 76 10.72 -15.36 -7.58
N ASP A 77 11.80 -15.53 -8.36
CA ASP A 77 11.85 -15.35 -9.81
C ASP A 77 11.01 -16.43 -10.47
N ASN A 78 9.77 -16.11 -10.83
CA ASN A 78 8.87 -17.11 -11.40
C ASN A 78 9.04 -17.17 -12.92
N PRO A 79 9.25 -18.35 -13.51
CA PRO A 79 9.29 -18.57 -14.95
C PRO A 79 7.89 -18.57 -15.60
N ASP A 80 7.02 -17.66 -15.19
CA ASP A 80 5.68 -17.51 -15.76
C ASP A 80 5.27 -16.04 -15.75
N TYR A 81 6.15 -15.17 -16.21
CA TYR A 81 5.94 -13.73 -16.25
C TYR A 81 6.18 -13.17 -17.64
N LYS A 82 5.88 -11.89 -17.81
CA LYS A 82 6.03 -11.16 -19.07
C LYS A 82 7.21 -10.21 -18.91
N GLY A 83 8.33 -10.53 -19.57
CA GLY A 83 9.58 -9.78 -19.63
C GLY A 83 9.37 -8.26 -19.57
N THR A 84 9.69 -7.64 -18.43
CA THR A 84 9.47 -6.21 -18.19
C THR A 84 10.30 -5.39 -19.18
N TRP A 85 9.69 -4.96 -20.29
CA TRP A 85 10.32 -4.34 -21.46
C TRP A 85 11.47 -3.40 -21.10
N ILE A 86 11.11 -2.22 -20.59
CA ILE A 86 11.90 -1.21 -19.90
C ILE A 86 11.03 0.04 -19.82
N HIS A 87 10.12 0.07 -18.85
CA HIS A 87 9.34 1.27 -18.61
C HIS A 87 10.28 2.37 -18.07
N PRO A 88 10.14 3.62 -18.51
CA PRO A 88 10.89 4.73 -17.97
C PRO A 88 10.25 5.20 -16.66
N GLU A 89 10.78 4.72 -15.52
CA GLU A 89 10.34 5.09 -14.18
C GLU A 89 10.38 6.61 -14.01
N ILE A 90 9.48 7.14 -13.17
CA ILE A 90 9.19 8.56 -13.06
C ILE A 90 9.53 9.05 -11.65
N ASP A 91 10.09 10.24 -11.54
CA ASP A 91 10.51 10.91 -10.32
C ASP A 91 9.30 11.22 -9.43
N ASN A 92 9.03 10.36 -8.46
CA ASN A 92 7.74 10.22 -7.76
C ASN A 92 7.18 11.54 -7.17
N PRO A 93 6.03 12.04 -7.65
CA PRO A 93 5.36 13.20 -7.07
C PRO A 93 4.78 12.99 -5.66
N GLU A 94 4.72 11.74 -5.16
CA GLU A 94 4.44 11.44 -3.75
C GLU A 94 5.62 11.81 -2.86
N TYR A 95 6.84 11.69 -3.40
CA TYR A 95 8.01 11.58 -2.56
C TYR A 95 8.33 12.90 -1.85
N SER A 96 8.28 14.00 -2.61
CA SER A 96 8.77 15.33 -2.29
C SER A 96 10.25 15.37 -1.83
N PRO A 97 11.06 16.32 -2.34
CA PRO A 97 12.47 16.41 -1.98
C PRO A 97 12.65 16.94 -0.56
N ASP A 98 12.03 18.07 -0.21
CA ASP A 98 11.87 18.54 1.17
C ASP A 98 10.44 19.06 1.29
N ALA A 99 9.47 18.17 1.16
CA ALA A 99 8.04 18.46 1.28
C ALA A 99 7.52 19.51 0.27
N ASN A 100 8.29 19.87 -0.76
CA ASN A 100 7.95 20.88 -1.75
C ASN A 100 8.43 20.45 -3.14
N ILE A 101 7.53 19.91 -3.95
CA ILE A 101 7.81 19.35 -5.26
C ILE A 101 7.30 20.32 -6.32
N SER A 1 -4.08 -3.76 -13.18
CA SER A 1 -3.49 -2.82 -14.14
C SER A 1 -3.48 -3.42 -15.52
N LYS A 2 -3.29 -2.54 -16.51
CA LYS A 2 -3.20 -2.84 -17.93
C LYS A 2 -2.08 -3.85 -18.23
N LYS A 3 -0.83 -3.47 -18.51
CA LYS A 3 0.17 -4.49 -18.82
C LYS A 3 0.36 -5.40 -17.61
N ILE A 4 0.18 -6.71 -17.76
CA ILE A 4 0.27 -7.69 -16.69
C ILE A 4 1.06 -8.92 -17.21
N LYS A 5 1.57 -9.72 -16.27
CA LYS A 5 2.32 -10.95 -16.50
C LYS A 5 1.34 -12.02 -16.97
N ASP A 6 1.52 -12.51 -18.18
CA ASP A 6 0.52 -13.33 -18.88
C ASP A 6 1.20 -14.42 -19.71
N PRO A 7 0.46 -15.41 -20.26
CA PRO A 7 1.04 -16.50 -21.01
C PRO A 7 1.44 -16.04 -22.41
N ASP A 8 0.64 -15.18 -23.05
CA ASP A 8 0.89 -14.62 -24.39
C ASP A 8 2.16 -13.79 -24.44
N ALA A 9 2.62 -13.32 -23.28
CA ALA A 9 3.94 -12.72 -23.13
C ALA A 9 5.05 -13.77 -23.21
N ALA A 10 4.82 -14.85 -23.97
CA ALA A 10 5.65 -16.01 -24.17
C ALA A 10 6.33 -16.51 -22.90
N LYS A 11 5.63 -16.43 -21.75
CA LYS A 11 6.26 -16.71 -20.48
C LYS A 11 6.71 -18.18 -20.44
N PRO A 12 7.95 -18.46 -20.01
CA PRO A 12 8.47 -19.80 -19.69
C PRO A 12 7.78 -20.45 -18.48
N GLU A 13 6.45 -20.48 -18.43
CA GLU A 13 5.53 -20.66 -17.31
C GLU A 13 5.82 -19.76 -16.10
N ASP A 14 7.06 -19.68 -15.61
CA ASP A 14 7.59 -18.99 -14.41
C ASP A 14 8.79 -19.78 -13.86
N TRP A 15 9.74 -20.03 -14.75
CA TRP A 15 10.99 -20.75 -14.62
C TRP A 15 11.88 -20.28 -13.47
N ASP A 16 11.47 -20.54 -12.23
CA ASP A 16 12.09 -20.13 -10.97
C ASP A 16 12.16 -18.60 -10.78
N GLU A 17 11.46 -17.86 -11.65
CA GLU A 17 11.50 -16.41 -11.77
C GLU A 17 11.01 -15.71 -10.49
N ARG A 18 10.99 -14.38 -10.48
CA ARG A 18 10.63 -13.45 -9.39
C ARG A 18 11.87 -12.97 -8.66
N ALA A 19 12.98 -13.71 -8.73
CA ALA A 19 14.20 -13.58 -7.96
C ALA A 19 13.98 -13.84 -6.46
N LYS A 20 12.98 -13.21 -5.83
CA LYS A 20 12.94 -13.09 -4.39
C LYS A 20 11.51 -13.33 -3.90
N ILE A 21 11.19 -14.57 -3.56
CA ILE A 21 9.82 -15.01 -3.32
C ILE A 21 9.32 -14.60 -1.92
N ASP A 22 8.00 -14.70 -1.72
CA ASP A 22 7.32 -14.62 -0.44
C ASP A 22 7.01 -16.03 0.05
N ASP A 23 7.19 -16.22 1.37
CA ASP A 23 6.86 -17.35 2.24
C ASP A 23 6.52 -18.68 1.55
N PRO A 24 7.49 -19.62 1.42
CA PRO A 24 7.24 -20.91 0.82
C PRO A 24 6.61 -21.95 1.77
N THR A 25 6.78 -21.84 3.10
CA THR A 25 6.35 -22.91 4.01
C THR A 25 6.14 -22.43 5.46
N ASP A 26 6.38 -21.17 5.81
CA ASP A 26 6.36 -20.73 7.21
C ASP A 26 5.92 -19.28 7.26
N SER A 27 4.80 -18.98 7.90
CA SER A 27 4.22 -17.64 7.89
C SER A 27 5.12 -16.63 8.59
N LYS A 28 5.06 -15.39 8.11
CA LYS A 28 5.64 -14.22 8.77
C LYS A 28 4.52 -13.25 9.13
N PRO A 29 3.84 -13.42 10.29
CA PRO A 29 3.08 -12.36 10.92
C PRO A 29 4.05 -11.33 11.51
N GLU A 30 4.48 -11.51 12.77
CA GLU A 30 5.28 -10.57 13.59
C GLU A 30 4.62 -9.19 13.74
N ASP A 31 3.42 -9.01 13.20
CA ASP A 31 2.75 -7.73 12.98
C ASP A 31 3.51 -6.82 12.04
N TRP A 32 4.28 -7.43 11.15
CA TRP A 32 5.08 -6.73 10.15
C TRP A 32 4.24 -5.81 9.25
N ASP A 33 3.00 -6.22 9.03
CA ASP A 33 1.84 -5.50 8.46
C ASP A 33 1.57 -4.14 9.11
N LYS A 34 2.53 -3.21 9.04
CA LYS A 34 2.38 -1.85 9.52
C LYS A 34 1.61 -1.04 8.49
N PRO A 35 0.99 0.07 8.90
CA PRO A 35 0.35 0.98 8.00
C PRO A 35 1.43 1.81 7.29
N GLU A 36 1.10 2.33 6.12
CA GLU A 36 2.02 3.11 5.30
C GLU A 36 2.20 4.54 5.84
N HIS A 37 1.25 5.00 6.65
CA HIS A 37 1.25 6.29 7.29
C HIS A 37 0.54 6.15 8.64
N ILE A 38 1.02 6.87 9.65
CA ILE A 38 0.38 6.99 10.95
C ILE A 38 0.19 8.47 11.25
N PRO A 39 -0.93 8.89 11.86
CA PRO A 39 -1.11 10.28 12.22
C PRO A 39 -0.31 10.55 13.49
N ASP A 40 0.24 11.77 13.60
CA ASP A 40 1.18 12.14 14.66
C ASP A 40 0.40 12.27 15.98
N PRO A 41 0.90 11.71 17.10
CA PRO A 41 0.19 11.73 18.39
C PRO A 41 0.18 13.14 19.00
N ASP A 42 0.91 14.08 18.41
CA ASP A 42 1.25 15.37 18.97
C ASP A 42 0.89 16.49 17.98
N ALA A 43 0.16 16.14 16.93
CA ALA A 43 -0.42 17.06 15.95
C ALA A 43 -1.51 17.91 16.60
N LYS A 44 -1.14 19.01 17.27
CA LYS A 44 -2.10 19.98 17.79
C LYS A 44 -2.55 20.86 16.63
N LYS A 45 -3.83 20.82 16.27
CA LYS A 45 -4.35 21.69 15.21
C LYS A 45 -4.31 23.15 15.65
N PRO A 46 -4.37 24.12 14.72
CA PRO A 46 -4.48 25.50 15.10
C PRO A 46 -5.83 25.74 15.78
N GLU A 47 -5.80 26.59 16.79
CA GLU A 47 -6.97 27.21 17.42
C GLU A 47 -7.55 28.33 16.53
N ASP A 48 -6.81 28.72 15.48
CA ASP A 48 -7.16 29.76 14.51
C ASP A 48 -7.99 29.14 13.36
N TRP A 49 -8.27 27.84 13.46
CA TRP A 49 -8.99 27.07 12.44
C TRP A 49 -10.50 27.02 12.71
N ASP A 50 -11.35 27.10 11.67
CA ASP A 50 -12.80 26.95 11.77
C ASP A 50 -13.21 25.70 10.98
N GLU A 51 -13.33 24.55 11.66
CA GLU A 51 -13.78 23.32 11.00
C GLU A 51 -15.25 23.41 10.65
N GLU A 52 -15.98 24.37 11.21
CA GLU A 52 -17.36 24.56 10.77
C GLU A 52 -17.40 25.09 9.34
N MET A 53 -16.33 25.71 8.86
CA MET A 53 -16.27 26.26 7.52
C MET A 53 -15.39 25.40 6.62
N ASP A 54 -14.24 24.95 7.12
CA ASP A 54 -13.35 24.08 6.35
C ASP A 54 -13.96 22.68 6.23
N GLY A 55 -14.78 22.29 7.22
CA GLY A 55 -15.54 21.04 7.27
C GLY A 55 -14.93 20.02 8.23
N GLU A 56 -13.62 20.11 8.50
CA GLU A 56 -12.83 19.39 9.48
C GLU A 56 -11.44 20.01 9.35
N TRP A 57 -10.51 19.64 10.22
CA TRP A 57 -9.18 20.16 10.14
C TRP A 57 -8.40 19.44 9.02
N GLU A 58 -7.52 18.51 9.34
CA GLU A 58 -6.40 18.03 8.51
C GLU A 58 -5.26 17.52 9.39
N PRO A 59 -5.49 16.40 10.11
CA PRO A 59 -4.45 15.77 10.88
C PRO A 59 -3.43 15.21 9.88
N PRO A 60 -2.14 15.56 10.02
CA PRO A 60 -1.10 15.08 9.13
C PRO A 60 -0.85 13.59 9.40
N VAL A 61 0.02 13.02 8.59
CA VAL A 61 0.62 11.73 8.83
C VAL A 61 2.12 11.84 8.66
N ILE A 62 2.82 10.93 9.31
CA ILE A 62 4.23 10.70 9.14
C ILE A 62 4.41 9.22 8.80
N GLN A 63 5.46 8.89 8.06
CA GLN A 63 5.85 7.51 7.88
C GLN A 63 6.31 6.96 9.23
N ASN A 64 5.69 5.86 9.66
CA ASN A 64 5.98 5.21 10.93
C ASN A 64 7.40 4.62 10.89
N PRO A 65 8.03 4.41 12.05
CA PRO A 65 9.41 3.93 12.12
C PRO A 65 9.56 2.48 11.67
N GLU A 66 8.44 1.76 11.54
CA GLU A 66 8.40 0.33 11.30
C GLU A 66 7.72 0.06 9.96
N TYR A 67 7.76 1.04 9.05
CA TYR A 67 7.09 1.04 7.73
C TYR A 67 7.20 -0.32 7.03
N LYS A 68 8.42 -0.79 6.81
CA LYS A 68 8.76 -2.05 6.16
C LYS A 68 7.95 -2.26 4.88
N GLY A 69 8.46 -1.71 3.78
CA GLY A 69 7.86 -1.66 2.45
C GLY A 69 7.12 -2.93 2.09
N GLU A 70 5.79 -2.88 2.14
CA GLU A 70 4.78 -3.92 2.16
C GLU A 70 5.11 -5.08 3.10
N TRP A 71 4.06 -5.84 3.38
CA TRP A 71 4.10 -7.24 3.78
C TRP A 71 4.81 -8.13 2.76
N LYS A 72 6.10 -7.88 2.58
CA LYS A 72 7.01 -8.89 2.10
C LYS A 72 7.33 -9.77 3.28
N PRO A 73 6.67 -10.91 3.43
CA PRO A 73 7.10 -11.86 4.41
C PRO A 73 8.48 -12.37 3.98
N ARG A 74 9.40 -12.37 4.95
CA ARG A 74 10.82 -12.70 4.88
C ARG A 74 11.33 -12.88 3.45
N GLN A 75 11.54 -11.79 2.71
CA GLN A 75 11.85 -11.94 1.29
C GLN A 75 13.32 -12.34 1.17
N ILE A 76 13.53 -13.60 0.82
CA ILE A 76 14.82 -14.25 0.61
C ILE A 76 15.36 -13.87 -0.78
N ASP A 77 16.30 -14.62 -1.37
CA ASP A 77 16.88 -14.38 -2.70
C ASP A 77 17.25 -15.74 -3.30
N ASN A 78 16.60 -16.10 -4.41
CA ASN A 78 16.69 -17.44 -5.01
C ASN A 78 18.09 -17.77 -5.52
N PRO A 79 18.42 -19.06 -5.73
CA PRO A 79 19.73 -19.47 -6.22
C PRO A 79 19.84 -19.22 -7.73
N ASP A 80 19.08 -19.94 -8.55
CA ASP A 80 19.22 -19.98 -10.00
C ASP A 80 17.86 -19.55 -10.56
N TYR A 81 17.46 -18.30 -10.31
CA TYR A 81 16.08 -17.80 -10.55
C TYR A 81 15.75 -17.53 -12.01
N LYS A 82 16.78 -17.48 -12.86
CA LYS A 82 16.71 -17.39 -14.30
C LYS A 82 16.14 -16.02 -14.73
N GLY A 83 17.06 -15.05 -14.82
CA GLY A 83 16.81 -13.64 -15.02
C GLY A 83 15.72 -13.36 -16.06
N THR A 84 14.69 -12.62 -15.67
CA THR A 84 13.58 -12.23 -16.51
C THR A 84 14.15 -11.58 -17.78
N TRP A 85 13.95 -12.26 -18.92
CA TRP A 85 14.53 -11.93 -20.22
C TRP A 85 14.07 -10.56 -20.68
N ILE A 86 12.76 -10.38 -20.78
CA ILE A 86 11.96 -9.17 -20.91
C ILE A 86 10.64 -9.66 -21.48
N HIS A 87 9.75 -10.08 -20.59
CA HIS A 87 8.48 -10.57 -21.07
C HIS A 87 7.63 -9.38 -21.53
N PRO A 88 6.99 -9.45 -22.71
CA PRO A 88 6.13 -8.41 -23.23
C PRO A 88 4.77 -8.55 -22.56
N GLU A 89 4.67 -8.04 -21.33
CA GLU A 89 3.46 -7.96 -20.51
C GLU A 89 2.28 -7.50 -21.38
N ILE A 90 1.13 -8.14 -21.28
CA ILE A 90 0.03 -7.91 -22.21
C ILE A 90 -0.98 -7.00 -21.54
N ASP A 91 -1.62 -6.12 -22.31
CA ASP A 91 -2.65 -5.19 -21.88
C ASP A 91 -3.88 -5.99 -21.40
N ASN A 92 -3.92 -6.24 -20.09
CA ASN A 92 -4.79 -7.14 -19.34
C ASN A 92 -6.27 -7.07 -19.75
N PRO A 93 -6.86 -8.11 -20.36
CA PRO A 93 -8.27 -8.19 -20.71
C PRO A 93 -9.22 -8.28 -19.49
N GLU A 94 -8.72 -8.20 -18.25
CA GLU A 94 -9.51 -7.98 -17.06
C GLU A 94 -9.67 -6.48 -16.77
N TYR A 95 -8.68 -5.65 -17.12
CA TYR A 95 -8.50 -4.33 -16.55
C TYR A 95 -9.67 -3.38 -16.87
N SER A 96 -10.25 -3.52 -18.07
CA SER A 96 -11.43 -2.82 -18.56
C SER A 96 -11.38 -1.31 -18.29
N PRO A 97 -10.63 -0.51 -19.07
CA PRO A 97 -10.44 0.90 -18.77
C PRO A 97 -11.78 1.66 -18.71
N ASP A 98 -12.72 1.35 -19.60
CA ASP A 98 -14.13 1.75 -19.48
C ASP A 98 -15.07 0.72 -20.11
N ALA A 99 -14.61 -0.07 -21.08
CA ALA A 99 -15.41 -1.04 -21.79
C ALA A 99 -14.71 -2.40 -21.82
N ASN A 100 -13.67 -2.56 -22.64
CA ASN A 100 -12.88 -3.78 -22.78
C ASN A 100 -11.62 -3.57 -23.64
N ILE A 101 -10.75 -2.62 -23.25
CA ILE A 101 -9.46 -2.27 -23.87
C ILE A 101 -9.69 -2.02 -25.36
N SER A 1 -10.56 -3.40 0.42
CA SER A 1 -10.63 -2.13 -0.32
C SER A 1 -11.51 -2.25 -1.53
N LYS A 2 -12.13 -1.13 -1.89
CA LYS A 2 -13.06 -1.05 -2.98
C LYS A 2 -12.30 -1.17 -4.30
N LYS A 3 -12.91 -1.93 -5.22
CA LYS A 3 -12.36 -2.50 -6.45
C LYS A 3 -11.17 -3.42 -6.17
N ILE A 4 -11.22 -4.64 -6.71
CA ILE A 4 -10.20 -5.66 -6.49
C ILE A 4 -10.14 -6.56 -7.74
N LYS A 5 -9.02 -7.28 -7.91
CA LYS A 5 -8.85 -8.29 -8.96
C LYS A 5 -9.68 -9.50 -8.56
N ASP A 6 -10.51 -10.00 -9.47
CA ASP A 6 -11.47 -11.07 -9.19
C ASP A 6 -11.68 -11.91 -10.46
N PRO A 7 -12.35 -13.07 -10.42
CA PRO A 7 -12.53 -13.93 -11.60
C PRO A 7 -13.50 -13.30 -12.59
N ASP A 8 -14.53 -12.61 -12.08
CA ASP A 8 -15.52 -11.90 -12.89
C ASP A 8 -14.85 -10.97 -13.88
N ALA A 9 -13.68 -10.44 -13.52
CA ALA A 9 -12.89 -9.53 -14.34
C ALA A 9 -12.20 -10.23 -15.50
N ALA A 10 -12.75 -11.35 -15.98
CA ALA A 10 -12.21 -12.19 -17.03
C ALA A 10 -10.75 -12.57 -16.78
N LYS A 11 -10.31 -12.66 -15.52
CA LYS A 11 -8.92 -12.94 -15.17
C LYS A 11 -8.56 -14.30 -15.79
N PRO A 12 -7.58 -14.38 -16.69
CA PRO A 12 -7.16 -15.63 -17.34
C PRO A 12 -6.44 -16.58 -16.36
N GLU A 13 -7.09 -16.95 -15.25
CA GLU A 13 -6.61 -17.75 -14.14
C GLU A 13 -5.54 -17.04 -13.30
N ASP A 14 -4.51 -16.51 -13.95
CA ASP A 14 -3.32 -15.87 -13.41
C ASP A 14 -2.37 -15.58 -14.57
N TRP A 15 -2.39 -16.29 -15.71
CA TRP A 15 -1.60 -16.15 -16.95
C TRP A 15 -0.29 -15.34 -16.85
N ASP A 16 0.51 -15.62 -15.82
CA ASP A 16 1.74 -14.96 -15.41
C ASP A 16 1.56 -13.49 -14.98
N GLU A 17 0.35 -12.92 -15.05
CA GLU A 17 -0.17 -11.63 -14.57
C GLU A 17 0.15 -11.42 -13.08
N ARG A 18 1.41 -11.10 -12.82
CA ARG A 18 1.91 -10.84 -11.49
C ARG A 18 3.11 -9.93 -11.49
N ALA A 19 3.98 -10.05 -12.50
CA ALA A 19 5.33 -9.53 -12.60
C ALA A 19 6.23 -10.23 -11.57
N LYS A 20 5.88 -10.14 -10.30
CA LYS A 20 6.71 -10.55 -9.18
C LYS A 20 5.80 -11.22 -8.18
N ILE A 21 6.04 -12.50 -7.88
CA ILE A 21 5.09 -13.29 -7.09
C ILE A 21 5.43 -13.10 -5.62
N ASP A 22 4.46 -12.70 -4.80
CA ASP A 22 4.54 -12.69 -3.35
C ASP A 22 4.41 -14.12 -2.85
N ASP A 23 5.58 -14.73 -2.60
CA ASP A 23 5.86 -16.08 -2.12
C ASP A 23 5.20 -17.22 -2.94
N PRO A 24 5.88 -18.38 -3.06
CA PRO A 24 5.41 -19.44 -3.92
C PRO A 24 4.41 -20.40 -3.24
N THR A 25 4.27 -20.34 -1.91
CA THR A 25 3.53 -21.26 -1.03
C THR A 25 3.96 -21.08 0.45
N ASP A 26 4.52 -19.93 0.87
CA ASP A 26 5.34 -19.82 2.07
C ASP A 26 5.00 -18.59 2.90
N SER A 27 4.05 -18.73 3.83
CA SER A 27 3.51 -17.68 4.70
C SER A 27 4.60 -16.94 5.48
N LYS A 28 4.42 -15.63 5.69
CA LYS A 28 5.34 -14.79 6.44
C LYS A 28 4.52 -13.89 7.37
N PRO A 29 4.24 -14.31 8.60
CA PRO A 29 3.66 -13.44 9.61
C PRO A 29 4.71 -12.43 10.07
N GLU A 30 5.61 -12.82 10.98
CA GLU A 30 6.49 -11.98 11.80
C GLU A 30 5.73 -11.01 12.73
N ASP A 31 4.45 -10.78 12.43
CA ASP A 31 3.44 -9.89 13.00
C ASP A 31 3.35 -8.55 12.25
N TRP A 32 4.05 -8.47 11.11
CA TRP A 32 4.36 -7.30 10.30
C TRP A 32 3.14 -6.42 9.94
N ASP A 33 2.62 -6.55 8.71
CA ASP A 33 1.56 -5.78 8.04
C ASP A 33 1.24 -4.37 8.61
N LYS A 34 2.24 -3.52 8.84
CA LYS A 34 2.04 -2.23 9.52
C LYS A 34 1.46 -1.18 8.53
N PRO A 35 0.92 -0.04 9.00
CA PRO A 35 0.53 1.07 8.13
C PRO A 35 1.80 1.78 7.65
N GLU A 36 1.75 2.54 6.56
CA GLU A 36 2.82 3.45 6.15
C GLU A 36 2.73 4.75 6.97
N HIS A 37 1.51 5.18 7.31
CA HIS A 37 1.19 6.53 7.73
C HIS A 37 0.53 6.45 9.09
N ILE A 38 1.22 6.92 10.13
CA ILE A 38 0.73 6.92 11.51
C ILE A 38 0.47 8.38 11.91
N PRO A 39 -0.63 8.70 12.60
CA PRO A 39 -0.90 10.07 12.98
C PRO A 39 0.07 10.49 14.09
N ASP A 40 0.42 11.78 14.18
CA ASP A 40 1.36 12.21 15.21
C ASP A 40 0.64 12.26 16.56
N PRO A 41 1.19 11.65 17.63
CA PRO A 41 0.56 11.59 18.95
C PRO A 41 0.47 12.97 19.64
N ASP A 42 1.21 13.95 19.14
CA ASP A 42 1.34 15.31 19.67
C ASP A 42 0.88 16.31 18.60
N ALA A 43 0.11 15.81 17.61
CA ALA A 43 -0.55 16.63 16.64
C ALA A 43 -1.55 17.49 17.39
N LYS A 44 -1.55 18.77 17.09
CA LYS A 44 -2.52 19.75 17.53
C LYS A 44 -2.92 20.60 16.34
N LYS A 45 -4.13 21.13 16.37
CA LYS A 45 -4.61 21.97 15.29
C LYS A 45 -4.42 23.44 15.61
N PRO A 46 -4.43 24.33 14.61
CA PRO A 46 -4.48 25.76 14.87
C PRO A 46 -5.87 26.14 15.40
N GLU A 47 -5.86 27.07 16.34
CA GLU A 47 -6.99 27.88 16.76
C GLU A 47 -7.38 28.91 15.68
N ASP A 48 -6.58 29.01 14.63
CA ASP A 48 -6.75 29.87 13.44
C ASP A 48 -7.48 29.08 12.34
N TRP A 49 -8.03 27.91 12.70
CA TRP A 49 -8.77 27.02 11.82
C TRP A 49 -10.28 27.03 12.14
N ASP A 50 -11.13 26.82 11.13
CA ASP A 50 -12.59 26.81 11.28
C ASP A 50 -13.09 25.53 10.61
N GLU A 51 -13.14 24.41 11.32
CA GLU A 51 -13.61 23.12 10.78
C GLU A 51 -15.09 23.16 10.39
N GLU A 52 -15.82 24.17 10.83
CA GLU A 52 -17.19 24.38 10.42
C GLU A 52 -17.28 24.86 8.97
N MET A 53 -16.17 25.40 8.42
CA MET A 53 -16.07 25.90 7.06
C MET A 53 -15.11 25.04 6.25
N ASP A 54 -14.02 24.58 6.84
CA ASP A 54 -13.08 23.65 6.23
C ASP A 54 -13.63 22.23 6.18
N GLY A 55 -14.62 21.96 7.02
CA GLY A 55 -15.35 20.71 7.07
C GLY A 55 -14.85 19.79 8.17
N GLU A 56 -13.55 19.81 8.45
CA GLU A 56 -12.84 19.14 9.52
C GLU A 56 -11.50 19.88 9.58
N TRP A 57 -10.58 19.50 10.47
CA TRP A 57 -9.22 19.99 10.39
C TRP A 57 -8.45 19.16 9.37
N GLU A 58 -7.62 18.23 9.84
CA GLU A 58 -6.53 17.55 9.12
C GLU A 58 -5.46 17.09 10.10
N PRO A 59 -5.72 16.02 10.88
CA PRO A 59 -4.70 15.43 11.73
C PRO A 59 -3.66 14.81 10.81
N PRO A 60 -2.40 15.27 10.88
CA PRO A 60 -1.35 14.83 9.98
C PRO A 60 -0.94 13.40 10.29
N VAL A 61 -0.24 12.80 9.31
CA VAL A 61 0.36 11.49 9.42
C VAL A 61 1.82 11.61 9.01
N ILE A 62 2.71 11.29 9.93
CA ILE A 62 4.11 11.06 9.63
C ILE A 62 4.21 9.65 9.05
N GLN A 63 5.28 9.40 8.31
CA GLN A 63 5.60 8.05 7.87
C GLN A 63 6.16 7.31 9.08
N ASN A 64 5.66 6.11 9.38
CA ASN A 64 6.19 5.38 10.52
C ASN A 64 7.60 4.88 10.19
N PRO A 65 8.46 4.72 11.20
CA PRO A 65 9.76 4.08 11.01
C PRO A 65 9.56 2.61 10.61
N GLU A 66 8.44 2.01 10.99
CA GLU A 66 8.05 0.66 10.62
C GLU A 66 7.34 0.66 9.26
N TYR A 67 7.84 1.40 8.24
CA TYR A 67 7.19 1.35 6.94
C TYR A 67 7.66 0.10 6.17
N LYS A 68 8.96 -0.20 6.09
CA LYS A 68 9.57 -1.26 5.28
C LYS A 68 9.27 -1.17 3.78
N GLY A 69 8.01 -1.33 3.40
CA GLY A 69 7.43 -1.40 2.08
C GLY A 69 6.55 -2.63 2.09
N GLU A 70 5.30 -2.48 2.55
CA GLU A 70 4.18 -3.42 2.44
C GLU A 70 4.41 -4.80 3.04
N TRP A 71 3.33 -5.57 3.18
CA TRP A 71 3.36 -7.01 3.39
C TRP A 71 3.91 -7.69 2.14
N LYS A 72 5.16 -7.43 1.77
CA LYS A 72 5.87 -8.36 0.92
C LYS A 72 6.34 -9.48 1.86
N PRO A 73 5.98 -10.75 1.61
CA PRO A 73 6.79 -11.85 2.07
C PRO A 73 8.11 -11.75 1.31
N ARG A 74 8.13 -12.26 0.08
CA ARG A 74 9.26 -12.24 -0.83
C ARG A 74 8.73 -12.01 -2.24
N GLN A 75 8.81 -10.79 -2.78
CA GLN A 75 8.57 -10.54 -4.20
C GLN A 75 9.85 -10.96 -4.93
N ILE A 76 9.78 -12.06 -5.65
CA ILE A 76 10.86 -12.46 -6.54
C ILE A 76 10.44 -12.04 -7.95
N ASP A 77 11.40 -11.61 -8.75
CA ASP A 77 11.18 -11.24 -10.15
C ASP A 77 11.06 -12.54 -10.93
N ASN A 78 9.98 -12.70 -11.71
CA ASN A 78 9.69 -13.91 -12.48
C ASN A 78 10.79 -14.25 -13.48
N PRO A 79 10.79 -15.48 -14.06
CA PRO A 79 11.76 -15.86 -15.08
C PRO A 79 11.65 -14.94 -16.29
N ASP A 80 10.42 -14.76 -16.78
CA ASP A 80 9.89 -13.63 -17.55
C ASP A 80 8.36 -13.77 -17.38
N TYR A 81 7.55 -12.73 -17.55
CA TYR A 81 6.10 -12.76 -17.33
C TYR A 81 5.34 -12.16 -18.52
N LYS A 82 4.01 -12.04 -18.43
CA LYS A 82 3.17 -11.51 -19.50
C LYS A 82 2.55 -10.21 -18.99
N GLY A 83 2.98 -9.08 -19.58
CA GLY A 83 2.44 -7.76 -19.25
C GLY A 83 0.92 -7.77 -19.40
N THR A 84 0.22 -7.26 -18.39
CA THR A 84 -1.23 -7.35 -18.23
C THR A 84 -1.96 -6.59 -19.35
N TRP A 85 -3.22 -6.99 -19.63
CA TRP A 85 -4.09 -6.39 -20.62
C TRP A 85 -4.80 -5.17 -20.04
N ILE A 86 -5.97 -5.33 -19.42
CA ILE A 86 -6.61 -4.40 -18.50
C ILE A 86 -7.84 -5.14 -17.95
N HIS A 87 -7.66 -5.84 -16.83
CA HIS A 87 -8.79 -6.53 -16.23
C HIS A 87 -9.68 -5.47 -15.52
N PRO A 88 -11.01 -5.55 -15.66
CA PRO A 88 -11.93 -4.66 -14.97
C PRO A 88 -12.10 -5.08 -13.51
N GLU A 89 -11.27 -4.52 -12.61
CA GLU A 89 -11.35 -4.74 -11.17
C GLU A 89 -12.80 -4.58 -10.72
N ILE A 90 -13.33 -5.56 -10.00
CA ILE A 90 -14.74 -5.63 -9.64
C ILE A 90 -14.88 -4.99 -8.27
N ASP A 91 -15.97 -4.26 -8.04
CA ASP A 91 -16.28 -3.54 -6.82
C ASP A 91 -16.38 -4.52 -5.64
N ASN A 92 -15.23 -4.69 -4.98
CA ASN A 92 -14.97 -5.68 -3.94
C ASN A 92 -16.15 -5.82 -3.00
N PRO A 93 -16.91 -6.92 -3.00
CA PRO A 93 -18.08 -7.07 -2.16
C PRO A 93 -17.71 -7.30 -0.67
N GLU A 94 -16.43 -7.50 -0.36
CA GLU A 94 -15.85 -7.48 0.98
C GLU A 94 -15.29 -6.09 1.34
N TYR A 95 -15.51 -5.04 0.51
CA TYR A 95 -15.14 -3.68 0.82
C TYR A 95 -15.91 -3.19 2.05
N SER A 96 -17.24 -3.27 1.97
CA SER A 96 -18.20 -2.74 2.92
C SER A 96 -17.99 -1.25 3.24
N PRO A 97 -18.77 -0.32 2.64
CA PRO A 97 -18.57 1.11 2.84
C PRO A 97 -18.72 1.55 4.30
N ASP A 98 -19.47 0.81 5.12
CA ASP A 98 -19.39 0.94 6.56
C ASP A 98 -19.78 -0.39 7.18
N ALA A 99 -21.04 -0.81 7.04
CA ALA A 99 -21.61 -1.99 7.69
C ALA A 99 -22.44 -2.75 6.67
N ASN A 100 -21.95 -3.91 6.21
CA ASN A 100 -22.32 -4.51 4.93
C ASN A 100 -22.30 -3.42 3.87
N ILE A 101 -23.37 -3.25 3.09
CA ILE A 101 -23.41 -2.41 1.90
C ILE A 101 -24.81 -1.83 1.76
#